data_198D
# 
_entry.id   198D 
# 
_audit_conform.dict_name       mmcif_pdbx.dic 
_audit_conform.dict_version    5.385 
_audit_conform.dict_location   http://mmcif.pdb.org/dictionaries/ascii/mmcif_pdbx.dic 
# 
loop_
_database_2.database_id 
_database_2.database_code 
_database_2.pdbx_database_accession 
_database_2.pdbx_DOI 
PDB   198D         pdb_0000198d 10.2210/pdb198d/pdb 
RCSB  DDF050       ?            ?                   
WWPDB D_1000170217 ?            ?                   
# 
loop_
_pdbx_audit_revision_history.ordinal 
_pdbx_audit_revision_history.data_content_type 
_pdbx_audit_revision_history.major_revision 
_pdbx_audit_revision_history.minor_revision 
_pdbx_audit_revision_history.revision_date 
1 'Structure model' 1 0 1995-03-15 
2 'Structure model' 1 1 2008-05-22 
3 'Structure model' 1 2 2011-07-13 
4 'Structure model' 1 3 2024-02-07 
# 
_pdbx_audit_revision_details.ordinal             1 
_pdbx_audit_revision_details.revision_ordinal    1 
_pdbx_audit_revision_details.data_content_type   'Structure model' 
_pdbx_audit_revision_details.provider            repository 
_pdbx_audit_revision_details.type                'Initial release' 
_pdbx_audit_revision_details.description         ? 
_pdbx_audit_revision_details.details             ? 
# 
loop_
_pdbx_audit_revision_group.ordinal 
_pdbx_audit_revision_group.revision_ordinal 
_pdbx_audit_revision_group.data_content_type 
_pdbx_audit_revision_group.group 
1 2 'Structure model' 'Version format compliance' 
2 3 'Structure model' 'Version format compliance' 
3 4 'Structure model' 'Data collection'           
4 4 'Structure model' 'Database references'       
5 4 'Structure model' 'Derived calculations'      
# 
loop_
_pdbx_audit_revision_category.ordinal 
_pdbx_audit_revision_category.revision_ordinal 
_pdbx_audit_revision_category.data_content_type 
_pdbx_audit_revision_category.category 
1 4 'Structure model' chem_comp_atom 
2 4 'Structure model' chem_comp_bond 
3 4 'Structure model' database_2     
4 4 'Structure model' struct_site    
# 
loop_
_pdbx_audit_revision_item.ordinal 
_pdbx_audit_revision_item.revision_ordinal 
_pdbx_audit_revision_item.data_content_type 
_pdbx_audit_revision_item.item 
1 4 'Structure model' '_database_2.pdbx_DOI'                
2 4 'Structure model' '_database_2.pdbx_database_accession' 
3 4 'Structure model' '_struct_site.pdbx_auth_asym_id'      
4 4 'Structure model' '_struct_site.pdbx_auth_comp_id'      
5 4 'Structure model' '_struct_site.pdbx_auth_seq_id'       
# 
_pdbx_database_status.status_code                     REL 
_pdbx_database_status.entry_id                        198D 
_pdbx_database_status.recvd_initial_deposition_date   1994-11-28 
_pdbx_database_status.deposit_site                    BNL 
_pdbx_database_status.process_site                    NDB 
_pdbx_database_status.SG_entry                        . 
_pdbx_database_status.pdb_format_compatible           Y 
_pdbx_database_status.status_code_mr                  ? 
_pdbx_database_status.status_code_sf                  ? 
_pdbx_database_status.status_code_cs                  ? 
_pdbx_database_status.status_code_nmr_data            ? 
_pdbx_database_status.methods_development_category    ? 
# 
loop_
_audit_author.name 
_audit_author.pdbx_ordinal 
'Dautant, A.'              1 
;Langlois D'Estaintot, B.
;
2 
'Gallois, B.'              3 
'Brown, T.'                4 
'Hunter, W.N.'             5 
# 
loop_
_citation.id 
_citation.title 
_citation.journal_abbrev 
_citation.journal_volume 
_citation.page_first 
_citation.page_last 
_citation.year 
_citation.journal_id_ASTM 
_citation.country 
_citation.journal_id_ISSN 
_citation.journal_id_CSD 
_citation.book_publisher 
_citation.pdbx_database_id_PubMed 
_citation.pdbx_database_id_DOI 
primary 'A trigonal form of the idarubicin:d(CGATCG) complex; crystal and molecular structure at 2.0 A resolution.' 
'Nucleic Acids Res.'    23 1710 1716 1995 NARHAD UK 0305-1048 0389 ? 7784175 10.1093/nar/23.10.1710 
1       
;Influence of Aglycone Modifications on the Binding of Anthracycline Drugs to DNA: The Molecular Structure of Idarubicin and 4-O-Demethyl-11-Deoxydoxorubicin Complexed to d(CGATCG)
;
'Anti-Cancer Drug Des.' 6  137  149  1991 ACDDEA UK 0266-9536 0807 ? ?       ?                      
# 
loop_
_citation_author.citation_id 
_citation_author.name 
_citation_author.ordinal 
_citation_author.identifier_ORCID 
primary 'Dautant, A.'              1 ? 
primary 
;Langlois d'Estaintot, B.
;
2 ? 
primary 'Gallois, B.'              3 ? 
primary 'Brown, T.'                4 ? 
primary 'Hunter, W.N.'             5 ? 
1       'Gao, Y.-G.'               6 ? 
1       'Wang, A.H.-J.'            7 ? 
# 
loop_
_entity.id 
_entity.type 
_entity.src_method 
_entity.pdbx_description 
_entity.formula_weight 
_entity.pdbx_number_of_molecules 
_entity.pdbx_ec 
_entity.pdbx_mutation 
_entity.pdbx_fragment 
_entity.details 
1 polymer     syn 
;DNA (5'-D(*CP*GP*AP*TP*CP*G)-3')
;
1809.217 4   ? ? ? ? 
2 non-polymer syn IDARUBICIN                         497.494  4   ? ? ? ? 
3 non-polymer syn SPERMINE                           202.340  1   ? ? ? ? 
4 water       nat water                              18.015   160 ? ? ? ? 
# 
_entity_poly.entity_id                      1 
_entity_poly.type                           polydeoxyribonucleotide 
_entity_poly.nstd_linkage                   no 
_entity_poly.nstd_monomer                   no 
_entity_poly.pdbx_seq_one_letter_code       '(DC)(DG)(DA)(DT)(DC)(DG)' 
_entity_poly.pdbx_seq_one_letter_code_can   CGATCG 
_entity_poly.pdbx_strand_id                 A,B,C,D 
_entity_poly.pdbx_target_identifier         ? 
# 
loop_
_pdbx_entity_nonpoly.entity_id 
_pdbx_entity_nonpoly.name 
_pdbx_entity_nonpoly.comp_id 
2 IDARUBICIN DM5 
3 SPERMINE   SPM 
4 water      HOH 
# 
loop_
_entity_poly_seq.entity_id 
_entity_poly_seq.num 
_entity_poly_seq.mon_id 
_entity_poly_seq.hetero 
1 1 DC n 
1 2 DG n 
1 3 DA n 
1 4 DT n 
1 5 DC n 
1 6 DG n 
# 
loop_
_chem_comp.id 
_chem_comp.type 
_chem_comp.mon_nstd_flag 
_chem_comp.name 
_chem_comp.pdbx_synonyms 
_chem_comp.formula 
_chem_comp.formula_weight 
DA  'DNA linking' y "2'-DEOXYADENOSINE-5'-MONOPHOSPHATE" ?                        'C10 H14 N5 O6 P' 331.222 
DC  'DNA linking' y "2'-DEOXYCYTIDINE-5'-MONOPHOSPHATE"  ?                        'C9 H14 N3 O7 P'  307.197 
DG  'DNA linking' y "2'-DEOXYGUANOSINE-5'-MONOPHOSPHATE" ?                        'C10 H14 N5 O7 P' 347.221 
DM5 non-polymer   . IDARUBICIN                           4-DEMETHOXY-DAUNORUBICIN 'C26 H27 N O9'    497.494 
DT  'DNA linking' y "THYMIDINE-5'-MONOPHOSPHATE"         ?                        'C10 H15 N2 O8 P' 322.208 
HOH non-polymer   . WATER                                ?                        'H2 O'            18.015  
SPM non-polymer   . SPERMINE                             ?                        'C10 H26 N4'      202.340 
# 
loop_
_pdbx_poly_seq_scheme.asym_id 
_pdbx_poly_seq_scheme.entity_id 
_pdbx_poly_seq_scheme.seq_id 
_pdbx_poly_seq_scheme.mon_id 
_pdbx_poly_seq_scheme.ndb_seq_num 
_pdbx_poly_seq_scheme.pdb_seq_num 
_pdbx_poly_seq_scheme.auth_seq_num 
_pdbx_poly_seq_scheme.pdb_mon_id 
_pdbx_poly_seq_scheme.auth_mon_id 
_pdbx_poly_seq_scheme.pdb_strand_id 
_pdbx_poly_seq_scheme.pdb_ins_code 
_pdbx_poly_seq_scheme.hetero 
A 1 1 DC 1 1  1  DC C A . n 
A 1 2 DG 2 2  2  DG G A . n 
A 1 3 DA 3 3  3  DA A A . n 
A 1 4 DT 4 4  4  DT T A . n 
A 1 5 DC 5 5  5  DC C A . n 
A 1 6 DG 6 6  6  DG G A . n 
B 1 1 DC 1 7  7  DC C B . n 
B 1 2 DG 2 8  8  DG G B . n 
B 1 3 DA 3 9  9  DA A B . n 
B 1 4 DT 4 10 10 DT T B . n 
B 1 5 DC 5 11 11 DC C B . n 
B 1 6 DG 6 12 12 DG G B . n 
C 1 1 DC 1 13 13 DC C C . n 
C 1 2 DG 2 14 14 DG G C . n 
C 1 3 DA 3 15 15 DA A C . n 
C 1 4 DT 4 16 16 DT T C . n 
C 1 5 DC 5 17 17 DC C C . n 
C 1 6 DG 6 18 18 DG G C . n 
D 1 1 DC 1 19 19 DC C D . n 
D 1 2 DG 2 20 20 DG G D . n 
D 1 3 DA 3 21 21 DA A D . n 
D 1 4 DT 4 22 22 DT T D . n 
D 1 5 DC 5 23 23 DC C D . n 
D 1 6 DG 6 24 24 DG G D . n 
# 
loop_
_pdbx_nonpoly_scheme.asym_id 
_pdbx_nonpoly_scheme.entity_id 
_pdbx_nonpoly_scheme.mon_id 
_pdbx_nonpoly_scheme.ndb_seq_num 
_pdbx_nonpoly_scheme.pdb_seq_num 
_pdbx_nonpoly_scheme.auth_seq_num 
_pdbx_nonpoly_scheme.pdb_mon_id 
_pdbx_nonpoly_scheme.auth_mon_id 
_pdbx_nonpoly_scheme.pdb_strand_id 
_pdbx_nonpoly_scheme.pdb_ins_code 
E 2 DM5 1  25  25  DM5 DM5 A . 
F 3 SPM 1  29  29  SPM SPM A . 
G 2 DM5 1  26  26  DM5 DM5 B . 
H 2 DM5 1  27  27  DM5 DM5 D . 
I 2 DM5 1  28  28  DM5 DM5 D . 
J 4 HOH 1  34  34  HOH HOH A . 
J 4 HOH 2  38  38  HOH HOH A . 
J 4 HOH 3  40  40  HOH HOH A . 
J 4 HOH 4  44  44  HOH HOH A . 
J 4 HOH 5  46  46  HOH HOH A . 
J 4 HOH 6  55  55  HOH HOH A . 
J 4 HOH 7  58  58  HOH HOH A . 
J 4 HOH 8  74  74  HOH HOH A . 
J 4 HOH 9  75  75  HOH HOH A . 
J 4 HOH 10 77  77  HOH HOH A . 
J 4 HOH 11 78  78  HOH HOH A . 
J 4 HOH 12 79  79  HOH HOH A . 
J 4 HOH 13 80  80  HOH HOH A . 
J 4 HOH 14 92  92  HOH HOH A . 
J 4 HOH 15 95  95  HOH HOH A . 
J 4 HOH 16 96  96  HOH HOH A . 
J 4 HOH 17 97  97  HOH HOH A . 
J 4 HOH 18 99  99  HOH HOH A . 
J 4 HOH 19 100 100 HOH HOH A . 
J 4 HOH 20 101 101 HOH HOH A . 
J 4 HOH 21 103 103 HOH HOH A . 
J 4 HOH 22 104 104 HOH HOH A . 
J 4 HOH 23 106 106 HOH HOH A . 
J 4 HOH 24 109 109 HOH HOH A . 
J 4 HOH 25 114 114 HOH HOH A . 
J 4 HOH 26 115 115 HOH HOH A . 
J 4 HOH 27 119 119 HOH HOH A . 
J 4 HOH 28 121 121 HOH HOH A . 
J 4 HOH 29 122 122 HOH HOH A . 
J 4 HOH 30 125 125 HOH HOH A . 
J 4 HOH 31 126 126 HOH HOH A . 
J 4 HOH 32 127 127 HOH HOH A . 
J 4 HOH 33 138 138 HOH HOH A . 
J 4 HOH 34 141 141 HOH HOH A . 
J 4 HOH 35 143 143 HOH HOH A . 
J 4 HOH 36 146 146 HOH HOH A . 
J 4 HOH 37 147 147 HOH HOH A . 
J 4 HOH 38 148 148 HOH HOH A . 
J 4 HOH 39 159 159 HOH HOH A . 
J 4 HOH 40 160 160 HOH HOH A . 
J 4 HOH 41 164 164 HOH HOH A . 
J 4 HOH 42 165 165 HOH HOH A . 
J 4 HOH 43 172 172 HOH HOH A . 
J 4 HOH 44 175 175 HOH HOH A . 
J 4 HOH 45 177 177 HOH HOH A . 
J 4 HOH 46 180 180 HOH HOH A . 
J 4 HOH 47 187 187 HOH HOH A . 
K 4 HOH 1  41  41  HOH HOH B . 
K 4 HOH 2  42  42  HOH HOH B . 
K 4 HOH 3  43  43  HOH HOH B . 
K 4 HOH 4  56  56  HOH HOH B . 
K 4 HOH 5  57  57  HOH HOH B . 
K 4 HOH 6  60  60  HOH HOH B . 
K 4 HOH 7  61  61  HOH HOH B . 
K 4 HOH 8  76  76  HOH HOH B . 
K 4 HOH 9  82  82  HOH HOH B . 
K 4 HOH 10 83  83  HOH HOH B . 
K 4 HOH 11 84  84  HOH HOH B . 
K 4 HOH 12 88  88  HOH HOH B . 
K 4 HOH 13 89  89  HOH HOH B . 
K 4 HOH 14 90  90  HOH HOH B . 
K 4 HOH 15 91  91  HOH HOH B . 
K 4 HOH 16 94  94  HOH HOH B . 
K 4 HOH 17 98  98  HOH HOH B . 
K 4 HOH 18 102 102 HOH HOH B . 
K 4 HOH 19 107 107 HOH HOH B . 
K 4 HOH 20 108 108 HOH HOH B . 
K 4 HOH 21 116 116 HOH HOH B . 
K 4 HOH 22 120 120 HOH HOH B . 
K 4 HOH 23 123 123 HOH HOH B . 
K 4 HOH 24 124 124 HOH HOH B . 
K 4 HOH 25 128 128 HOH HOH B . 
K 4 HOH 26 136 136 HOH HOH B . 
K 4 HOH 27 139 139 HOH HOH B . 
K 4 HOH 28 140 140 HOH HOH B . 
K 4 HOH 29 142 142 HOH HOH B . 
K 4 HOH 30 152 152 HOH HOH B . 
K 4 HOH 31 161 161 HOH HOH B . 
K 4 HOH 32 163 163 HOH HOH B . 
K 4 HOH 33 167 167 HOH HOH B . 
K 4 HOH 34 170 170 HOH HOH B . 
K 4 HOH 35 178 178 HOH HOH B . 
K 4 HOH 36 184 184 HOH HOH B . 
K 4 HOH 37 185 185 HOH HOH B . 
K 4 HOH 38 186 186 HOH HOH B . 
L 4 HOH 1  30  30  HOH HOH C . 
L 4 HOH 2  37  37  HOH HOH C . 
L 4 HOH 3  39  39  HOH HOH C . 
L 4 HOH 4  47  47  HOH HOH C . 
L 4 HOH 5  48  48  HOH HOH C . 
L 4 HOH 6  49  49  HOH HOH C . 
L 4 HOH 7  50  50  HOH HOH C . 
L 4 HOH 8  54  54  HOH HOH C . 
L 4 HOH 9  64  64  HOH HOH C . 
L 4 HOH 10 65  65  HOH HOH C . 
L 4 HOH 11 66  66  HOH HOH C . 
L 4 HOH 12 67  67  HOH HOH C . 
L 4 HOH 13 68  68  HOH HOH C . 
L 4 HOH 14 110 110 HOH HOH C . 
L 4 HOH 15 112 112 HOH HOH C . 
L 4 HOH 16 117 117 HOH HOH C . 
L 4 HOH 17 118 118 HOH HOH C . 
L 4 HOH 18 130 130 HOH HOH C . 
L 4 HOH 19 131 131 HOH HOH C . 
L 4 HOH 20 132 132 HOH HOH C . 
L 4 HOH 21 133 133 HOH HOH C . 
L 4 HOH 22 135 135 HOH HOH C . 
L 4 HOH 23 145 145 HOH HOH C . 
L 4 HOH 24 154 154 HOH HOH C . 
L 4 HOH 25 155 155 HOH HOH C . 
L 4 HOH 26 156 156 HOH HOH C . 
L 4 HOH 27 157 157 HOH HOH C . 
L 4 HOH 28 166 166 HOH HOH C . 
L 4 HOH 29 168 168 HOH HOH C . 
L 4 HOH 30 169 169 HOH HOH C . 
L 4 HOH 31 171 171 HOH HOH C . 
L 4 HOH 32 174 174 HOH HOH C . 
L 4 HOH 33 181 181 HOH HOH C . 
L 4 HOH 34 182 182 HOH HOH C . 
L 4 HOH 35 183 183 HOH HOH C . 
L 4 HOH 36 188 188 HOH HOH C . 
L 4 HOH 37 189 189 HOH HOH C . 
M 4 HOH 1  31  31  HOH HOH D . 
M 4 HOH 2  32  32  HOH HOH D . 
M 4 HOH 3  33  33  HOH HOH D . 
M 4 HOH 4  35  35  HOH HOH D . 
M 4 HOH 5  36  36  HOH HOH D . 
M 4 HOH 6  45  45  HOH HOH D . 
M 4 HOH 7  51  51  HOH HOH D . 
M 4 HOH 8  52  52  HOH HOH D . 
M 4 HOH 9  53  53  HOH HOH D . 
M 4 HOH 10 59  59  HOH HOH D . 
M 4 HOH 11 62  62  HOH HOH D . 
M 4 HOH 12 63  63  HOH HOH D . 
M 4 HOH 13 69  69  HOH HOH D . 
M 4 HOH 14 70  70  HOH HOH D . 
M 4 HOH 15 71  71  HOH HOH D . 
M 4 HOH 16 72  72  HOH HOH D . 
M 4 HOH 17 73  73  HOH HOH D . 
M 4 HOH 18 81  81  HOH HOH D . 
M 4 HOH 19 85  85  HOH HOH D . 
M 4 HOH 20 86  86  HOH HOH D . 
M 4 HOH 21 87  87  HOH HOH D . 
M 4 HOH 22 93  93  HOH HOH D . 
M 4 HOH 23 105 105 HOH HOH D . 
M 4 HOH 24 111 111 HOH HOH D . 
M 4 HOH 25 113 113 HOH HOH D . 
M 4 HOH 26 129 129 HOH HOH D . 
M 4 HOH 27 134 134 HOH HOH D . 
M 4 HOH 28 137 137 HOH HOH D . 
M 4 HOH 29 144 144 HOH HOH D . 
M 4 HOH 30 149 149 HOH HOH D . 
M 4 HOH 31 150 150 HOH HOH D . 
M 4 HOH 32 151 151 HOH HOH D . 
M 4 HOH 33 153 153 HOH HOH D . 
M 4 HOH 34 158 158 HOH HOH D . 
M 4 HOH 35 162 162 HOH HOH D . 
M 4 HOH 36 173 173 HOH HOH D . 
M 4 HOH 37 176 176 HOH HOH D . 
M 4 HOH 38 179 179 HOH HOH D . 
# 
_software.name             NUCLSQ 
_software.classification   refinement 
_software.version          . 
_software.citation_id      ? 
_software.pdbx_ordinal     1 
# 
_cell.entry_id           198D 
_cell.length_a           52.996 
_cell.length_b           52.996 
_cell.length_c           33.065 
_cell.angle_alpha        90.00 
_cell.angle_beta         90.00 
_cell.angle_gamma        120.00 
_cell.Z_PDB              12 
_cell.pdbx_unique_axis   ? 
# 
_symmetry.entry_id                         198D 
_symmetry.space_group_name_H-M             'P 31' 
_symmetry.pdbx_full_space_group_name_H-M   ? 
_symmetry.cell_setting                     ? 
_symmetry.Int_Tables_number                144 
# 
_exptl.entry_id          198D 
_exptl.method            'X-RAY DIFFRACTION' 
_exptl.crystals_number   ? 
# 
_exptl_crystal.id                    1 
_exptl_crystal.density_meas          ? 
_exptl_crystal.density_Matthews      3.70 
_exptl_crystal.density_percent_sol   66.80 
_exptl_crystal.description           ? 
# 
_exptl_crystal_grow.crystal_id      1 
_exptl_crystal_grow.method          'VAPOR DIFFUSION, SITTING DROP' 
_exptl_crystal_grow.temp            277.00 
_exptl_crystal_grow.temp_details    ? 
_exptl_crystal_grow.pH              6.50 
_exptl_crystal_grow.pdbx_details    'pH 6.50, VAPOR DIFFUSION, SITTING DROP, temperature 277.00K' 
_exptl_crystal_grow.pdbx_pH_range   ? 
# 
loop_
_exptl_crystal_grow_comp.crystal_id 
_exptl_crystal_grow_comp.id 
_exptl_crystal_grow_comp.sol_id 
_exptl_crystal_grow_comp.name 
_exptl_crystal_grow_comp.volume 
_exptl_crystal_grow_comp.conc 
_exptl_crystal_grow_comp.details 
1 1 1 WATER           ? ? ? 
1 2 1 MPD             ? ? ? 
1 3 1 MGCL2           ? ? ? 
1 4 1 'NA CACODYLATE' ? ? ? 
1 5 1 SPERMINE_HCL    ? ? ? 
1 6 2 WATER           ? ? ? 
1 7 2 MPD             ? ? ? 
# 
_diffrn.id                     1 
_diffrn.ambient_temp           298.00 
_diffrn.ambient_temp_details   ? 
_diffrn.crystal_id             1 
# 
_diffrn_detector.diffrn_id              1 
_diffrn_detector.detector               DIFFRACTOMETER 
_diffrn_detector.type                   'RIGAKU AFC-5' 
_diffrn_detector.pdbx_collection_date   ? 
_diffrn_detector.details                ? 
# 
_diffrn_radiation.diffrn_id                        1 
_diffrn_radiation.wavelength_id                    1 
_diffrn_radiation.pdbx_monochromatic_or_laue_m_l   ? 
_diffrn_radiation.monochromator                    ? 
_diffrn_radiation.pdbx_diffrn_protocol             ? 
_diffrn_radiation.pdbx_scattering_type             x-ray 
# 
_diffrn_radiation_wavelength.id           1 
_diffrn_radiation_wavelength.wavelength   . 
_diffrn_radiation_wavelength.wt           1.0 
# 
_diffrn_source.diffrn_id                   1 
_diffrn_source.source                      'ROTATING ANODE' 
_diffrn_source.type                        'RIGAKU RU200' 
_diffrn_source.pdbx_synchrotron_site       ? 
_diffrn_source.pdbx_synchrotron_beamline   ? 
_diffrn_source.pdbx_wavelength             ? 
_diffrn_source.pdbx_wavelength_list        ? 
# 
_reflns.entry_id                     198D 
_reflns.observed_criterion_sigma_I   ? 
_reflns.observed_criterion_sigma_F   2.000 
_reflns.d_resolution_low             ? 
_reflns.d_resolution_high            2.000 
_reflns.number_obs                   ? 
_reflns.number_all                   7276 
_reflns.percent_possible_obs         ? 
_reflns.pdbx_Rmerge_I_obs            ? 
_reflns.pdbx_Rsym_value              ? 
_reflns.pdbx_netI_over_sigmaI        ? 
_reflns.B_iso_Wilson_estimate        ? 
_reflns.pdbx_redundancy              ? 
_reflns.pdbx_diffrn_id               1 
_reflns.pdbx_ordinal                 1 
# 
_refine.entry_id                                 198D 
_refine.ls_number_reflns_obs                     3768 
_refine.ls_number_reflns_all                     ? 
_refine.pdbx_ls_sigma_I                          ? 
_refine.pdbx_ls_sigma_F                          2.000 
_refine.pdbx_data_cutoff_high_absF               ? 
_refine.pdbx_data_cutoff_low_absF                ? 
_refine.pdbx_data_cutoff_high_rms_absF           ? 
_refine.ls_d_res_low                             18.000 
_refine.ls_d_res_high                            1.970 
_refine.ls_percent_reflns_obs                    ? 
_refine.ls_R_factor_obs                          0.1880000 
_refine.ls_R_factor_all                          ? 
_refine.ls_R_factor_R_work                       ? 
_refine.ls_R_factor_R_free                       ? 
_refine.ls_R_factor_R_free_error                 ? 
_refine.ls_R_factor_R_free_error_details         ? 
_refine.ls_percent_reflns_R_free                 ? 
_refine.ls_number_reflns_R_free                  ? 
_refine.ls_number_parameters                     ? 
_refine.ls_number_restraints                     ? 
_refine.occupancy_min                            ? 
_refine.occupancy_max                            ? 
_refine.B_iso_mean                               ? 
_refine.aniso_B[1][1]                            ? 
_refine.aniso_B[2][2]                            ? 
_refine.aniso_B[3][3]                            ? 
_refine.aniso_B[1][2]                            ? 
_refine.aniso_B[1][3]                            ? 
_refine.aniso_B[2][3]                            ? 
_refine.solvent_model_details                    ? 
_refine.solvent_model_param_ksol                 ? 
_refine.solvent_model_param_bsol                 ? 
_refine.pdbx_ls_cross_valid_method               ? 
_refine.details                                  ? 
_refine.pdbx_starting_model                      ? 
_refine.pdbx_method_to_determine_struct          ? 
_refine.pdbx_isotropic_thermal_model             ? 
_refine.pdbx_stereochemistry_target_values       ? 
_refine.pdbx_stereochem_target_val_spec_case     ? 
_refine.pdbx_R_Free_selection_details            ? 
_refine.pdbx_overall_ESU_R                       ? 
_refine.pdbx_overall_ESU_R_Free                  ? 
_refine.overall_SU_ML                            ? 
_refine.overall_SU_B                             ? 
_refine.pdbx_refine_id                           'X-RAY DIFFRACTION' 
_refine.pdbx_diffrn_id                           1 
_refine.pdbx_TLS_residual_ADP_flag               ? 
_refine.correlation_coeff_Fo_to_Fc               ? 
_refine.correlation_coeff_Fo_to_Fc_free          ? 
_refine.pdbx_solvent_vdw_probe_radii             ? 
_refine.pdbx_solvent_ion_probe_radii             ? 
_refine.pdbx_solvent_shrinkage_radii             ? 
_refine.pdbx_overall_phase_error                 ? 
_refine.overall_SU_R_Cruickshank_DPI             ? 
_refine.pdbx_overall_SU_R_free_Cruickshank_DPI   ? 
_refine.pdbx_overall_SU_R_Blow_DPI               ? 
_refine.pdbx_overall_SU_R_free_Blow_DPI          ? 
# 
_refine_hist.pdbx_refine_id                   'X-RAY DIFFRACTION' 
_refine_hist.cycle_id                         LAST 
_refine_hist.pdbx_number_atoms_protein        0 
_refine_hist.pdbx_number_atoms_nucleic_acid   480 
_refine_hist.pdbx_number_atoms_ligand         158 
_refine_hist.number_atoms_solvent             160 
_refine_hist.number_atoms_total               798 
_refine_hist.d_res_high                       1.970 
_refine_hist.d_res_low                        18.000 
# 
loop_
_refine_ls_restr.type 
_refine_ls_restr.dev_ideal 
_refine_ls_restr.dev_ideal_target 
_refine_ls_restr.weight 
_refine_ls_restr.number 
_refine_ls_restr.pdbx_refine_id 
_refine_ls_restr.pdbx_restraint_function 
n_bond_d               ?     ?     ? ? 'X-RAY DIFFRACTION' ? 
n_angle_d              ?     ?     ? ? 'X-RAY DIFFRACTION' ? 
n_planar_d             ?     ?     ? ? 'X-RAY DIFFRACTION' ? 
n_hb_or_metal_coord    ?     ?     ? ? 'X-RAY DIFFRACTION' ? 
n_sugar_bond_it        ?     ?     ? ? 'X-RAY DIFFRACTION' ? 
n_sugar_angle_it       ?     ?     ? ? 'X-RAY DIFFRACTION' ? 
n_phos_bond_it         ?     ?     ? ? 'X-RAY DIFFRACTION' ? 
n_phos_angle_it        ?     ?     ? ? 'X-RAY DIFFRACTION' ? 
n_bond_angle_restr     ?     ?     ? ? 'X-RAY DIFFRACTION' ? 
n_dihedral_angle_restr ?     ?     ? ? 'X-RAY DIFFRACTION' ? 
n_impr_tor             ?     ?     ? ? 'X-RAY DIFFRACTION' ? 
n_sugar_bond_d         0.025 0.025 ? ? 'X-RAY DIFFRACTION' ? 
n_sugar_bond_angle_d   0.040 0.040 ? ? 'X-RAY DIFFRACTION' ? 
n_phos_bond_d          0.068 0.035 ? ? 'X-RAY DIFFRACTION' ? 
n_phos_bond_angle_d    0.037 0.045 ? ? 'X-RAY DIFFRACTION' ? 
n_plane_restr          ?     ?     ? ? 'X-RAY DIFFRACTION' ? 
n_chiral_restr         ?     ?     ? ? 'X-RAY DIFFRACTION' ? 
n_singtor_nbd          ?     ?     ? ? 'X-RAY DIFFRACTION' ? 
n_multtor_nbd          ?     ?     ? ? 'X-RAY DIFFRACTION' ? 
n_xhyhbond_nbd         ?     ?     ? ? 'X-RAY DIFFRACTION' ? 
# 
_struct.entry_id                  198D 
_struct.title                     
'A TRIGONAL FORM OF THE IDARUBICIN-D(CGATCG) COMPLEX: CRYSTAL AND MOLECULAR STRUCTURE AT 2.0 ANGSTROMS RESOLUTION' 
_struct.pdbx_model_details        ? 
_struct.pdbx_CASP_flag            ? 
_struct.pdbx_model_type_details   ? 
# 
_struct_keywords.entry_id        198D 
_struct_keywords.pdbx_keywords   DNA 
_struct_keywords.text            'RIGHT HANDED DNA, DOUBLE HELIX, COMPLEXED WITH DRUG, DNA' 
# 
loop_
_struct_asym.id 
_struct_asym.pdbx_blank_PDB_chainid_flag 
_struct_asym.pdbx_modified 
_struct_asym.entity_id 
_struct_asym.details 
A N N 1 ? 
B N N 1 ? 
C N N 1 ? 
D N N 1 ? 
E N N 2 ? 
F N N 3 ? 
G N N 2 ? 
H N N 2 ? 
I N N 2 ? 
J N N 4 ? 
K N N 4 ? 
L N N 4 ? 
M N N 4 ? 
# 
_struct_ref.id                         1 
_struct_ref.entity_id                  1 
_struct_ref.db_name                    PDB 
_struct_ref.db_code                    198D 
_struct_ref.pdbx_db_accession          198D 
_struct_ref.pdbx_db_isoform            ? 
_struct_ref.pdbx_seq_one_letter_code   ? 
_struct_ref.pdbx_align_begin           ? 
# 
loop_
_struct_ref_seq.align_id 
_struct_ref_seq.ref_id 
_struct_ref_seq.pdbx_PDB_id_code 
_struct_ref_seq.pdbx_strand_id 
_struct_ref_seq.seq_align_beg 
_struct_ref_seq.pdbx_seq_align_beg_ins_code 
_struct_ref_seq.seq_align_end 
_struct_ref_seq.pdbx_seq_align_end_ins_code 
_struct_ref_seq.pdbx_db_accession 
_struct_ref_seq.db_align_beg 
_struct_ref_seq.pdbx_db_align_beg_ins_code 
_struct_ref_seq.db_align_end 
_struct_ref_seq.pdbx_db_align_end_ins_code 
_struct_ref_seq.pdbx_auth_seq_align_beg 
_struct_ref_seq.pdbx_auth_seq_align_end 
1 1 198D A 1 ? 6 ? 198D 1  ? 6  ? 1  6  
2 1 198D B 1 ? 6 ? 198D 7  ? 12 ? 7  12 
3 1 198D C 1 ? 6 ? 198D 13 ? 18 ? 13 18 
4 1 198D D 1 ? 6 ? 198D 19 ? 24 ? 19 24 
# 
loop_
_pdbx_struct_assembly.id 
_pdbx_struct_assembly.details 
_pdbx_struct_assembly.method_details 
_pdbx_struct_assembly.oligomeric_details 
_pdbx_struct_assembly.oligomeric_count 
1 author_defined_assembly ? dimeric 2 
2 author_defined_assembly ? dimeric 2 
# 
loop_
_pdbx_struct_assembly_gen.assembly_id 
_pdbx_struct_assembly_gen.oper_expression 
_pdbx_struct_assembly_gen.asym_id_list 
1 1 A,B,E,F,G,J,K 
2 1 C,D,H,I,L,M   
# 
_pdbx_struct_oper_list.id                   1 
_pdbx_struct_oper_list.type                 'identity operation' 
_pdbx_struct_oper_list.name                 1_555 
_pdbx_struct_oper_list.symmetry_operation   x,y,z 
_pdbx_struct_oper_list.matrix[1][1]         1.0000000000 
_pdbx_struct_oper_list.matrix[1][2]         0.0000000000 
_pdbx_struct_oper_list.matrix[1][3]         0.0000000000 
_pdbx_struct_oper_list.vector[1]            0.0000000000 
_pdbx_struct_oper_list.matrix[2][1]         0.0000000000 
_pdbx_struct_oper_list.matrix[2][2]         1.0000000000 
_pdbx_struct_oper_list.matrix[2][3]         0.0000000000 
_pdbx_struct_oper_list.vector[2]            0.0000000000 
_pdbx_struct_oper_list.matrix[3][1]         0.0000000000 
_pdbx_struct_oper_list.matrix[3][2]         0.0000000000 
_pdbx_struct_oper_list.matrix[3][3]         1.0000000000 
_pdbx_struct_oper_list.vector[3]            0.0000000000 
# 
loop_
_struct_biol.id 
1 
2 
# 
loop_
_struct_conn.id 
_struct_conn.conn_type_id 
_struct_conn.pdbx_leaving_atom_flag 
_struct_conn.pdbx_PDB_id 
_struct_conn.ptnr1_label_asym_id 
_struct_conn.ptnr1_label_comp_id 
_struct_conn.ptnr1_label_seq_id 
_struct_conn.ptnr1_label_atom_id 
_struct_conn.pdbx_ptnr1_label_alt_id 
_struct_conn.pdbx_ptnr1_PDB_ins_code 
_struct_conn.pdbx_ptnr1_standard_comp_id 
_struct_conn.ptnr1_symmetry 
_struct_conn.ptnr2_label_asym_id 
_struct_conn.ptnr2_label_comp_id 
_struct_conn.ptnr2_label_seq_id 
_struct_conn.ptnr2_label_atom_id 
_struct_conn.pdbx_ptnr2_label_alt_id 
_struct_conn.pdbx_ptnr2_PDB_ins_code 
_struct_conn.ptnr1_auth_asym_id 
_struct_conn.ptnr1_auth_comp_id 
_struct_conn.ptnr1_auth_seq_id 
_struct_conn.ptnr2_auth_asym_id 
_struct_conn.ptnr2_auth_comp_id 
_struct_conn.ptnr2_auth_seq_id 
_struct_conn.ptnr2_symmetry 
_struct_conn.pdbx_ptnr3_label_atom_id 
_struct_conn.pdbx_ptnr3_label_seq_id 
_struct_conn.pdbx_ptnr3_label_comp_id 
_struct_conn.pdbx_ptnr3_label_asym_id 
_struct_conn.pdbx_ptnr3_label_alt_id 
_struct_conn.pdbx_ptnr3_PDB_ins_code 
_struct_conn.details 
_struct_conn.pdbx_dist_value 
_struct_conn.pdbx_value_order 
_struct_conn.pdbx_role 
hydrog1  hydrog ? ? A DC 1 N3 ? ? ? 1_555 B DG 6 N1 ? ? A DC 1  B DG 12 1_555 ? ? ? ? ? ? WATSON-CRICK ? ? ? 
hydrog2  hydrog ? ? A DC 1 N4 ? ? ? 1_555 B DG 6 O6 ? ? A DC 1  B DG 12 1_555 ? ? ? ? ? ? WATSON-CRICK ? ? ? 
hydrog3  hydrog ? ? A DC 1 O2 ? ? ? 1_555 B DG 6 N2 ? ? A DC 1  B DG 12 1_555 ? ? ? ? ? ? WATSON-CRICK ? ? ? 
hydrog4  hydrog ? ? A DG 2 N1 ? ? ? 1_555 B DC 5 N3 ? ? A DG 2  B DC 11 1_555 ? ? ? ? ? ? WATSON-CRICK ? ? ? 
hydrog5  hydrog ? ? A DG 2 N2 ? ? ? 1_555 B DC 5 O2 ? ? A DG 2  B DC 11 1_555 ? ? ? ? ? ? WATSON-CRICK ? ? ? 
hydrog6  hydrog ? ? A DG 2 O6 ? ? ? 1_555 B DC 5 N4 ? ? A DG 2  B DC 11 1_555 ? ? ? ? ? ? WATSON-CRICK ? ? ? 
hydrog7  hydrog ? ? A DA 3 N1 ? ? ? 1_555 B DT 4 N3 ? ? A DA 3  B DT 10 1_555 ? ? ? ? ? ? WATSON-CRICK ? ? ? 
hydrog8  hydrog ? ? A DA 3 N6 ? ? ? 1_555 B DT 4 O4 ? ? A DA 3  B DT 10 1_555 ? ? ? ? ? ? WATSON-CRICK ? ? ? 
hydrog9  hydrog ? ? A DT 4 N3 ? ? ? 1_555 B DA 3 N1 ? ? A DT 4  B DA 9  1_555 ? ? ? ? ? ? WATSON-CRICK ? ? ? 
hydrog10 hydrog ? ? A DT 4 O4 ? ? ? 1_555 B DA 3 N6 ? ? A DT 4  B DA 9  1_555 ? ? ? ? ? ? WATSON-CRICK ? ? ? 
hydrog11 hydrog ? ? A DC 5 N3 ? ? ? 1_555 B DG 2 N1 ? ? A DC 5  B DG 8  1_555 ? ? ? ? ? ? WATSON-CRICK ? ? ? 
hydrog12 hydrog ? ? A DC 5 N4 ? ? ? 1_555 B DG 2 O6 ? ? A DC 5  B DG 8  1_555 ? ? ? ? ? ? WATSON-CRICK ? ? ? 
hydrog13 hydrog ? ? A DC 5 O2 ? ? ? 1_555 B DG 2 N2 ? ? A DC 5  B DG 8  1_555 ? ? ? ? ? ? WATSON-CRICK ? ? ? 
hydrog14 hydrog ? ? A DG 6 N1 ? ? ? 1_555 B DC 1 N3 ? ? A DG 6  B DC 7  1_555 ? ? ? ? ? ? WATSON-CRICK ? ? ? 
hydrog15 hydrog ? ? A DG 6 N2 ? ? ? 1_555 B DC 1 O2 ? ? A DG 6  B DC 7  1_555 ? ? ? ? ? ? WATSON-CRICK ? ? ? 
hydrog16 hydrog ? ? A DG 6 O6 ? ? ? 1_555 B DC 1 N4 ? ? A DG 6  B DC 7  1_555 ? ? ? ? ? ? WATSON-CRICK ? ? ? 
hydrog17 hydrog ? ? C DC 1 N3 ? ? ? 1_555 D DG 6 N1 ? ? C DC 13 D DG 24 1_555 ? ? ? ? ? ? WATSON-CRICK ? ? ? 
hydrog18 hydrog ? ? C DC 1 N4 ? ? ? 1_555 D DG 6 O6 ? ? C DC 13 D DG 24 1_555 ? ? ? ? ? ? WATSON-CRICK ? ? ? 
hydrog19 hydrog ? ? C DC 1 O2 ? ? ? 1_555 D DG 6 N2 ? ? C DC 13 D DG 24 1_555 ? ? ? ? ? ? WATSON-CRICK ? ? ? 
hydrog20 hydrog ? ? C DG 2 N1 ? ? ? 1_555 D DC 5 N3 ? ? C DG 14 D DC 23 1_555 ? ? ? ? ? ? WATSON-CRICK ? ? ? 
hydrog21 hydrog ? ? C DG 2 N2 ? ? ? 1_555 D DC 5 O2 ? ? C DG 14 D DC 23 1_555 ? ? ? ? ? ? WATSON-CRICK ? ? ? 
hydrog22 hydrog ? ? C DG 2 O6 ? ? ? 1_555 D DC 5 N4 ? ? C DG 14 D DC 23 1_555 ? ? ? ? ? ? WATSON-CRICK ? ? ? 
hydrog23 hydrog ? ? C DA 3 N1 ? ? ? 1_555 D DT 4 N3 ? ? C DA 15 D DT 22 1_555 ? ? ? ? ? ? WATSON-CRICK ? ? ? 
hydrog24 hydrog ? ? C DA 3 N6 ? ? ? 1_555 D DT 4 O4 ? ? C DA 15 D DT 22 1_555 ? ? ? ? ? ? WATSON-CRICK ? ? ? 
hydrog25 hydrog ? ? C DT 4 N3 ? ? ? 1_555 D DA 3 N1 ? ? C DT 16 D DA 21 1_555 ? ? ? ? ? ? WATSON-CRICK ? ? ? 
hydrog26 hydrog ? ? C DT 4 O4 ? ? ? 1_555 D DA 3 N6 ? ? C DT 16 D DA 21 1_555 ? ? ? ? ? ? WATSON-CRICK ? ? ? 
hydrog27 hydrog ? ? C DC 5 N3 ? ? ? 1_555 D DG 2 N1 ? ? C DC 17 D DG 20 1_555 ? ? ? ? ? ? WATSON-CRICK ? ? ? 
hydrog28 hydrog ? ? C DC 5 N4 ? ? ? 1_555 D DG 2 O6 ? ? C DC 17 D DG 20 1_555 ? ? ? ? ? ? WATSON-CRICK ? ? ? 
hydrog29 hydrog ? ? C DC 5 O2 ? ? ? 1_555 D DG 2 N2 ? ? C DC 17 D DG 20 1_555 ? ? ? ? ? ? WATSON-CRICK ? ? ? 
hydrog30 hydrog ? ? C DG 6 N1 ? ? ? 1_555 D DC 1 N3 ? ? C DG 18 D DC 19 1_555 ? ? ? ? ? ? WATSON-CRICK ? ? ? 
hydrog31 hydrog ? ? C DG 6 N2 ? ? ? 1_555 D DC 1 O2 ? ? C DG 18 D DC 19 1_555 ? ? ? ? ? ? WATSON-CRICK ? ? ? 
hydrog32 hydrog ? ? C DG 6 O6 ? ? ? 1_555 D DC 1 N4 ? ? C DG 18 D DC 19 1_555 ? ? ? ? ? ? WATSON-CRICK ? ? ? 
# 
_struct_conn_type.id          hydrog 
_struct_conn_type.criteria    ? 
_struct_conn_type.reference   ? 
# 
loop_
_struct_site.id 
_struct_site.pdbx_evidence_code 
_struct_site.pdbx_auth_asym_id 
_struct_site.pdbx_auth_comp_id 
_struct_site.pdbx_auth_seq_id 
_struct_site.pdbx_auth_ins_code 
_struct_site.pdbx_num_residues 
_struct_site.details 
AC1 Software A DM5 25 ? 12 'BINDING SITE FOR RESIDUE DM5 A 25' 
AC2 Software B DM5 26 ? 8  'BINDING SITE FOR RESIDUE DM5 B 26' 
AC3 Software D DM5 27 ? 10 'BINDING SITE FOR RESIDUE DM5 D 27' 
AC4 Software D DM5 28 ? 7  'BINDING SITE FOR RESIDUE DM5 D 28' 
AC5 Software A SPM 29 ? 9  'BINDING SITE FOR RESIDUE SPM A 29' 
1   ?        ? ?   ?  ? ?  ?                                   
# 
loop_
_struct_site_gen.id 
_struct_site_gen.site_id 
_struct_site_gen.pdbx_num_res 
_struct_site_gen.label_comp_id 
_struct_site_gen.label_asym_id 
_struct_site_gen.label_seq_id 
_struct_site_gen.pdbx_auth_ins_code 
_struct_site_gen.auth_comp_id 
_struct_site_gen.auth_asym_id 
_struct_site_gen.auth_seq_id 
_struct_site_gen.label_atom_id 
_struct_site_gen.label_alt_id 
_struct_site_gen.symmetry 
_struct_site_gen.details 
1  AC1 12 DC  A 1 ? DC  A 1   . ? 3_664 ? 
2  AC1 12 DT  A 4 ? DT  A 4   . ? 1_555 ? 
3  AC1 12 DC  A 5 ? DC  A 5   . ? 1_555 ? 
4  AC1 12 DG  A 6 ? DG  A 6   . ? 1_555 ? 
5  AC1 12 HOH J . ? HOH A 44  . ? 1_555 ? 
6  AC1 12 DC  B 1 ? DC  B 7   . ? 1_555 ? 
7  AC1 12 DG  B 2 ? DG  B 8   . ? 1_555 ? 
8  AC1 12 DA  B 3 ? DA  B 9   . ? 1_555 ? 
9  AC1 12 DG  B 6 ? DG  B 12  . ? 3_664 ? 
10 AC1 12 HOH K . ? HOH B 98  . ? 1_555 ? 
11 AC1 12 DG  C 6 ? DG  C 18  . ? 3_664 ? 
12 AC1 12 HOH L . ? HOH C 47  . ? 3_664 ? 
13 AC2 8  DC  A 1 ? DC  A 1   . ? 1_555 ? 
14 AC2 8  DG  A 2 ? DG  A 2   . ? 1_555 ? 
15 AC2 8  DA  A 3 ? DA  A 3   . ? 1_555 ? 
16 AC2 8  HOH J . ? HOH A 95  . ? 2_655 ? 
17 AC2 8  DG  B 2 ? DG  B 8   . ? 2_655 ? 
18 AC2 8  DT  B 4 ? DT  B 10  . ? 1_555 ? 
19 AC2 8  DC  B 5 ? DC  B 11  . ? 1_555 ? 
20 AC2 8  DG  B 6 ? DG  B 12  . ? 1_555 ? 
21 AC3 10 DG  A 6 ? DG  A 6   . ? 2_655 ? 
22 AC3 10 DT  C 4 ? DT  C 16  . ? 1_555 ? 
23 AC3 10 DC  C 5 ? DC  C 17  . ? 1_555 ? 
24 AC3 10 DG  C 6 ? DG  C 18  . ? 1_555 ? 
25 AC3 10 DC  D 1 ? DC  D 19  . ? 1_555 ? 
26 AC3 10 DG  D 2 ? DG  D 20  . ? 1_555 ? 
27 AC3 10 DA  D 3 ? DA  D 21  . ? 1_555 ? 
28 AC3 10 DG  D 6 ? DG  D 24  . ? 2_665 ? 
29 AC3 10 HOH M . ? HOH D 33  . ? 1_555 ? 
30 AC3 10 HOH M . ? HOH D 81  . ? 1_555 ? 
31 AC4 7  DC  C 1 ? DC  C 13  . ? 1_555 ? 
32 AC4 7  DG  C 2 ? DG  C 14  . ? 1_555 ? 
33 AC4 7  HOH L . ? HOH C 154 . ? 1_555 ? 
34 AC4 7  DG  D 2 ? DG  D 20  . ? 3_564 ? 
35 AC4 7  DC  D 5 ? DC  D 23  . ? 1_555 ? 
36 AC4 7  DG  D 6 ? DG  D 24  . ? 1_555 ? 
37 AC4 7  HOH M . ? HOH D 33  . ? 3_564 ? 
38 AC5 9  DC  A 1 ? DC  A 1   . ? 3_664 ? 
39 AC5 9  DA  A 3 ? DA  A 3   . ? 1_555 ? 
40 AC5 9  DT  A 4 ? DT  A 4   . ? 1_555 ? 
41 AC5 9  DC  A 5 ? DC  A 5   . ? 1_555 ? 
42 AC5 9  DG  A 6 ? DG  A 6   . ? 1_555 ? 
43 AC5 9  HOH J . ? HOH A 95  . ? 1_555 ? 
44 AC5 9  DC  C 5 ? DC  C 17  . ? 3_664 ? 
45 AC5 9  DG  C 6 ? DG  C 18  . ? 3_664 ? 
46 AC5 9  HOH M . ? HOH D 81  . ? 3_664 ? 
# 
loop_
_pdbx_validate_rmsd_bond.id 
_pdbx_validate_rmsd_bond.PDB_model_num 
_pdbx_validate_rmsd_bond.auth_atom_id_1 
_pdbx_validate_rmsd_bond.auth_asym_id_1 
_pdbx_validate_rmsd_bond.auth_comp_id_1 
_pdbx_validate_rmsd_bond.auth_seq_id_1 
_pdbx_validate_rmsd_bond.PDB_ins_code_1 
_pdbx_validate_rmsd_bond.label_alt_id_1 
_pdbx_validate_rmsd_bond.auth_atom_id_2 
_pdbx_validate_rmsd_bond.auth_asym_id_2 
_pdbx_validate_rmsd_bond.auth_comp_id_2 
_pdbx_validate_rmsd_bond.auth_seq_id_2 
_pdbx_validate_rmsd_bond.PDB_ins_code_2 
_pdbx_validate_rmsd_bond.label_alt_id_2 
_pdbx_validate_rmsd_bond.bond_value 
_pdbx_validate_rmsd_bond.bond_target_value 
_pdbx_validate_rmsd_bond.bond_deviation 
_pdbx_validate_rmsd_bond.bond_standard_deviation 
_pdbx_validate_rmsd_bond.linker_flag 
1  1 C6    A DG 2  ? ? N1    A DG 2  ? ? 1.341 1.391 -0.050 0.007 N 
2  1 C5    A DT 4  ? ? C6    A DT 4  ? ? 1.383 1.339 0.044  0.007 N 
3  1 "C5'" A DC 5  ? ? "C4'" A DC 5  ? ? 1.558 1.512 0.046  0.007 N 
4  1 "C5'" A DG 6  ? ? "C4'" A DG 6  ? ? 1.588 1.512 0.076  0.007 N 
5  1 N1    A DG 6  ? ? C2    A DG 6  ? ? 1.318 1.373 -0.055 0.008 N 
6  1 C2    B DG 8  ? ? N3    B DG 8  ? ? 1.272 1.323 -0.051 0.008 N 
7  1 "O4'" B DT 10 ? ? "C1'" B DT 10 ? ? 1.488 1.420 0.068  0.011 N 
8  1 C2    C DT 16 ? ? O2    C DT 16 ? ? 1.275 1.220 0.055  0.008 N 
9  1 C4    C DT 16 ? ? O4    C DT 16 ? ? 1.288 1.228 0.060  0.009 N 
10 1 "O4'" C DC 17 ? ? "C4'" C DC 17 ? ? 1.385 1.446 -0.061 0.010 N 
11 1 C5    C DG 18 ? ? N7    C DG 18 ? ? 1.427 1.388 0.039  0.006 N 
12 1 N3    D DA 21 ? ? C4    D DA 21 ? ? 1.382 1.344 0.038  0.006 N 
13 1 "C5'" D DT 22 ? ? "C4'" D DT 22 ? ? 1.559 1.512 0.047  0.007 N 
14 1 "O4'" D DC 23 ? ? "C1'" D DC 23 ? ? 1.494 1.420 0.074  0.011 N 
# 
loop_
_pdbx_validate_rmsd_angle.id 
_pdbx_validate_rmsd_angle.PDB_model_num 
_pdbx_validate_rmsd_angle.auth_atom_id_1 
_pdbx_validate_rmsd_angle.auth_asym_id_1 
_pdbx_validate_rmsd_angle.auth_comp_id_1 
_pdbx_validate_rmsd_angle.auth_seq_id_1 
_pdbx_validate_rmsd_angle.PDB_ins_code_1 
_pdbx_validate_rmsd_angle.label_alt_id_1 
_pdbx_validate_rmsd_angle.auth_atom_id_2 
_pdbx_validate_rmsd_angle.auth_asym_id_2 
_pdbx_validate_rmsd_angle.auth_comp_id_2 
_pdbx_validate_rmsd_angle.auth_seq_id_2 
_pdbx_validate_rmsd_angle.PDB_ins_code_2 
_pdbx_validate_rmsd_angle.label_alt_id_2 
_pdbx_validate_rmsd_angle.auth_atom_id_3 
_pdbx_validate_rmsd_angle.auth_asym_id_3 
_pdbx_validate_rmsd_angle.auth_comp_id_3 
_pdbx_validate_rmsd_angle.auth_seq_id_3 
_pdbx_validate_rmsd_angle.PDB_ins_code_3 
_pdbx_validate_rmsd_angle.label_alt_id_3 
_pdbx_validate_rmsd_angle.angle_value 
_pdbx_validate_rmsd_angle.angle_target_value 
_pdbx_validate_rmsd_angle.angle_deviation 
_pdbx_validate_rmsd_angle.angle_standard_deviation 
_pdbx_validate_rmsd_angle.linker_flag 
1  1 "O4'" A DC 1  ? ? "C1'" A DC 1  ? ? "C2'" A DC 1  ? ? 110.12 106.80 3.32  0.50 N 
2  1 "O4'" A DC 1  ? ? "C1'" A DC 1  ? ? N1    A DC 1  ? ? 111.17 108.30 2.87  0.30 N 
3  1 "O4'" A DG 2  ? ? "C1'" A DG 2  ? ? N9    A DG 2  ? ? 115.31 108.30 7.01  0.30 N 
4  1 C6    A DA 3  ? ? N1    A DA 3  ? ? C2    A DA 3  ? ? 122.54 118.60 3.94  0.60 N 
5  1 N1    A DA 3  ? ? C2    A DA 3  ? ? N3    A DA 3  ? ? 125.06 129.30 -4.24 0.50 N 
6  1 "C3'" A DA 3  ? ? "O3'" A DA 3  ? ? P     A DT 4  ? ? 129.41 119.70 9.71  1.20 Y 
7  1 "C3'" A DT 4  ? ? "O3'" A DT 4  ? ? P     A DC 5  ? ? 129.29 119.70 9.59  1.20 Y 
8  1 "O5'" A DC 5  ? ? "C5'" A DC 5  ? ? "C4'" A DC 5  ? ? 104.45 109.40 -4.95 0.80 N 
9  1 "O4'" A DC 5  ? ? "C1'" A DC 5  ? ? N1    A DC 5  ? ? 117.33 108.30 9.03  0.30 N 
10 1 "O4'" B DC 7  ? ? "C1'" B DC 7  ? ? N1    B DC 7  ? ? 112.83 108.30 4.53  0.30 N 
11 1 "O4'" B DG 8  ? ? "C1'" B DG 8  ? ? N9    B DG 8  ? ? 112.42 108.30 4.12  0.30 N 
12 1 C4    B DG 8  ? ? C5    B DG 8  ? ? N7    B DG 8  ? ? 107.67 110.80 -3.13 0.40 N 
13 1 C8    B DG 8  ? ? N9    B DG 8  ? ? C4    B DG 8  ? ? 102.89 106.40 -3.51 0.40 N 
14 1 N9    B DG 8  ? ? C4    B DG 8  ? ? C5    B DG 8  ? ? 109.46 105.40 4.06  0.40 N 
15 1 N3    B DG 8  ? ? C2    B DG 8  ? ? N2    B DG 8  ? ? 115.58 119.90 -4.32 0.70 N 
16 1 N1    B DG 8  ? ? C6    B DG 8  ? ? O6    B DG 8  ? ? 115.86 119.90 -4.04 0.60 N 
17 1 C5    B DG 8  ? ? C6    B DG 8  ? ? O6    B DG 8  ? ? 132.34 128.60 3.74  0.60 N 
18 1 "O4'" B DC 11 ? ? "C1'" B DC 11 ? ? N1    B DC 11 ? ? 114.91 108.30 6.61  0.30 N 
19 1 N3    B DC 11 ? ? C4    B DC 11 ? ? C5    B DC 11 ? ? 119.07 121.90 -2.83 0.40 N 
20 1 "O4'" B DG 12 ? ? "C1'" B DG 12 ? ? N9    B DG 12 ? ? 118.58 108.30 10.28 0.30 N 
21 1 "O4'" C DC 13 ? ? "C4'" C DC 13 ? ? "C3'" C DC 13 ? ? 110.55 106.00 4.55  0.60 N 
22 1 "O4'" C DG 14 ? ? "C1'" C DG 14 ? ? "C2'" C DG 14 ? ? 100.92 105.90 -4.98 0.80 N 
23 1 "O4'" C DG 14 ? ? "C1'" C DG 14 ? ? N9    C DG 14 ? ? 117.83 108.30 9.53  0.30 N 
24 1 C6    C DG 14 ? ? N1    C DG 14 ? ? C2    C DG 14 ? ? 121.21 125.10 -3.89 0.60 N 
25 1 N1    C DG 14 ? ? C2    C DG 14 ? ? N3    C DG 14 ? ? 128.22 123.90 4.32  0.60 N 
26 1 C4    C DG 14 ? ? C5    C DG 14 ? ? N7    C DG 14 ? ? 107.95 110.80 -2.85 0.40 N 
27 1 C8    C DG 14 ? ? N9    C DG 14 ? ? C4    C DG 14 ? ? 103.51 106.40 -2.89 0.40 N 
28 1 N9    C DG 14 ? ? C4    C DG 14 ? ? C5    C DG 14 ? ? 109.61 105.40 4.21  0.40 N 
29 1 "O4'" C DA 15 ? ? "C1'" C DA 15 ? ? N9    C DA 15 ? ? 110.53 108.30 2.23  0.30 N 
30 1 C6    C DA 15 ? ? N1    C DA 15 ? ? C2    C DA 15 ? ? 123.75 118.60 5.15  0.60 N 
31 1 N1    C DA 15 ? ? C2    C DA 15 ? ? N3    C DA 15 ? ? 124.40 129.30 -4.90 0.50 N 
32 1 C5    C DA 15 ? ? C6    C DA 15 ? ? N1    C DA 15 ? ? 114.22 117.70 -3.48 0.50 N 
33 1 N1    C DA 15 ? ? C6    C DA 15 ? ? N6    C DA 15 ? ? 123.74 118.60 5.14  0.60 N 
34 1 "C3'" C DA 15 ? ? "O3'" C DA 15 ? ? P     C DT 16 ? ? 130.46 119.70 10.76 1.20 Y 
35 1 "C1'" C DT 16 ? ? "O4'" C DT 16 ? ? "C4'" C DT 16 ? ? 115.19 110.30 4.89  0.70 N 
36 1 "O4'" C DT 16 ? ? "C1'" C DT 16 ? ? N1    C DT 16 ? ? 111.63 108.30 3.33  0.30 N 
37 1 N1    C DT 16 ? ? C2    C DT 16 ? ? N3    C DT 16 ? ? 118.63 114.60 4.03  0.60 N 
38 1 C2    C DT 16 ? ? N3    C DT 16 ? ? C4    C DT 16 ? ? 122.06 127.20 -5.14 0.60 N 
39 1 N3    C DT 16 ? ? C4    C DT 16 ? ? C5    C DT 16 ? ? 119.86 115.20 4.66  0.60 N 
40 1 C4    C DT 16 ? ? C5    C DT 16 ? ? C7    C DT 16 ? ? 123.05 119.00 4.05  0.60 N 
41 1 C6    C DT 16 ? ? C5    C DT 16 ? ? C7    C DT 16 ? ? 118.91 122.90 -3.99 0.60 N 
42 1 "C3'" C DT 16 ? ? "O3'" C DT 16 ? ? P     C DC 17 ? ? 128.90 119.70 9.20  1.20 Y 
43 1 "O4'" C DC 17 ? ? "C1'" C DC 17 ? ? N1    C DC 17 ? ? 125.21 108.30 16.91 0.30 N 
44 1 C2    C DC 17 ? ? N3    C DC 17 ? ? C4    C DC 17 ? ? 124.39 119.90 4.49  0.50 N 
45 1 N3    C DC 17 ? ? C4    C DC 17 ? ? C5    C DC 17 ? ? 118.45 121.90 -3.45 0.40 N 
46 1 N1    C DC 17 ? ? C2    C DC 17 ? ? O2    C DC 17 ? ? 124.24 118.90 5.34  0.60 N 
47 1 "C1'" C DG 18 ? ? "O4'" C DG 18 ? ? "C4'" C DG 18 ? ? 115.01 110.30 4.71  0.70 N 
48 1 N3    C DG 18 ? ? C4    C DG 18 ? ? C5    C DG 18 ? ? 125.58 128.60 -3.02 0.50 N 
49 1 N9    C DG 18 ? ? C4    C DG 18 ? ? C5    C DG 18 ? ? 108.60 105.40 3.20  0.40 N 
50 1 "O4'" D DC 19 ? ? "C1'" D DC 19 ? ? N1    D DC 19 ? ? 114.17 108.30 5.87  0.30 N 
51 1 C2    D DC 19 ? ? N3    D DC 19 ? ? C4    D DC 19 ? ? 124.06 119.90 4.16  0.50 N 
52 1 N3    D DC 19 ? ? C4    D DC 19 ? ? C5    D DC 19 ? ? 118.48 121.90 -3.42 0.40 N 
53 1 "O4'" D DG 20 ? ? "C1'" D DG 20 ? ? N9    D DG 20 ? ? 112.88 108.30 4.58  0.30 N 
54 1 "O4'" D DA 21 ? ? "C1'" D DA 21 ? ? N9    D DA 21 ? ? 113.41 108.30 5.11  0.30 N 
55 1 C6    D DA 21 ? ? N1    D DA 21 ? ? C2    D DA 21 ? ? 123.15 118.60 4.55  0.60 N 
56 1 C5    D DA 21 ? ? C6    D DA 21 ? ? N1    D DA 21 ? ? 113.40 117.70 -4.30 0.50 N 
57 1 N9    D DA 21 ? ? C4    D DA 21 ? ? C5    D DA 21 ? ? 109.11 105.80 3.31  0.40 N 
58 1 N3    D DT 22 ? ? C2    D DT 22 ? ? O2    D DT 22 ? ? 118.04 122.30 -4.26 0.60 N 
59 1 N3    D DT 22 ? ? C4    D DT 22 ? ? O4    D DT 22 ? ? 115.23 119.90 -4.67 0.60 N 
60 1 "O4'" D DC 23 ? ? "C4'" D DC 23 ? ? "C3'" D DC 23 ? ? 112.16 106.00 6.16  0.60 N 
61 1 "O4'" D DC 23 ? ? "C1'" D DC 23 ? ? N1    D DC 23 ? ? 116.72 108.30 8.42  0.30 N 
62 1 "C3'" D DC 23 ? ? "O3'" D DC 23 ? ? P     D DG 24 ? ? 127.50 119.70 7.80  1.20 Y 
63 1 "O4'" D DG 24 ? ? "C4'" D DG 24 ? ? "C3'" D DG 24 ? ? 100.99 104.50 -3.51 0.40 N 
# 
_pdbx_validate_planes.id              1 
_pdbx_validate_planes.PDB_model_num   1 
_pdbx_validate_planes.auth_comp_id    DC 
_pdbx_validate_planes.auth_asym_id    C 
_pdbx_validate_planes.auth_seq_id     17 
_pdbx_validate_planes.PDB_ins_code    ? 
_pdbx_validate_planes.label_alt_id    ? 
_pdbx_validate_planes.rmsd            0.069 
_pdbx_validate_planes.type            'SIDE CHAIN' 
# 
_struct_site_keywords.site_id   1 
_struct_site_keywords.text      INTERCALATION 
# 
loop_
_refine_B_iso.class 
_refine_B_iso.details 
_refine_B_iso.treatment 
_refine_B_iso.pdbx_refine_id 
'ALL ATOMS'  TR isotropic 'X-RAY DIFFRACTION' 
'ALL WATERS' TR isotropic 'X-RAY DIFFRACTION' 
# 
loop_
_refine_occupancy.class 
_refine_occupancy.treatment 
_refine_occupancy.pdbx_refine_id 
'ALL ATOMS'  fix 'X-RAY DIFFRACTION' 
'ALL WATERS' fix 'X-RAY DIFFRACTION' 
# 
loop_
_chem_comp_atom.comp_id 
_chem_comp_atom.atom_id 
_chem_comp_atom.type_symbol 
_chem_comp_atom.pdbx_aromatic_flag 
_chem_comp_atom.pdbx_stereo_config 
_chem_comp_atom.pdbx_ordinal 
DA  OP3    O N N 1   
DA  P      P N N 2   
DA  OP1    O N N 3   
DA  OP2    O N N 4   
DA  "O5'"  O N N 5   
DA  "C5'"  C N N 6   
DA  "C4'"  C N R 7   
DA  "O4'"  O N N 8   
DA  "C3'"  C N S 9   
DA  "O3'"  O N N 10  
DA  "C2'"  C N N 11  
DA  "C1'"  C N R 12  
DA  N9     N Y N 13  
DA  C8     C Y N 14  
DA  N7     N Y N 15  
DA  C5     C Y N 16  
DA  C6     C Y N 17  
DA  N6     N N N 18  
DA  N1     N Y N 19  
DA  C2     C Y N 20  
DA  N3     N Y N 21  
DA  C4     C Y N 22  
DA  HOP3   H N N 23  
DA  HOP2   H N N 24  
DA  "H5'"  H N N 25  
DA  "H5''" H N N 26  
DA  "H4'"  H N N 27  
DA  "H3'"  H N N 28  
DA  "HO3'" H N N 29  
DA  "H2'"  H N N 30  
DA  "H2''" H N N 31  
DA  "H1'"  H N N 32  
DA  H8     H N N 33  
DA  H61    H N N 34  
DA  H62    H N N 35  
DA  H2     H N N 36  
DC  OP3    O N N 37  
DC  P      P N N 38  
DC  OP1    O N N 39  
DC  OP2    O N N 40  
DC  "O5'"  O N N 41  
DC  "C5'"  C N N 42  
DC  "C4'"  C N R 43  
DC  "O4'"  O N N 44  
DC  "C3'"  C N S 45  
DC  "O3'"  O N N 46  
DC  "C2'"  C N N 47  
DC  "C1'"  C N R 48  
DC  N1     N N N 49  
DC  C2     C N N 50  
DC  O2     O N N 51  
DC  N3     N N N 52  
DC  C4     C N N 53  
DC  N4     N N N 54  
DC  C5     C N N 55  
DC  C6     C N N 56  
DC  HOP3   H N N 57  
DC  HOP2   H N N 58  
DC  "H5'"  H N N 59  
DC  "H5''" H N N 60  
DC  "H4'"  H N N 61  
DC  "H3'"  H N N 62  
DC  "HO3'" H N N 63  
DC  "H2'"  H N N 64  
DC  "H2''" H N N 65  
DC  "H1'"  H N N 66  
DC  H41    H N N 67  
DC  H42    H N N 68  
DC  H5     H N N 69  
DC  H6     H N N 70  
DG  OP3    O N N 71  
DG  P      P N N 72  
DG  OP1    O N N 73  
DG  OP2    O N N 74  
DG  "O5'"  O N N 75  
DG  "C5'"  C N N 76  
DG  "C4'"  C N R 77  
DG  "O4'"  O N N 78  
DG  "C3'"  C N S 79  
DG  "O3'"  O N N 80  
DG  "C2'"  C N N 81  
DG  "C1'"  C N R 82  
DG  N9     N Y N 83  
DG  C8     C Y N 84  
DG  N7     N Y N 85  
DG  C5     C Y N 86  
DG  C6     C N N 87  
DG  O6     O N N 88  
DG  N1     N N N 89  
DG  C2     C N N 90  
DG  N2     N N N 91  
DG  N3     N N N 92  
DG  C4     C Y N 93  
DG  HOP3   H N N 94  
DG  HOP2   H N N 95  
DG  "H5'"  H N N 96  
DG  "H5''" H N N 97  
DG  "H4'"  H N N 98  
DG  "H3'"  H N N 99  
DG  "HO3'" H N N 100 
DG  "H2'"  H N N 101 
DG  "H2''" H N N 102 
DG  "H1'"  H N N 103 
DG  H8     H N N 104 
DG  H1     H N N 105 
DG  H21    H N N 106 
DG  H22    H N N 107 
DM5 C1     C Y N 108 
DM5 C2     C Y N 109 
DM5 C3     C Y N 110 
DM5 C4     C Y N 111 
DM5 C5     C Y N 112 
DM5 C6     C N N 113 
DM5 O6     O N N 114 
DM5 C7     C Y N 115 
DM5 C8     C Y N 116 
DM5 O8     O N N 117 
DM5 C9     C Y N 118 
DM5 C10    C N S 119 
DM5 O10    O N N 120 
DM5 C11    C N N 121 
DM5 C12    C N S 122 
DM5 O12    O N N 123 
DM5 C13    C N N 124 
DM5 O13    O N N 125 
DM5 C14    C N N 126 
DM5 C15    C N N 127 
DM5 C16    C Y N 128 
DM5 C17    C Y N 129 
DM5 O17    O N N 130 
DM5 C18    C Y N 131 
DM5 C19    C N N 132 
DM5 O19    O N N 133 
DM5 C20    C Y N 134 
DM5 "C1'"  C N R 135 
DM5 "C2'"  C N N 136 
DM5 "C3'"  C N S 137 
DM5 "N3'"  N N N 138 
DM5 "C4'"  C N S 139 
DM5 "O4'"  O N N 140 
DM5 "C5'"  C N S 141 
DM5 "O5'"  O N N 142 
DM5 "C6'"  C N N 143 
DM5 H1     H N N 144 
DM5 H2     H N N 145 
DM5 H3     H N N 146 
DM5 H4     H N N 147 
DM5 HO8    H N N 148 
DM5 H10    H N N 149 
DM5 H111   H N N 150 
DM5 H112   H N N 151 
DM5 HO12   H N N 152 
DM5 H141   H N N 153 
DM5 H142   H N N 154 
DM5 H143   H N N 155 
DM5 H151   H N N 156 
DM5 H152   H N N 157 
DM5 HO17   H N N 158 
DM5 "H1'"  H N N 159 
DM5 "H2'1" H N N 160 
DM5 "H2'2" H N N 161 
DM5 "H3'"  H N N 162 
DM5 "HN'1" H N N 163 
DM5 "HN'2" H N N 164 
DM5 "H4'"  H N N 165 
DM5 "HO4'" H N N 166 
DM5 "H5'"  H N N 167 
DM5 "H6'1" H N N 168 
DM5 "H6'2" H N N 169 
DM5 "H6'3" H N N 170 
DT  OP3    O N N 171 
DT  P      P N N 172 
DT  OP1    O N N 173 
DT  OP2    O N N 174 
DT  "O5'"  O N N 175 
DT  "C5'"  C N N 176 
DT  "C4'"  C N R 177 
DT  "O4'"  O N N 178 
DT  "C3'"  C N S 179 
DT  "O3'"  O N N 180 
DT  "C2'"  C N N 181 
DT  "C1'"  C N R 182 
DT  N1     N N N 183 
DT  C2     C N N 184 
DT  O2     O N N 185 
DT  N3     N N N 186 
DT  C4     C N N 187 
DT  O4     O N N 188 
DT  C5     C N N 189 
DT  C7     C N N 190 
DT  C6     C N N 191 
DT  HOP3   H N N 192 
DT  HOP2   H N N 193 
DT  "H5'"  H N N 194 
DT  "H5''" H N N 195 
DT  "H4'"  H N N 196 
DT  "H3'"  H N N 197 
DT  "HO3'" H N N 198 
DT  "H2'"  H N N 199 
DT  "H2''" H N N 200 
DT  "H1'"  H N N 201 
DT  H3     H N N 202 
DT  H71    H N N 203 
DT  H72    H N N 204 
DT  H73    H N N 205 
DT  H6     H N N 206 
HOH O      O N N 207 
HOH H1     H N N 208 
HOH H2     H N N 209 
SPM N1     N N N 210 
SPM C2     C N N 211 
SPM C3     C N N 212 
SPM C4     C N N 213 
SPM N5     N N N 214 
SPM C6     C N N 215 
SPM C7     C N N 216 
SPM C8     C N N 217 
SPM C9     C N N 218 
SPM N10    N N N 219 
SPM C11    C N N 220 
SPM C12    C N N 221 
SPM C13    C N N 222 
SPM N14    N N N 223 
SPM HN11   H N N 224 
SPM HN12   H N N 225 
SPM H21    H N N 226 
SPM H22    H N N 227 
SPM H31    H N N 228 
SPM H32    H N N 229 
SPM H41    H N N 230 
SPM H42    H N N 231 
SPM HN5    H N N 232 
SPM H61    H N N 233 
SPM H62    H N N 234 
SPM H71    H N N 235 
SPM H72    H N N 236 
SPM H81    H N N 237 
SPM H82    H N N 238 
SPM H91    H N N 239 
SPM H92    H N N 240 
SPM HN0    H N N 241 
SPM H111   H N N 242 
SPM H112   H N N 243 
SPM H121   H N N 244 
SPM H122   H N N 245 
SPM H131   H N N 246 
SPM H132   H N N 247 
SPM HN41   H N N 248 
SPM HN42   H N N 249 
# 
loop_
_chem_comp_bond.comp_id 
_chem_comp_bond.atom_id_1 
_chem_comp_bond.atom_id_2 
_chem_comp_bond.value_order 
_chem_comp_bond.pdbx_aromatic_flag 
_chem_comp_bond.pdbx_stereo_config 
_chem_comp_bond.pdbx_ordinal 
DA  OP3   P      sing N N 1   
DA  OP3   HOP3   sing N N 2   
DA  P     OP1    doub N N 3   
DA  P     OP2    sing N N 4   
DA  P     "O5'"  sing N N 5   
DA  OP2   HOP2   sing N N 6   
DA  "O5'" "C5'"  sing N N 7   
DA  "C5'" "C4'"  sing N N 8   
DA  "C5'" "H5'"  sing N N 9   
DA  "C5'" "H5''" sing N N 10  
DA  "C4'" "O4'"  sing N N 11  
DA  "C4'" "C3'"  sing N N 12  
DA  "C4'" "H4'"  sing N N 13  
DA  "O4'" "C1'"  sing N N 14  
DA  "C3'" "O3'"  sing N N 15  
DA  "C3'" "C2'"  sing N N 16  
DA  "C3'" "H3'"  sing N N 17  
DA  "O3'" "HO3'" sing N N 18  
DA  "C2'" "C1'"  sing N N 19  
DA  "C2'" "H2'"  sing N N 20  
DA  "C2'" "H2''" sing N N 21  
DA  "C1'" N9     sing N N 22  
DA  "C1'" "H1'"  sing N N 23  
DA  N9    C8     sing Y N 24  
DA  N9    C4     sing Y N 25  
DA  C8    N7     doub Y N 26  
DA  C8    H8     sing N N 27  
DA  N7    C5     sing Y N 28  
DA  C5    C6     sing Y N 29  
DA  C5    C4     doub Y N 30  
DA  C6    N6     sing N N 31  
DA  C6    N1     doub Y N 32  
DA  N6    H61    sing N N 33  
DA  N6    H62    sing N N 34  
DA  N1    C2     sing Y N 35  
DA  C2    N3     doub Y N 36  
DA  C2    H2     sing N N 37  
DA  N3    C4     sing Y N 38  
DC  OP3   P      sing N N 39  
DC  OP3   HOP3   sing N N 40  
DC  P     OP1    doub N N 41  
DC  P     OP2    sing N N 42  
DC  P     "O5'"  sing N N 43  
DC  OP2   HOP2   sing N N 44  
DC  "O5'" "C5'"  sing N N 45  
DC  "C5'" "C4'"  sing N N 46  
DC  "C5'" "H5'"  sing N N 47  
DC  "C5'" "H5''" sing N N 48  
DC  "C4'" "O4'"  sing N N 49  
DC  "C4'" "C3'"  sing N N 50  
DC  "C4'" "H4'"  sing N N 51  
DC  "O4'" "C1'"  sing N N 52  
DC  "C3'" "O3'"  sing N N 53  
DC  "C3'" "C2'"  sing N N 54  
DC  "C3'" "H3'"  sing N N 55  
DC  "O3'" "HO3'" sing N N 56  
DC  "C2'" "C1'"  sing N N 57  
DC  "C2'" "H2'"  sing N N 58  
DC  "C2'" "H2''" sing N N 59  
DC  "C1'" N1     sing N N 60  
DC  "C1'" "H1'"  sing N N 61  
DC  N1    C2     sing N N 62  
DC  N1    C6     sing N N 63  
DC  C2    O2     doub N N 64  
DC  C2    N3     sing N N 65  
DC  N3    C4     doub N N 66  
DC  C4    N4     sing N N 67  
DC  C4    C5     sing N N 68  
DC  N4    H41    sing N N 69  
DC  N4    H42    sing N N 70  
DC  C5    C6     doub N N 71  
DC  C5    H5     sing N N 72  
DC  C6    H6     sing N N 73  
DG  OP3   P      sing N N 74  
DG  OP3   HOP3   sing N N 75  
DG  P     OP1    doub N N 76  
DG  P     OP2    sing N N 77  
DG  P     "O5'"  sing N N 78  
DG  OP2   HOP2   sing N N 79  
DG  "O5'" "C5'"  sing N N 80  
DG  "C5'" "C4'"  sing N N 81  
DG  "C5'" "H5'"  sing N N 82  
DG  "C5'" "H5''" sing N N 83  
DG  "C4'" "O4'"  sing N N 84  
DG  "C4'" "C3'"  sing N N 85  
DG  "C4'" "H4'"  sing N N 86  
DG  "O4'" "C1'"  sing N N 87  
DG  "C3'" "O3'"  sing N N 88  
DG  "C3'" "C2'"  sing N N 89  
DG  "C3'" "H3'"  sing N N 90  
DG  "O3'" "HO3'" sing N N 91  
DG  "C2'" "C1'"  sing N N 92  
DG  "C2'" "H2'"  sing N N 93  
DG  "C2'" "H2''" sing N N 94  
DG  "C1'" N9     sing N N 95  
DG  "C1'" "H1'"  sing N N 96  
DG  N9    C8     sing Y N 97  
DG  N9    C4     sing Y N 98  
DG  C8    N7     doub Y N 99  
DG  C8    H8     sing N N 100 
DG  N7    C5     sing Y N 101 
DG  C5    C6     sing N N 102 
DG  C5    C4     doub Y N 103 
DG  C6    O6     doub N N 104 
DG  C6    N1     sing N N 105 
DG  N1    C2     sing N N 106 
DG  N1    H1     sing N N 107 
DG  C2    N2     sing N N 108 
DG  C2    N3     doub N N 109 
DG  N2    H21    sing N N 110 
DG  N2    H22    sing N N 111 
DG  N3    C4     sing N N 112 
DM5 C1    C2     doub Y N 113 
DM5 C1    C20    sing Y N 114 
DM5 C1    H1     sing N N 115 
DM5 C2    C3     sing Y N 116 
DM5 C2    H2     sing N N 117 
DM5 C3    C4     doub Y N 118 
DM5 C3    H3     sing N N 119 
DM5 C4    C5     sing Y N 120 
DM5 C4    H4     sing N N 121 
DM5 C5    C6     sing N N 122 
DM5 C5    C20    doub Y N 123 
DM5 C6    O6     doub N N 124 
DM5 C6    C7     sing N N 125 
DM5 C7    C8     doub Y N 126 
DM5 C7    C18    sing Y N 127 
DM5 C8    O8     sing N N 128 
DM5 C8    C9     sing Y N 129 
DM5 O8    HO8    sing N N 130 
DM5 C9    C10    sing N N 131 
DM5 C9    C16    doub Y N 132 
DM5 C10   O10    sing N N 133 
DM5 C10   C11    sing N N 134 
DM5 C10   H10    sing N N 135 
DM5 O10   "C1'"  sing N N 136 
DM5 C11   C12    sing N N 137 
DM5 C11   H111   sing N N 138 
DM5 C11   H112   sing N N 139 
DM5 C12   O12    sing N N 140 
DM5 C12   C13    sing N N 141 
DM5 C12   C15    sing N N 142 
DM5 O12   HO12   sing N N 143 
DM5 C13   O13    doub N N 144 
DM5 C13   C14    sing N N 145 
DM5 C14   H141   sing N N 146 
DM5 C14   H142   sing N N 147 
DM5 C14   H143   sing N N 148 
DM5 C15   C16    sing N N 149 
DM5 C15   H151   sing N N 150 
DM5 C15   H152   sing N N 151 
DM5 C16   C17    sing Y N 152 
DM5 C17   O17    sing N N 153 
DM5 C17   C18    doub Y N 154 
DM5 O17   HO17   sing N N 155 
DM5 C18   C19    sing N N 156 
DM5 C19   O19    doub N N 157 
DM5 C19   C20    sing N N 158 
DM5 "C1'" "C2'"  sing N N 159 
DM5 "C1'" "O5'"  sing N N 160 
DM5 "C1'" "H1'"  sing N N 161 
DM5 "C2'" "C3'"  sing N N 162 
DM5 "C2'" "H2'1" sing N N 163 
DM5 "C2'" "H2'2" sing N N 164 
DM5 "C3'" "N3'"  sing N N 165 
DM5 "C3'" "C4'"  sing N N 166 
DM5 "C3'" "H3'"  sing N N 167 
DM5 "N3'" "HN'1" sing N N 168 
DM5 "N3'" "HN'2" sing N N 169 
DM5 "C4'" "O4'"  sing N N 170 
DM5 "C4'" "C5'"  sing N N 171 
DM5 "C4'" "H4'"  sing N N 172 
DM5 "O4'" "HO4'" sing N N 173 
DM5 "C5'" "O5'"  sing N N 174 
DM5 "C5'" "C6'"  sing N N 175 
DM5 "C5'" "H5'"  sing N N 176 
DM5 "C6'" "H6'1" sing N N 177 
DM5 "C6'" "H6'2" sing N N 178 
DM5 "C6'" "H6'3" sing N N 179 
DT  OP3   P      sing N N 180 
DT  OP3   HOP3   sing N N 181 
DT  P     OP1    doub N N 182 
DT  P     OP2    sing N N 183 
DT  P     "O5'"  sing N N 184 
DT  OP2   HOP2   sing N N 185 
DT  "O5'" "C5'"  sing N N 186 
DT  "C5'" "C4'"  sing N N 187 
DT  "C5'" "H5'"  sing N N 188 
DT  "C5'" "H5''" sing N N 189 
DT  "C4'" "O4'"  sing N N 190 
DT  "C4'" "C3'"  sing N N 191 
DT  "C4'" "H4'"  sing N N 192 
DT  "O4'" "C1'"  sing N N 193 
DT  "C3'" "O3'"  sing N N 194 
DT  "C3'" "C2'"  sing N N 195 
DT  "C3'" "H3'"  sing N N 196 
DT  "O3'" "HO3'" sing N N 197 
DT  "C2'" "C1'"  sing N N 198 
DT  "C2'" "H2'"  sing N N 199 
DT  "C2'" "H2''" sing N N 200 
DT  "C1'" N1     sing N N 201 
DT  "C1'" "H1'"  sing N N 202 
DT  N1    C2     sing N N 203 
DT  N1    C6     sing N N 204 
DT  C2    O2     doub N N 205 
DT  C2    N3     sing N N 206 
DT  N3    C4     sing N N 207 
DT  N3    H3     sing N N 208 
DT  C4    O4     doub N N 209 
DT  C4    C5     sing N N 210 
DT  C5    C7     sing N N 211 
DT  C5    C6     doub N N 212 
DT  C7    H71    sing N N 213 
DT  C7    H72    sing N N 214 
DT  C7    H73    sing N N 215 
DT  C6    H6     sing N N 216 
HOH O     H1     sing N N 217 
HOH O     H2     sing N N 218 
SPM N1    C2     sing N N 219 
SPM N1    HN11   sing N N 220 
SPM N1    HN12   sing N N 221 
SPM C2    C3     sing N N 222 
SPM C2    H21    sing N N 223 
SPM C2    H22    sing N N 224 
SPM C3    C4     sing N N 225 
SPM C3    H31    sing N N 226 
SPM C3    H32    sing N N 227 
SPM C4    N5     sing N N 228 
SPM C4    H41    sing N N 229 
SPM C4    H42    sing N N 230 
SPM N5    C6     sing N N 231 
SPM N5    HN5    sing N N 232 
SPM C6    C7     sing N N 233 
SPM C6    H61    sing N N 234 
SPM C6    H62    sing N N 235 
SPM C7    C8     sing N N 236 
SPM C7    H71    sing N N 237 
SPM C7    H72    sing N N 238 
SPM C8    C9     sing N N 239 
SPM C8    H81    sing N N 240 
SPM C8    H82    sing N N 241 
SPM C9    N10    sing N N 242 
SPM C9    H91    sing N N 243 
SPM C9    H92    sing N N 244 
SPM N10   C11    sing N N 245 
SPM N10   HN0    sing N N 246 
SPM C11   C12    sing N N 247 
SPM C11   H111   sing N N 248 
SPM C11   H112   sing N N 249 
SPM C12   C13    sing N N 250 
SPM C12   H121   sing N N 251 
SPM C12   H122   sing N N 252 
SPM C13   N14    sing N N 253 
SPM C13   H131   sing N N 254 
SPM C13   H132   sing N N 255 
SPM N14   HN41   sing N N 256 
SPM N14   HN42   sing N N 257 
# 
loop_
_ndb_struct_conf_na.entry_id 
_ndb_struct_conf_na.feature 
198D 'double helix'        
198D 'b-form double helix' 
# 
loop_
_ndb_struct_na_base_pair.model_number 
_ndb_struct_na_base_pair.i_label_asym_id 
_ndb_struct_na_base_pair.i_label_comp_id 
_ndb_struct_na_base_pair.i_label_seq_id 
_ndb_struct_na_base_pair.i_symmetry 
_ndb_struct_na_base_pair.j_label_asym_id 
_ndb_struct_na_base_pair.j_label_comp_id 
_ndb_struct_na_base_pair.j_label_seq_id 
_ndb_struct_na_base_pair.j_symmetry 
_ndb_struct_na_base_pair.shear 
_ndb_struct_na_base_pair.stretch 
_ndb_struct_na_base_pair.stagger 
_ndb_struct_na_base_pair.buckle 
_ndb_struct_na_base_pair.propeller 
_ndb_struct_na_base_pair.opening 
_ndb_struct_na_base_pair.pair_number 
_ndb_struct_na_base_pair.pair_name 
_ndb_struct_na_base_pair.i_auth_asym_id 
_ndb_struct_na_base_pair.i_auth_seq_id 
_ndb_struct_na_base_pair.i_PDB_ins_code 
_ndb_struct_na_base_pair.j_auth_asym_id 
_ndb_struct_na_base_pair.j_auth_seq_id 
_ndb_struct_na_base_pair.j_PDB_ins_code 
_ndb_struct_na_base_pair.hbond_type_28 
_ndb_struct_na_base_pair.hbond_type_12 
1 B DC 1 1_555 A DG 6 1_555 -0.122 -0.199 -0.258 10.020  2.785  -4.696 1  B_DC7:DG6_A   B 7  ? A 6  ? 19 1 
1 B DG 2 1_555 A DC 5 1_555 -0.159 -0.133 -0.357 -15.917 0.325  3.027  2  B_DG8:DC5_A   B 8  ? A 5  ? 19 1 
1 B DA 3 1_555 A DT 4 1_555 0.089  -0.232 -0.251 -5.124  -9.339 0.928  3  B_DA9:DT4_A   B 9  ? A 4  ? 20 1 
1 B DT 4 1_555 A DA 3 1_555 -0.354 -0.216 0.278  -2.573  -9.119 3.487  4  B_DT10:DA3_A  B 10 ? A 3  ? 20 1 
1 B DC 5 1_555 A DG 2 1_555 0.209  -0.219 -0.454 19.325  -2.285 -1.699 5  B_DC11:DG2_A  B 11 ? A 2  ? 19 1 
1 B DG 6 1_555 A DC 1 1_555 -0.059 -0.114 -0.055 -6.693  -1.889 3.018  6  B_DG12:DC1_A  B 12 ? A 1  ? 19 1 
1 D DC 1 1_555 C DG 6 1_555 0.151  -0.215 -0.195 11.208  1.934  -4.330 7  D_DC19:DG18_C D 19 ? C 18 ? 19 1 
1 D DG 2 1_555 C DC 5 1_555 -0.163 -0.188 -0.265 -16.167 -0.785 -0.885 8  D_DG20:DC17_C D 20 ? C 17 ? 19 1 
1 D DA 3 1_555 C DT 4 1_555 -0.093 -0.246 0.095  -5.938  -9.666 1.391  9  D_DA21:DT16_C D 21 ? C 16 ? 20 1 
1 D DT 4 1_555 C DA 3 1_555 0.707  -0.401 0.004  2.896   -8.686 2.460  10 D_DT22:DA15_C D 22 ? C 15 ? 20 1 
1 D DC 5 1_555 C DG 2 1_555 0.121  -0.142 -0.560 19.745  0.230  0.518  11 D_DC23:DG14_C D 23 ? C 14 ? 19 1 
1 D DG 6 1_555 C DC 1 1_555 0.366  -0.043 -0.035 -3.010  1.257  0.571  12 D_DG24:DC13_C D 24 ? C 13 ? 19 1 
# 
loop_
_ndb_struct_na_base_pair_step.model_number 
_ndb_struct_na_base_pair_step.i_label_asym_id_1 
_ndb_struct_na_base_pair_step.i_label_comp_id_1 
_ndb_struct_na_base_pair_step.i_label_seq_id_1 
_ndb_struct_na_base_pair_step.i_symmetry_1 
_ndb_struct_na_base_pair_step.j_label_asym_id_1 
_ndb_struct_na_base_pair_step.j_label_comp_id_1 
_ndb_struct_na_base_pair_step.j_label_seq_id_1 
_ndb_struct_na_base_pair_step.j_symmetry_1 
_ndb_struct_na_base_pair_step.i_label_asym_id_2 
_ndb_struct_na_base_pair_step.i_label_comp_id_2 
_ndb_struct_na_base_pair_step.i_label_seq_id_2 
_ndb_struct_na_base_pair_step.i_symmetry_2 
_ndb_struct_na_base_pair_step.j_label_asym_id_2 
_ndb_struct_na_base_pair_step.j_label_comp_id_2 
_ndb_struct_na_base_pair_step.j_label_seq_id_2 
_ndb_struct_na_base_pair_step.j_symmetry_2 
_ndb_struct_na_base_pair_step.shift 
_ndb_struct_na_base_pair_step.slide 
_ndb_struct_na_base_pair_step.rise 
_ndb_struct_na_base_pair_step.tilt 
_ndb_struct_na_base_pair_step.roll 
_ndb_struct_na_base_pair_step.twist 
_ndb_struct_na_base_pair_step.x_displacement 
_ndb_struct_na_base_pair_step.y_displacement 
_ndb_struct_na_base_pair_step.helical_rise 
_ndb_struct_na_base_pair_step.inclination 
_ndb_struct_na_base_pair_step.tip 
_ndb_struct_na_base_pair_step.helical_twist 
_ndb_struct_na_base_pair_step.step_number 
_ndb_struct_na_base_pair_step.step_name 
_ndb_struct_na_base_pair_step.i_auth_asym_id_1 
_ndb_struct_na_base_pair_step.i_auth_seq_id_1 
_ndb_struct_na_base_pair_step.i_PDB_ins_code_1 
_ndb_struct_na_base_pair_step.j_auth_asym_id_1 
_ndb_struct_na_base_pair_step.j_auth_seq_id_1 
_ndb_struct_na_base_pair_step.j_PDB_ins_code_1 
_ndb_struct_na_base_pair_step.i_auth_asym_id_2 
_ndb_struct_na_base_pair_step.i_auth_seq_id_2 
_ndb_struct_na_base_pair_step.i_PDB_ins_code_2 
_ndb_struct_na_base_pair_step.j_auth_asym_id_2 
_ndb_struct_na_base_pair_step.j_auth_seq_id_2 
_ndb_struct_na_base_pair_step.j_PDB_ins_code_2 
1 B DC 1 1_555 A DG 6 1_555 B DG 2 1_555 A DC 5 1_555 1.408  1.107  7.130 4.656  0.482  33.968 1.710  -0.772 7.268 0.821  -7.922  
34.279 1  BB_DC7DG8:DC5DG6_AA     B 7  ? A 6  ? B 8  ? A 5  ? 
1 B DG 2 1_555 A DC 5 1_555 B DA 3 1_555 A DT 4 1_555 -1.659 1.065  3.121 -3.165 0.665  34.859 1.672  2.292  3.273 1.108  5.270   
35.005 2  BB_DG8DA9:DT4DC5_AA     B 8  ? A 5  ? B 9  ? A 4  ? 
1 B DA 3 1_555 A DT 4 1_555 B DT 4 1_555 A DA 3 1_555 0.236  -0.553 3.345 -3.532 -2.910 26.340 -0.419 -1.454 3.326 -6.325 7.676   
26.728 3  BB_DA9DT10:DA3DT4_AA    B 9  ? A 4  ? B 10 ? A 3  ? 
1 B DT 4 1_555 A DA 3 1_555 B DC 5 1_555 A DG 2 1_555 1.041  1.440  2.788 8.362  0.081  36.899 2.213  -0.651 2.949 0.126  -13.006 
37.802 4  BB_DT10DC11:DG2DA3_AA   B 10 ? A 3  ? B 11 ? A 2  ? 
1 B DC 5 1_555 A DG 2 1_555 B DG 6 1_555 A DC 1 1_555 -0.747 1.336  7.098 -4.981 1.986  34.389 1.568  -0.420 7.196 3.334  8.361   
34.792 5  BB_DC11DG12:DC1DG2_AA   B 11 ? A 2  ? B 12 ? A 1  ? 
1 B DG 6 1_555 A DC 1 1_555 D DC 1 1_555 C DG 6 1_555 -0.418 -0.254 2.970 0.832  2.620  14.534 -2.995 2.263  2.851 10.236 -3.252  
14.790 6  BD_DG12DC19:DG18DC1_CA  B 12 ? A 1  ? D 19 ? C 18 ? 
1 D DC 1 1_555 C DG 6 1_555 D DG 2 1_555 C DC 5 1_555 1.508  0.966  7.157 2.889  -2.061 34.456 2.320  -1.556 7.187 -3.467 -4.861  
34.633 7  DD_DC19DG20:DC17DG18_CC D 19 ? C 18 ? D 20 ? C 17 ? 
1 D DG 2 1_555 C DC 5 1_555 D DA 3 1_555 C DT 4 1_555 -1.234 0.822  3.168 -2.767 -2.255 29.969 2.028  1.820  3.197 -4.342 5.326   
30.176 8  DD_DG20DA21:DT16DC17_CC D 20 ? C 17 ? D 21 ? C 16 ? 
1 D DA 3 1_555 C DT 4 1_555 D DT 4 1_555 C DA 3 1_555 -0.002 -0.458 3.191 1.940  -0.428 37.619 -0.655 0.249  3.192 -0.663 -3.006  
37.670 9  DD_DA21DT22:DA15DT16_CC D 21 ? C 16 ? D 22 ? C 15 ? 
1 D DT 4 1_555 C DA 3 1_555 D DC 5 1_555 C DG 2 1_555 1.362  1.399  2.881 7.680  4.140  30.122 1.841  -1.130 3.279 7.764  -14.401 
31.332 10 DD_DT22DC23:DG14DA15_CC D 22 ? C 15 ? D 23 ? C 14 ? 
1 D DC 5 1_555 C DG 2 1_555 D DG 6 1_555 C DC 1 1_555 -1.283 1.361  7.049 -8.787 0.520  35.238 2.025  -0.655 7.171 0.842  14.242  
36.287 11 DD_DC23DG24:DC13DG14_CC D 23 ? C 14 ? D 24 ? C 13 ? 
# 
_atom_sites.entry_id                    198D 
_atom_sites.fract_transf_matrix[1][1]   -0.00635325 
_atom_sites.fract_transf_matrix[1][2]   -0.01248668 
_atom_sites.fract_transf_matrix[1][3]   0.01668644 
_atom_sites.fract_transf_matrix[2][1]   -0.00092911 
_atom_sites.fract_transf_matrix[2][2]   -0.02164363 
_atom_sites.fract_transf_matrix[2][3]   -0.00232533 
_atom_sites.fract_transf_matrix[3][1]   0.02870355 
_atom_sites.fract_transf_matrix[3][2]   -0.00222726 
_atom_sites.fract_transf_matrix[3][3]   0.00926200 
_atom_sites.fract_transf_vector[1]      0.552063 
_atom_sites.fract_transf_vector[2]      0.506647 
_atom_sites.fract_transf_vector[3]      0.323155 
# 
loop_
_atom_type.symbol 
C 
N 
O 
P 
# 
loop_
_atom_site.group_PDB 
_atom_site.id 
_atom_site.type_symbol 
_atom_site.label_atom_id 
_atom_site.label_alt_id 
_atom_site.label_comp_id 
_atom_site.label_asym_id 
_atom_site.label_entity_id 
_atom_site.label_seq_id 
_atom_site.pdbx_PDB_ins_code 
_atom_site.Cartn_x 
_atom_site.Cartn_y 
_atom_site.Cartn_z 
_atom_site.occupancy 
_atom_site.B_iso_or_equiv 
_atom_site.pdbx_formal_charge 
_atom_site.auth_seq_id 
_atom_site.auth_comp_id 
_atom_site.auth_asym_id 
_atom_site.auth_atom_id 
_atom_site.pdbx_PDB_model_num 
ATOM   1   O "O5'" . DC  A 1 1 ? -4.227  7.422   2.562   1.00 22.29 ? 1   DC  A "O5'" 1 
ATOM   2   C "C5'" . DC  A 1 1 ? -4.140  7.435   1.106   1.00 21.75 ? 1   DC  A "C5'" 1 
ATOM   3   C "C4'" . DC  A 1 1 ? -4.597  6.079   0.578   1.00 20.60 ? 1   DC  A "C4'" 1 
ATOM   4   O "O4'" . DC  A 1 1 ? -3.475  5.405   -0.040  1.00 18.80 ? 1   DC  A "O4'" 1 
ATOM   5   C "C3'" . DC  A 1 1 ? -5.227  5.125   1.541   1.00 19.65 ? 1   DC  A "C3'" 1 
ATOM   6   O "O3'" . DC  A 1 1 ? -6.637  4.942   1.227   1.00 25.19 ? 1   DC  A "O3'" 1 
ATOM   7   C "C2'" . DC  A 1 1 ? -4.533  3.777   1.336   1.00 17.07 ? 1   DC  A "C2'" 1 
ATOM   8   C "C1'" . DC  A 1 1 ? -3.428  4.067   0.355   1.00 12.74 ? 1   DC  A "C1'" 1 
ATOM   9   N N1    . DC  A 1 1 ? -2.090  3.688   0.761   1.00 7.40  ? 1   DC  A N1    1 
ATOM   10  C C2    . DC  A 1 1 ? -1.737  2.380   0.755   1.00 4.86  ? 1   DC  A C2    1 
ATOM   11  O O2    . DC  A 1 1 ? -2.577  1.524   0.454   1.00 7.20  ? 1   DC  A O2    1 
ATOM   12  N N3    . DC  A 1 1 ? -0.525  2.012   1.121   1.00 3.65  ? 1   DC  A N3    1 
ATOM   13  C C4    . DC  A 1 1 ? 0.403   2.903   1.483   1.00 2.49  ? 1   DC  A C4    1 
ATOM   14  N N4    . DC  A 1 1 ? 1.628   2.448   1.789   1.00 2.66  ? 1   DC  A N4    1 
ATOM   15  C C5    . DC  A 1 1 ? 0.075   4.252   1.528   1.00 4.78  ? 1   DC  A C5    1 
ATOM   16  C C6    . DC  A 1 1 ? -1.185  4.618   1.202   1.00 7.02  ? 1   DC  A C6    1 
ATOM   17  P P     . DG  A 1 2 ? -7.801  5.482   2.265   1.00 28.08 ? 2   DG  A P     1 
ATOM   18  O OP1   . DG  A 1 2 ? -9.002  5.628   1.379   1.00 26.76 ? 2   DG  A OP1   1 
ATOM   19  O OP2   . DG  A 1 2 ? -7.331  6.672   3.036   1.00 24.67 ? 2   DG  A OP2   1 
ATOM   20  O "O5'" . DG  A 1 2 ? -7.890  4.228   3.212   1.00 25.43 ? 2   DG  A "O5'" 1 
ATOM   21  C "C5'" . DG  A 1 2 ? -8.456  2.954   2.822   1.00 24.43 ? 2   DG  A "C5'" 1 
ATOM   22  C "C4'" . DG  A 1 2 ? -8.334  2.076   4.069   1.00 22.68 ? 2   DG  A "C4'" 1 
ATOM   23  O "O4'" . DG  A 1 2 ? -6.931  1.931   4.435   1.00 20.81 ? 2   DG  A "O4'" 1 
ATOM   24  C "C3'" . DG  A 1 2 ? -9.009  2.662   5.330   1.00 23.45 ? 2   DG  A "C3'" 1 
ATOM   25  O "O3'" . DG  A 1 2 ? -9.702  1.646   6.043   1.00 26.11 ? 2   DG  A "O3'" 1 
ATOM   26  C "C2'" . DG  A 1 2 ? -7.842  3.171   6.155   1.00 20.79 ? 2   DG  A "C2'" 1 
ATOM   27  C "C1'" . DG  A 1 2 ? -6.809  2.144   5.839   1.00 17.28 ? 2   DG  A "C1'" 1 
ATOM   28  N N9    . DG  A 1 2 ? -5.489  2.639   6.293   1.00 12.79 ? 2   DG  A N9    1 
ATOM   29  C C8    . DG  A 1 2 ? -5.041  3.891   6.501   1.00 13.09 ? 2   DG  A C8    1 
ATOM   30  N N7    . DG  A 1 2 ? -3.827  3.974   6.966   1.00 13.23 ? 2   DG  A N7    1 
ATOM   31  C C5    . DG  A 1 2 ? -3.444  2.651   7.081   1.00 11.09 ? 2   DG  A C5    1 
ATOM   32  C C6    . DG  A 1 2 ? -2.257  2.084   7.587   1.00 10.07 ? 2   DG  A C6    1 
ATOM   33  O O6    . DG  A 1 2 ? -1.232  2.688   8.010   1.00 13.06 ? 2   DG  A O6    1 
ATOM   34  N N1    . DG  A 1 2 ? -2.262  0.743   7.601   1.00 9.69  ? 2   DG  A N1    1 
ATOM   35  C C2    . DG  A 1 2 ? -3.316  0.007   7.129   1.00 9.84  ? 2   DG  A C2    1 
ATOM   36  N N2    . DG  A 1 2 ? -3.194  -1.344  7.183   1.00 8.05  ? 2   DG  A N2    1 
ATOM   37  N N3    . DG  A 1 2 ? -4.459  0.474   6.683   1.00 11.19 ? 2   DG  A N3    1 
ATOM   38  C C4    . DG  A 1 2 ? -4.472  1.810   6.719   1.00 10.85 ? 2   DG  A C4    1 
ATOM   39  P P     . DA  A 1 3 ? -11.237 1.394   5.990   1.00 28.02 ? 3   DA  A P     1 
ATOM   40  O OP1   . DA  A 1 3 ? -11.707 1.476   4.553   1.00 27.73 ? 3   DA  A OP1   1 
ATOM   41  O OP2   . DA  A 1 3 ? -11.894 2.289   6.948   1.00 26.95 ? 3   DA  A OP2   1 
ATOM   42  O "O5'" . DA  A 1 3 ? -11.247 -0.140  6.516   1.00 26.15 ? 3   DA  A "O5'" 1 
ATOM   43  C "C5'" . DA  A 1 3 ? -10.767 -1.278  5.727   1.00 23.17 ? 3   DA  A "C5'" 1 
ATOM   44  C "C4'" . DA  A 1 3 ? -10.257 -2.407  6.575   1.00 19.43 ? 3   DA  A "C4'" 1 
ATOM   45  O "O4'" . DA  A 1 3 ? -8.894  -2.227  6.929   1.00 17.23 ? 3   DA  A "O4'" 1 
ATOM   46  C "C3'" . DA  A 1 3 ? -11.020 -2.747  7.888   1.00 20.80 ? 3   DA  A "C3'" 1 
ATOM   47  O "O3'" . DA  A 1 3 ? -11.280 -4.160  7.810   1.00 23.56 ? 3   DA  A "O3'" 1 
ATOM   48  C "C2'" . DA  A 1 3 ? -10.072 -2.300  8.942   1.00 18.27 ? 3   DA  A "C2'" 1 
ATOM   49  C "C1'" . DA  A 1 3 ? -8.697  -2.250  8.364   1.00 13.48 ? 3   DA  A "C1'" 1 
ATOM   50  N N9    . DA  A 1 3 ? -7.989  -0.982  8.743   1.00 11.43 ? 3   DA  A N9    1 
ATOM   51  C C8    . DA  A 1 3 ? -8.448  0.286   8.739   1.00 9.84  ? 3   DA  A C8    1 
ATOM   52  N N7    . DA  A 1 3 ? -7.584  1.171   9.190   1.00 10.16 ? 3   DA  A N7    1 
ATOM   53  C C5    . DA  A 1 3 ? -6.449  0.442   9.496   1.00 8.04  ? 3   DA  A C5    1 
ATOM   54  C C6    . DA  A 1 3 ? -5.223  0.798   9.990   1.00 7.90  ? 3   DA  A C6    1 
ATOM   55  N N6    . DA  A 1 3 ? -4.802  1.997   10.270  1.00 7.71  ? 3   DA  A N6    1 
ATOM   56  N N1    . DA  A 1 3 ? -4.346  -0.228  10.156  1.00 6.44  ? 3   DA  A N1    1 
ATOM   57  C C2    . DA  A 1 3 ? -4.677  -1.526  9.898   1.00 7.43  ? 3   DA  A C2    1 
ATOM   58  N N3    . DA  A 1 3 ? -5.834  -1.930  9.394   1.00 9.66  ? 3   DA  A N3    1 
ATOM   59  C C4    . DA  A 1 3 ? -6.680  -0.907  9.238   1.00 8.16  ? 3   DA  A C4    1 
ATOM   60  P P     . DT  A 1 4 ? -11.847 -5.131  8.905   1.00 23.66 ? 4   DT  A P     1 
ATOM   61  O OP1   . DT  A 1 4 ? -12.083 -6.491  8.336   1.00 25.66 ? 4   DT  A OP1   1 
ATOM   62  O OP2   . DT  A 1 4 ? -13.026 -4.494  9.472   1.00 22.56 ? 4   DT  A OP2   1 
ATOM   63  O "O5'" . DT  A 1 4 ? -10.607 -5.244  9.892   1.00 21.37 ? 4   DT  A "O5'" 1 
ATOM   64  C "C5'" . DT  A 1 4 ? -9.485  -6.076  9.455   1.00 18.67 ? 4   DT  A "C5'" 1 
ATOM   65  C "C4'" . DT  A 1 4 ? -8.496  -6.102  10.592  1.00 17.50 ? 4   DT  A "C4'" 1 
ATOM   66  O "O4'" . DT  A 1 4 ? -7.890  -4.851  10.741  1.00 16.53 ? 4   DT  A "O4'" 1 
ATOM   67  C "C3'" . DT  A 1 4 ? -9.034  -6.502  11.946  1.00 18.40 ? 4   DT  A "C3'" 1 
ATOM   68  O "O3'" . DT  A 1 4 ? -8.353  -7.639  12.373  1.00 21.42 ? 4   DT  A "O3'" 1 
ATOM   69  C "C2'" . DT  A 1 4 ? -8.738  -5.316  12.827  1.00 17.16 ? 4   DT  A "C2'" 1 
ATOM   70  C "C1'" . DT  A 1 4 ? -7.595  -4.645  12.146  1.00 13.23 ? 4   DT  A "C1'" 1 
ATOM   71  N N1    . DT  A 1 4 ? -7.517  -3.193  12.363  1.00 10.00 ? 4   DT  A N1    1 
ATOM   72  C C2    . DT  A 1 4 ? -6.269  -2.729  12.706  1.00 9.66  ? 4   DT  A C2    1 
ATOM   73  O O2    . DT  A 1 4 ? -5.259  -3.436  12.862  1.00 10.80 ? 4   DT  A O2    1 
ATOM   74  N N3    . DT  A 1 4 ? -6.195  -1.369  12.914  1.00 8.86  ? 4   DT  A N3    1 
ATOM   75  C C4    . DT  A 1 4 ? -7.229  -0.477  12.768  1.00 7.43  ? 4   DT  A C4    1 
ATOM   76  O O4    . DT  A 1 4 ? -7.020  0.697   12.946  1.00 10.18 ? 4   DT  A O4    1 
ATOM   77  C C5    . DT  A 1 4 ? -8.498  -1.036  12.465  1.00 8.78  ? 4   DT  A C5    1 
ATOM   78  C C7    . DT  A 1 4 ? -9.699  -0.181  12.288  1.00 6.92  ? 4   DT  A C7    1 
ATOM   79  C C6    . DT  A 1 4 ? -8.586  -2.390  12.198  1.00 9.13  ? 4   DT  A C6    1 
ATOM   80  P P     . DC  A 1 5 ? -8.858  -8.830  13.328  1.00 21.19 ? 5   DC  A P     1 
ATOM   81  O OP1   . DC  A 1 5 ? -8.214  -10.101 12.861  1.00 23.58 ? 5   DC  A OP1   1 
ATOM   82  O OP2   . DC  A 1 5 ? -10.344 -8.854  13.283  1.00 21.74 ? 5   DC  A OP2   1 
ATOM   83  O "O5'" . DC  A 1 5 ? -8.193  -8.451  14.703  1.00 20.11 ? 5   DC  A "O5'" 1 
ATOM   84  C "C5'" . DC  A 1 5 ? -6.755  -8.430  14.787  1.00 18.34 ? 5   DC  A "C5'" 1 
ATOM   85  C "C4'" . DC  A 1 5 ? -6.451  -7.512  16.009  1.00 17.28 ? 5   DC  A "C4'" 1 
ATOM   86  O "O4'" . DC  A 1 5 ? -6.599  -6.123  15.614  1.00 16.69 ? 5   DC  A "O4'" 1 
ATOM   87  C "C3'" . DC  A 1 5 ? -7.414  -7.738  17.212  1.00 16.45 ? 5   DC  A "C3'" 1 
ATOM   88  O "O3'" . DC  A 1 5 ? -6.739  -7.897  18.428  1.00 18.76 ? 5   DC  A "O3'" 1 
ATOM   89  C "C2'" . DC  A 1 5 ? -8.285  -6.542  17.175  1.00 14.27 ? 5   DC  A "C2'" 1 
ATOM   90  C "C1'" . DC  A 1 5 ? -7.411  -5.496  16.553  1.00 11.70 ? 5   DC  A "C1'" 1 
ATOM   91  N N1    . DC  A 1 5 ? -8.118  -4.265  16.126  1.00 7.59  ? 5   DC  A N1    1 
ATOM   92  C C2    . DC  A 1 5 ? -7.351  -3.147  16.175  1.00 5.60  ? 5   DC  A C2    1 
ATOM   93  O O2    . DC  A 1 5 ? -6.140  -3.223  16.400  1.00 7.20  ? 5   DC  A O2    1 
ATOM   94  N N3    . DC  A 1 5 ? -7.920  -1.945  15.960  1.00 5.74  ? 5   DC  A N3    1 
ATOM   95  C C4    . DC  A 1 5 ? -9.213  -1.814  15.685  1.00 7.27  ? 5   DC  A C4    1 
ATOM   96  N N4    . DC  A 1 5 ? -9.758  -0.570  15.509  1.00 6.62  ? 5   DC  A N4    1 
ATOM   97  C C5    . DC  A 1 5 ? -10.038 -2.969  15.586  1.00 6.24  ? 5   DC  A C5    1 
ATOM   98  C C6    . DC  A 1 5 ? -9.454  -4.179  15.862  1.00 7.23  ? 5   DC  A C6    1 
ATOM   99  P P     . DG  A 1 6 ? -6.669  -9.364  19.154  1.00 18.11 ? 6   DG  A P     1 
ATOM   100 O OP1   . DG  A 1 6 ? -6.307  -10.378 18.115  1.00 19.19 ? 6   DG  A OP1   1 
ATOM   101 O OP2   . DG  A 1 6 ? -7.981  -9.565  19.823  1.00 18.11 ? 6   DG  A OP2   1 
ATOM   102 O "O5'" . DG  A 1 6 ? -5.486  -9.156  20.180  1.00 16.15 ? 6   DG  A "O5'" 1 
ATOM   103 C "C5'" . DG  A 1 6 ? -4.334  -8.382  19.820  1.00 15.25 ? 6   DG  A "C5'" 1 
ATOM   104 C "C4'" . DG  A 1 6 ? -3.755  -7.813  21.185  1.00 14.83 ? 6   DG  A "C4'" 1 
ATOM   105 O "O4'" . DG  A 1 6 ? -4.297  -6.581  21.541  1.00 16.18 ? 6   DG  A "O4'" 1 
ATOM   106 C "C3'" . DG  A 1 6 ? -3.920  -8.762  22.330  1.00 13.01 ? 6   DG  A "C3'" 1 
ATOM   107 O "O3'" . DG  A 1 6 ? -2.620  -8.880  22.916  1.00 14.76 ? 6   DG  A "O3'" 1 
ATOM   108 C "C2'" . DG  A 1 6 ? -5.059  -8.103  23.108  1.00 13.44 ? 6   DG  A "C2'" 1 
ATOM   109 C "C1'" . DG  A 1 6 ? -5.001  -6.644  22.843  1.00 10.47 ? 6   DG  A "C1'" 1 
ATOM   110 N N9    . DG  A 1 6 ? -6.293  -5.916  22.597  1.00 6.93  ? 6   DG  A N9    1 
ATOM   111 C C8    . DG  A 1 6 ? -7.509  -6.371  22.153  1.00 6.35  ? 6   DG  A C8    1 
ATOM   112 N N7    . DG  A 1 6 ? -8.417  -5.488  22.048  1.00 4.73  ? 6   DG  A N7    1 
ATOM   113 C C5    . DG  A 1 6 ? -7.777  -4.318  22.508  1.00 3.97  ? 6   DG  A C5    1 
ATOM   114 C C6    . DG  A 1 6 ? -8.233  -2.971  22.624  1.00 4.16  ? 6   DG  A C6    1 
ATOM   115 O O6    . DG  A 1 6 ? -9.333  -2.526  22.359  1.00 4.40  ? 6   DG  A O6    1 
ATOM   116 N N1    . DG  A 1 6 ? -7.275  -2.093  23.106  1.00 2.34  ? 6   DG  A N1    1 
ATOM   117 C C2    . DG  A 1 6 ? -6.063  -2.462  23.471  1.00 2.00  ? 6   DG  A C2    1 
ATOM   118 N N2    . DG  A 1 6 ? -5.268  -1.529  23.932  1.00 3.41  ? 6   DG  A N2    1 
ATOM   119 N N3    . DG  A 1 6 ? -5.556  -3.716  23.326  1.00 4.87  ? 6   DG  A N3    1 
ATOM   120 C C4    . DG  A 1 6 ? -6.483  -4.596  22.853  1.00 3.96  ? 6   DG  A C4    1 
ATOM   121 O "O5'" . DC  B 1 1 ? -9.024  6.220   22.968  1.00 17.98 ? 7   DC  B "O5'" 1 
ATOM   122 C "C5'" . DC  B 1 1 ? -7.778  6.560   22.318  1.00 19.92 ? 7   DC  B "C5'" 1 
ATOM   123 C "C4'" . DC  B 1 1 ? -6.548  6.185   23.166  1.00 19.88 ? 7   DC  B "C4'" 1 
ATOM   124 O "O4'" . DC  B 1 1 ? -6.893  5.221   24.111  1.00 17.54 ? 7   DC  B "O4'" 1 
ATOM   125 C "C3'" . DC  B 1 1 ? -5.372  5.615   22.408  1.00 20.35 ? 7   DC  B "C3'" 1 
ATOM   126 O "O3'" . DC  B 1 1 ? -4.130  5.965   22.962  1.00 24.00 ? 7   DC  B "O3'" 1 
ATOM   127 C "C2'" . DC  B 1 1 ? -5.548  4.136   22.492  1.00 17.82 ? 7   DC  B "C2'" 1 
ATOM   128 C "C1'" . DC  B 1 1 ? -6.329  3.938   23.784  1.00 14.02 ? 7   DC  B "C1'" 1 
ATOM   129 N N1    . DC  B 1 1 ? -7.368  2.902   23.513  1.00 8.65  ? 7   DC  B N1    1 
ATOM   130 C C2    . DC  B 1 1 ? -6.985  1.580   23.628  1.00 6.66  ? 7   DC  B C2    1 
ATOM   131 O O2    . DC  B 1 1 ? -5.838  1.351   24.013  1.00 7.12  ? 7   DC  B O2    1 
ATOM   132 N N3    . DC  B 1 1 ? -7.915  0.677   23.377  1.00 5.76  ? 7   DC  B N3    1 
ATOM   133 C C4    . DC  B 1 1 ? -9.183  1.007   22.962  1.00 5.44  ? 7   DC  B C4    1 
ATOM   134 N N4    . DC  B 1 1 ? -10.044 0.055   22.701  1.00 6.14  ? 7   DC  B N4    1 
ATOM   135 C C5    . DC  B 1 1 ? -9.582  2.325   22.897  1.00 5.77  ? 7   DC  B C5    1 
ATOM   136 C C6    . DC  B 1 1 ? -8.676  3.267   23.228  1.00 7.89  ? 7   DC  B C6    1 
ATOM   137 P P     . DG  B 1 2 ? -3.016  6.875   22.211  1.00 26.64 ? 8   DG  B P     1 
ATOM   138 O OP1   . DG  B 1 2 ? -2.056  7.224   23.316  1.00 25.77 ? 8   DG  B OP1   1 
ATOM   139 O OP2   . DG  B 1 2 ? -3.692  8.037   21.563  1.00 26.92 ? 8   DG  B OP2   1 
ATOM   140 O "O5'" . DG  B 1 2 ? -2.350  5.948   21.111  1.00 24.72 ? 8   DG  B "O5'" 1 
ATOM   141 C "C5'" . DG  B 1 2 ? -1.495  4.815   21.427  1.00 20.99 ? 8   DG  B "C5'" 1 
ATOM   142 C "C4'" . DG  B 1 2 ? -1.430  3.831   20.236  1.00 17.82 ? 8   DG  B "C4'" 1 
ATOM   143 O "O4'" . DG  B 1 2 ? -2.753  3.470   19.822  1.00 16.34 ? 8   DG  B "O4'" 1 
ATOM   144 C "C3'" . DG  B 1 2 ? -0.745  4.396   19.002  1.00 18.12 ? 8   DG  B "C3'" 1 
ATOM   145 O "O3'" . DG  B 1 2 ? 0.383   3.588   18.767  1.00 20.13 ? 8   DG  B "O3'" 1 
ATOM   146 C "C2'" . DG  B 1 2 ? -1.799  4.416   17.957  1.00 15.05 ? 8   DG  B "C2'" 1 
ATOM   147 C "C1'" . DG  B 1 2 ? -2.760  3.346   18.408  1.00 10.71 ? 8   DG  B "C1'" 1 
ATOM   148 N N9    . DG  B 1 2 ? -4.111  3.371   17.852  1.00 8.22  ? 8   DG  B N9    1 
ATOM   149 C C8    . DG  B 1 2 ? -5.061  4.354   17.686  1.00 7.67  ? 8   DG  B C8    1 
ATOM   150 N N7    . DG  B 1 2 ? -6.205  3.942   17.243  1.00 8.87  ? 8   DG  B N7    1 
ATOM   151 C C5    . DG  B 1 2 ? -6.041  2.569   17.057  1.00 6.15  ? 8   DG  B C5    1 
ATOM   152 C C6    . DG  B 1 2 ? -6.909  1.594   16.595  1.00 4.66  ? 8   DG  B C6    1 
ATOM   153 O O6    . DG  B 1 2 ? -8.096  1.643   16.181  1.00 6.25  ? 8   DG  B O6    1 
ATOM   154 N N1    . DG  B 1 2 ? -6.310  0.321   16.591  1.00 3.72  ? 8   DG  B N1    1 
ATOM   155 C C2    . DG  B 1 2 ? -5.027  0.130   16.996  1.00 2.61  ? 8   DG  B C2    1 
ATOM   156 N N2    . DG  B 1 2 ? -4.559  -1.090  16.981  1.00 5.58  ? 8   DG  B N2    1 
ATOM   157 N N3    . DG  B 1 2 ? -4.226  1.020   17.427  1.00 3.54  ? 8   DG  B N3    1 
ATOM   158 C C4    . DG  B 1 2 ? -4.773  2.239   17.472  1.00 5.61  ? 8   DG  B C4    1 
ATOM   159 P P     . DA  B 1 3 ? 1.742   4.151   18.148  1.00 21.70 ? 9   DA  B P     1 
ATOM   160 O OP1   . DA  B 1 3 ? 2.717   4.650   19.132  1.00 23.09 ? 9   DA  B OP1   1 
ATOM   161 O OP2   . DA  B 1 3 ? 1.322   5.114   17.090  1.00 23.02 ? 9   DA  B OP2   1 
ATOM   162 O "O5'" . DA  B 1 3 ? 2.384   2.800   17.561  1.00 23.19 ? 9   DA  B "O5'" 1 
ATOM   163 C "C5'" . DA  B 1 3 ? 2.714   1.721   18.438  1.00 21.67 ? 9   DA  B "C5'" 1 
ATOM   164 C "C4'" . DA  B 1 3 ? 2.412   0.432   17.658  1.00 20.12 ? 9   DA  B "C4'" 1 
ATOM   165 O "O4'" . DA  B 1 3 ? 1.032   0.394   17.283  1.00 18.55 ? 9   DA  B "O4'" 1 
ATOM   166 C "C3'" . DA  B 1 3 ? 3.249   0.297   16.436  1.00 20.49 ? 9   DA  B "C3'" 1 
ATOM   167 O "O3'" . DA  B 1 3 ? 4.081   -0.866  16.602  1.00 22.20 ? 9   DA  B "O3'" 1 
ATOM   168 C "C2'" . DA  B 1 3 ? 2.234   0.282   15.260  1.00 17.96 ? 9   DA  B "C2'" 1 
ATOM   169 C "C1'" . DA  B 1 3 ? 0.856   -0.005  15.899  1.00 14.99 ? 9   DA  B "C1'" 1 
ATOM   170 N N9    . DA  B 1 3 ? -0.322  0.744   15.412  1.00 11.10 ? 9   DA  B N9    1 
ATOM   171 C C8    . DA  B 1 3 ? -0.538  2.102   15.328  1.00 7.25  ? 9   DA  B C8    1 
ATOM   172 N N7    . DA  B 1 3 ? -1.734  2.476   14.912  1.00 10.38 ? 9   DA  B N7    1 
ATOM   173 C C5    . DA  B 1 3 ? -2.339  1.237   14.653  1.00 5.89  ? 9   DA  B C5    1 
ATOM   174 C C6    . DA  B 1 3 ? -3.611  0.890   14.089  1.00 6.61  ? 9   DA  B C6    1 
ATOM   175 N N6    . DA  B 1 3 ? -4.516  1.795   13.763  1.00 8.58  ? 9   DA  B N6    1 
ATOM   176 N N1    . DA  B 1 3 ? -3.882  -0.425  13.960  1.00 4.86  ? 9   DA  B N1    1 
ATOM   177 C C2    . DA  B 1 3 ? -2.946  -1.333  14.297  1.00 6.00  ? 9   DA  B C2    1 
ATOM   178 N N3    . DA  B 1 3 ? -1.733  -1.116  14.802  1.00 7.55  ? 9   DA  B N3    1 
ATOM   179 C C4    . DA  B 1 3 ? -1.494  0.201   14.918  1.00 8.20  ? 9   DA  B C4    1 
ATOM   180 P P     . DT  B 1 4 ? 5.280   -1.317  15.584  1.00 25.95 ? 10  DT  B P     1 
ATOM   181 O OP1   . DT  B 1 4 ? 6.128   -2.350  16.271  1.00 24.34 ? 10  DT  B OP1   1 
ATOM   182 O OP2   . DT  B 1 4 ? 5.979   -0.060  15.231  1.00 24.98 ? 10  DT  B OP2   1 
ATOM   183 O "O5'" . DT  B 1 4 ? 4.395   -1.982  14.389  1.00 24.13 ? 10  DT  B "O5'" 1 
ATOM   184 C "C5'" . DT  B 1 4 ? 3.629   -3.177  14.641  1.00 23.71 ? 10  DT  B "C5'" 1 
ATOM   185 C "C4'" . DT  B 1 4 ? 2.508   -3.390  13.635  1.00 23.17 ? 10  DT  B "C4'" 1 
ATOM   186 O "O4'" . DT  B 1 4 ? 1.635   -2.274  13.479  1.00 21.27 ? 10  DT  B "O4'" 1 
ATOM   187 C "C3'" . DT  B 1 4 ? 3.009   -3.677  12.233  1.00 24.51 ? 10  DT  B "C3'" 1 
ATOM   188 O "O3'" . DT  B 1 4 ? 3.280   -5.064  12.136  1.00 26.70 ? 10  DT  B "O3'" 1 
ATOM   189 C "C2'" . DT  B 1 4 ? 1.888   -3.158  11.296  1.00 23.14 ? 10  DT  B "C2'" 1 
ATOM   190 C "C1'" . DT  B 1 4 ? 0.861   -2.570  12.243  1.00 19.98 ? 10  DT  B "C1'" 1 
ATOM   191 N N1    . DT  B 1 4 ? 0.148   -1.295  11.847  1.00 17.16 ? 10  DT  B N1    1 
ATOM   192 C C2    . DT  B 1 4 ? -1.124  -1.416  11.332  1.00 16.62 ? 10  DT  B C2    1 
ATOM   193 O O2    . DT  B 1 4 ? -1.706  -2.481  11.153  1.00 17.98 ? 10  DT  B O2    1 
ATOM   194 N N3    . DT  B 1 4 ? -1.765  -0.245  11.006  1.00 15.41 ? 10  DT  B N3    1 
ATOM   195 C C4    . DT  B 1 4 ? -1.269  1.010   11.175  1.00 14.81 ? 10  DT  B C4    1 
ATOM   196 O O4    . DT  B 1 4 ? -1.933  1.994   10.880  1.00 14.20 ? 10  DT  B O4    1 
ATOM   197 C C5    . DT  B 1 4 ? 0.087   1.075   11.740  1.00 16.01 ? 10  DT  B C5    1 
ATOM   198 C C7    . DT  B 1 4 ? 0.760   2.413   11.919  1.00 15.63 ? 10  DT  B C7    1 
ATOM   199 C C6    . DT  B 1 4 ? 0.738   -0.048  12.046  1.00 17.05 ? 10  DT  B C6    1 
ATOM   200 P P     . DC  B 1 5 ? 4.454   -5.714  11.259  1.00 27.91 ? 11  DC  B P     1 
ATOM   201 O OP1   . DC  B 1 5 ? 4.583   -7.186  11.585  1.00 27.48 ? 11  DC  B OP1   1 
ATOM   202 O OP2   . DC  B 1 5 ? 5.663   -4.912  11.481  1.00 27.21 ? 11  DC  B OP2   1 
ATOM   203 O "O5'" . DC  B 1 5 ? 3.836   -5.571  9.752   1.00 27.12 ? 11  DC  B "O5'" 1 
ATOM   204 C "C5'" . DC  B 1 5 ? 2.804   -6.503  9.381   1.00 24.95 ? 11  DC  B "C5'" 1 
ATOM   205 C "C4'" . DC  B 1 5 ? 1.912   -6.022  8.263   1.00 23.55 ? 11  DC  B "C4'" 1 
ATOM   206 O "O4'" . DC  B 1 5 ? 1.291   -4.789  8.649   1.00 23.75 ? 11  DC  B "O4'" 1 
ATOM   207 C "C3'" . DC  B 1 5 ? 2.672   -5.773  6.940   1.00 23.54 ? 11  DC  B "C3'" 1 
ATOM   208 O "O3'" . DC  B 1 5 ? 1.920   -6.267  5.806   1.00 23.65 ? 11  DC  B "O3'" 1 
ATOM   209 C "C2'" . DC  B 1 5 ? 2.780   -4.246  6.866   1.00 21.12 ? 11  DC  B "C2'" 1 
ATOM   210 C "C1'" . DC  B 1 5 ? 1.533   -3.854  7.584   1.00 19.18 ? 11  DC  B "C1'" 1 
ATOM   211 N N1    . DC  B 1 5 ? 1.513   -2.418  7.992   1.00 14.00 ? 11  DC  B N1    1 
ATOM   212 C C2    . DC  B 1 5 ? 0.260   -1.813  8.027   1.00 13.50 ? 11  DC  B C2    1 
ATOM   213 O O2    . DC  B 1 5 ? -0.768  -2.441  7.824   1.00 14.40 ? 11  DC  B O2    1 
ATOM   214 N N3    . DC  B 1 5 ? 0.197   -0.491  8.213   1.00 12.01 ? 11  DC  B N3    1 
ATOM   215 C C4    . DC  B 1 5 ? 1.286   0.266   8.475   1.00 12.13 ? 11  DC  B C4    1 
ATOM   216 N N4    . DC  B 1 5 ? 1.176   1.586   8.702   1.00 13.34 ? 11  DC  B N4    1 
ATOM   217 C C5    . DC  B 1 5 ? 2.572   -0.341  8.450   1.00 12.41 ? 11  DC  B C5    1 
ATOM   218 C C6    . DC  B 1 5 ? 2.640   -1.707  8.233   1.00 13.35 ? 11  DC  B C6    1 
ATOM   219 P P     . DG  B 1 6 ? 2.403   -7.538  4.977   1.00 23.80 ? 12  DG  B P     1 
ATOM   220 O OP1   . DG  B 1 6 ? 2.962   -8.586  5.905   1.00 24.68 ? 12  DG  B OP1   1 
ATOM   221 O OP2   . DG  B 1 6 ? 3.390   -7.057  3.976   1.00 24.76 ? 12  DG  B OP2   1 
ATOM   222 O "O5'" . DG  B 1 6 ? 1.077   -8.045  4.213   1.00 21.21 ? 12  DG  B "O5'" 1 
ATOM   223 C "C5'" . DG  B 1 6 ? 0.066   -7.046  3.916   1.00 18.35 ? 12  DG  B "C5'" 1 
ATOM   224 C "C4'" . DG  B 1 6 ? -0.792  -7.433  2.702   1.00 15.78 ? 12  DG  B "C4'" 1 
ATOM   225 O "O4'" . DG  B 1 6 ? -1.206  -6.232  2.005   1.00 12.76 ? 12  DG  B "O4'" 1 
ATOM   226 C "C3'" . DG  B 1 6 ? -0.080  -8.224  1.602   1.00 15.16 ? 12  DG  B "C3'" 1 
ATOM   227 O "O3'" . DG  B 1 6 ? -1.061  -8.825  0.718   1.00 18.39 ? 12  DG  B "O3'" 1 
ATOM   228 C "C2'" . DG  B 1 6 ? 0.679   -7.120  0.919   1.00 13.40 ? 12  DG  B "C2'" 1 
ATOM   229 C "C1'" . DG  B 1 6 ? -0.176  -5.851  1.063   1.00 10.86 ? 12  DG  B "C1'" 1 
ATOM   230 N N9    . DG  B 1 6 ? 0.708   -4.725  1.404   1.00 7.96  ? 12  DG  B N9    1 
ATOM   231 C C8    . DG  B 1 6 ? 1.992   -4.690  1.859   1.00 7.62  ? 12  DG  B C8    1 
ATOM   232 N N7    . DG  B 1 6 ? 2.525   -3.481  2.007   1.00 6.17  ? 12  DG  B N7    1 
ATOM   233 C C5    . DG  B 1 6 ? 1.460   -2.655  1.621   1.00 5.93  ? 12  DG  B C5    1 
ATOM   234 C C6    . DG  B 1 6 ? 1.381   -1.259  1.557   1.00 3.76  ? 12  DG  B C6    1 
ATOM   235 O O6    . DG  B 1 6 ? 2.289   -0.451  1.848   1.00 5.85  ? 12  DG  B O6    1 
ATOM   236 N N1    . DG  B 1 6 ? 0.141   -0.797  1.191   1.00 3.01  ? 12  DG  B N1    1 
ATOM   237 C C2    . DG  B 1 6 ? -0.888  -1.638  0.829   1.00 2.46  ? 12  DG  B C2    1 
ATOM   238 N N2    . DG  B 1 6 ? -2.029  -1.092  0.503   1.00 2.11  ? 12  DG  B N2    1 
ATOM   239 N N3    . DG  B 1 6 ? -0.867  -2.938  0.883   1.00 3.89  ? 12  DG  B N3    1 
ATOM   240 C C4    . DG  B 1 6 ? 0.325   -3.402  1.289   1.00 5.73  ? 12  DG  B C4    1 
ATOM   241 O "O5'" . DC  C 1 1 ? 10.014  -4.169  -20.825 1.00 25.37 ? 13  DC  C "O5'" 1 
ATOM   242 C "C5'" . DC  C 1 1 ? 10.926  -4.699  -21.834 1.00 23.66 ? 13  DC  C "C5'" 1 
ATOM   243 C "C4'" . DC  C 1 1 ? 12.033  -3.690  -22.215 1.00 22.85 ? 13  DC  C "C4'" 1 
ATOM   244 O "O4'" . DC  C 1 1 ? 11.788  -3.083  -23.472 1.00 20.24 ? 13  DC  C "O4'" 1 
ATOM   245 C "C3'" . DC  C 1 1 ? 12.290  -2.615  -21.134 1.00 22.92 ? 13  DC  C "C3'" 1 
ATOM   246 O "O3'" . DC  C 1 1 ? 13.680  -2.676  -20.708 1.00 27.39 ? 13  DC  C "O3'" 1 
ATOM   247 C "C2'" . DC  C 1 1 ? 11.990  -1.326  -21.841 1.00 20.28 ? 13  DC  C "C2'" 1 
ATOM   248 C "C1'" . DC  C 1 1 ? 11.709  -1.618  -23.306 1.00 15.51 ? 13  DC  C "C1'" 1 
ATOM   249 N N1    . DC  C 1 1 ? 10.327  -1.151  -23.662 1.00 10.29 ? 13  DC  C N1    1 
ATOM   250 C C2    . DC  C 1 1 ? 10.073  0.241   -23.616 1.00 6.24  ? 13  DC  C C2    1 
ATOM   251 O O2    . DC  C 1 1 ? 10.969  0.989   -23.194 1.00 8.58  ? 13  DC  C O2    1 
ATOM   252 N N3    . DC  C 1 1 ? 8.822   0.655   -23.961 1.00 4.69  ? 13  DC  C N3    1 
ATOM   253 C C4    . DC  C 1 1 ? 7.873   -0.186  -24.353 1.00 5.07  ? 13  DC  C C4    1 
ATOM   254 N N4    . DC  C 1 1 ? 6.682   0.278   -24.759 1.00 5.20  ? 13  DC  C N4    1 
ATOM   255 C C5    . DC  C 1 1 ? 8.151   -1.616  -24.479 1.00 6.55  ? 13  DC  C C5    1 
ATOM   256 C C6    . DC  C 1 1 ? 9.353   -2.033  -24.093 1.00 7.53  ? 13  DC  C C6    1 
ATOM   257 P P     . DG  C 1 2 ? 14.034  -3.443  -19.291 1.00 30.46 ? 14  DG  C P     1 
ATOM   258 O OP1   . DG  C 1 2 ? 15.548  -3.513  -19.246 1.00 31.16 ? 14  DG  C OP1   1 
ATOM   259 O OP2   . DG  C 1 2 ? 13.306  -4.752  -19.290 1.00 29.72 ? 14  DG  C OP2   1 
ATOM   260 O "O5'" . DG  C 1 2 ? 13.526  -2.528  -18.141 1.00 28.14 ? 14  DG  C "O5'" 1 
ATOM   261 C "C5'" . DG  C 1 2 ? 13.987  -1.138  -17.943 1.00 24.96 ? 14  DG  C "C5'" 1 
ATOM   262 C "C4'" . DG  C 1 2 ? 12.925  -0.491  -17.084 1.00 22.60 ? 14  DG  C "C4'" 1 
ATOM   263 O "O4'" . DG  C 1 2 ? 11.648  -0.557  -17.680 1.00 20.79 ? 14  DG  C "O4'" 1 
ATOM   264 C "C3'" . DG  C 1 2 ? 12.810  -1.143  -15.699 1.00 22.39 ? 14  DG  C "C3'" 1 
ATOM   265 O "O3'" . DG  C 1 2 ? 12.947  -0.103  -14.688 1.00 23.53 ? 14  DG  C "O3'" 1 
ATOM   266 C "C2'" . DG  C 1 2 ? 11.416  -1.772  -15.741 1.00 20.64 ? 14  DG  C "C2'" 1 
ATOM   267 C "C1'" . DG  C 1 2 ? 10.672  -0.765  -16.649 1.00 16.84 ? 14  DG  C "C1'" 1 
ATOM   268 N N9    . DG  C 1 2 ? 9.366   -1.267  -17.042 1.00 14.57 ? 14  DG  C N9    1 
ATOM   269 C C8    . DG  C 1 2 ? 8.942   -2.557  -17.331 1.00 12.22 ? 14  DG  C C8    1 
ATOM   270 N N7    . DG  C 1 2 ? 7.687   -2.606  -17.665 1.00 12.35 ? 14  DG  C N7    1 
ATOM   271 C C5    . DG  C 1 2 ? 7.223   -1.296  -17.640 1.00 10.68 ? 14  DG  C C5    1 
ATOM   272 C C6    . DG  C 1 2 ? 5.954   -0.751  -17.896 1.00 10.62 ? 14  DG  C C6    1 
ATOM   273 O O6    . DG  C 1 2 ? 4.927   -1.366  -18.208 1.00 13.61 ? 14  DG  C O6    1 
ATOM   274 N N1    . DG  C 1 2 ? 5.902   0.619   -17.729 1.00 8.74  ? 14  DG  C N1    1 
ATOM   275 C C2    . DG  C 1 2 ? 6.996   1.321   -17.387 1.00 9.10  ? 14  DG  C C2    1 
ATOM   276 N N2    . DG  C 1 2 ? 6.809   2.653   -17.240 1.00 8.15  ? 14  DG  C N2    1 
ATOM   277 N N3    . DG  C 1 2 ? 8.190   0.868   -17.092 1.00 10.23 ? 14  DG  C N3    1 
ATOM   278 C C4    . DG  C 1 2 ? 8.242   -0.502  -17.258 1.00 10.98 ? 14  DG  C C4    1 
ATOM   279 P P     . DA  C 1 3 ? 14.148  -0.035  -13.641 1.00 24.46 ? 15  DA  C P     1 
ATOM   280 O OP1   . DA  C 1 3 ? 15.487  0.072   -14.310 1.00 22.41 ? 15  DA  C OP1   1 
ATOM   281 O OP2   . DA  C 1 3 ? 13.963  -1.147  -12.686 1.00 25.19 ? 15  DA  C OP2   1 
ATOM   282 O "O5'" . DA  C 1 3 ? 13.778  1.391   -13.014 1.00 22.47 ? 15  DA  C "O5'" 1 
ATOM   283 C "C5'" . DA  C 1 3 ? 13.942  2.621   -13.769 1.00 19.17 ? 15  DA  C "C5'" 1 
ATOM   284 C "C4'" . DA  C 1 3 ? 12.997  3.671   -13.283 1.00 17.35 ? 15  DA  C "C4'" 1 
ATOM   285 O "O4'" . DA  C 1 3 ? 11.652  3.507   -13.798 1.00 16.34 ? 15  DA  C "O4'" 1 
ATOM   286 C "C3'" . DA  C 1 3 ? 12.861  3.655   -11.789 1.00 17.73 ? 15  DA  C "C3'" 1 
ATOM   287 O "O3'" . DA  C 1 3 ? 12.816  5.050   -11.421 1.00 20.26 ? 15  DA  C "O3'" 1 
ATOM   288 C "C2'" . DA  C 1 3 ? 11.575  2.855   -11.560 1.00 14.80 ? 15  DA  C "C2'" 1 
ATOM   289 C "C1'" . DA  C 1 3 ? 10.766  3.202   -12.747 1.00 13.97 ? 15  DA  C "C1'" 1 
ATOM   290 N N9    . DA  C 1 3 ? 9.889   2.031   -13.117 1.00 10.53 ? 15  DA  C N9    1 
ATOM   291 C C8    . DA  C 1 3 ? 10.163  0.723   -13.092 1.00 11.43 ? 15  DA  C C8    1 
ATOM   292 N N7    . DA  C 1 3 ? 9.170   -0.029  -13.434 1.00 10.40 ? 15  DA  C N7    1 
ATOM   293 C C5    . DA  C 1 3 ? 8.138   0.874   -13.690 1.00 8.68  ? 15  DA  C C5    1 
ATOM   294 C C6    . DA  C 1 3 ? 6.806   0.692   -14.035 1.00 8.19  ? 15  DA  C C6    1 
ATOM   295 N N6    . DA  C 1 3 ? 6.306   -0.507  -14.284 1.00 7.84  ? 15  DA  C N6    1 
ATOM   296 N N1    . DA  C 1 3 ? 6.101   1.844   -14.160 1.00 10.57 ? 15  DA  C N1    1 
ATOM   297 C C2    . DA  C 1 3 ? 6.601   3.044   -13.911 1.00 7.99  ? 15  DA  C C2    1 
ATOM   298 N N3    . DA  C 1 3 ? 7.880   3.279   -13.607 1.00 9.01  ? 15  DA  C N3    1 
ATOM   299 C C4    . DA  C 1 3 ? 8.586   2.126   -13.482 1.00 9.29  ? 15  DA  C C4    1 
ATOM   300 P P     . DT  C 1 4 ? 12.689  5.734   -9.999  1.00 20.17 ? 16  DT  C P     1 
ATOM   301 O OP1   . DT  C 1 4 ? 13.108  7.159   -10.092 1.00 22.79 ? 16  DT  C OP1   1 
ATOM   302 O OP2   . DT  C 1 4 ? 13.418  4.948   -8.991  1.00 20.43 ? 16  DT  C OP2   1 
ATOM   303 O "O5'" . DT  C 1 4 ? 11.106  5.694   -9.853  1.00 20.31 ? 16  DT  C "O5'" 1 
ATOM   304 C "C5'" . DT  C 1 4 ? 10.390  6.608   -10.760 1.00 17.40 ? 16  DT  C "C5'" 1 
ATOM   305 C "C4'" . DT  C 1 4 ? 8.954   6.733   -10.494 1.00 16.12 ? 16  DT  C "C4'" 1 
ATOM   306 O "O4'" . DT  C 1 4 ? 8.146   5.662   -10.944 1.00 16.73 ? 16  DT  C "O4'" 1 
ATOM   307 C "C3'" . DT  C 1 4 ? 8.598   6.869   -9.030  1.00 16.87 ? 16  DT  C "C3'" 1 
ATOM   308 O "O3'" . DT  C 1 4 ? 7.739   8.046   -8.895  1.00 17.40 ? 16  DT  C "O3'" 1 
ATOM   309 C "C2'" . DT  C 1 4 ? 7.936   5.568   -8.697  1.00 12.70 ? 16  DT  C "C2'" 1 
ATOM   310 C "C1'" . DT  C 1 4 ? 7.275   5.135   -9.992  1.00 11.65 ? 16  DT  C "C1'" 1 
ATOM   311 N N1    . DT  C 1 4 ? 7.165   3.673   -10.109 1.00 7.71  ? 16  DT  C N1    1 
ATOM   312 C C2    . DT  C 1 4 ? 6.013   3.080   -10.572 1.00 8.15  ? 16  DT  C C2    1 
ATOM   313 O O2    . DT  C 1 4 ? 4.997   3.762   -10.928 1.00 7.80  ? 16  DT  C O2    1 
ATOM   314 N N3    . DT  C 1 4 ? 5.986   1.709   -10.709 1.00 7.53  ? 16  DT  C N3    1 
ATOM   315 C C4    . DT  C 1 4 ? 7.031   0.933   -10.352 1.00 6.84  ? 16  DT  C C4    1 
ATOM   316 O O4    . DT  C 1 4 ? 6.930   -0.334  -10.560 1.00 10.05 ? 16  DT  C O4    1 
ATOM   317 C C5    . DT  C 1 4 ? 8.213   1.525   -9.880  1.00 6.59  ? 16  DT  C C5    1 
ATOM   318 C C7    . DT  C 1 4 ? 9.398   0.731   -9.422  1.00 4.79  ? 16  DT  C C7    1 
ATOM   319 C C6    . DT  C 1 4 ? 8.246   2.852   -9.772  1.00 7.56  ? 16  DT  C C6    1 
ATOM   320 P P     . DC  C 1 5 ? 7.596   9.030   -7.674  1.00 20.57 ? 17  DC  C P     1 
ATOM   321 O OP1   . DC  C 1 5 ? 7.162   10.350  -8.171  1.00 19.74 ? 17  DC  C OP1   1 
ATOM   322 O OP2   . DC  C 1 5 ? 8.850   8.988   -6.928  1.00 17.05 ? 17  DC  C OP2   1 
ATOM   323 O "O5'" . DC  C 1 5 ? 6.325   8.357   -6.923  1.00 18.31 ? 17  DC  C "O5'" 1 
ATOM   324 C "C5'" . DC  C 1 5 ? 5.066   8.442   -7.639  1.00 16.00 ? 17  DC  C "C5'" 1 
ATOM   325 C "C4'" . DC  C 1 5 ? 4.143   7.393   -6.977  1.00 12.64 ? 17  DC  C "C4'" 1 
ATOM   326 O "O4'" . DC  C 1 5 ? 4.426   6.144   -7.505  1.00 13.99 ? 17  DC  C "O4'" 1 
ATOM   327 C "C3'" . DC  C 1 5 ? 4.329   7.310   -5.411  1.00 13.27 ? 17  DC  C "C3'" 1 
ATOM   328 O "O3'" . DC  C 1 5 ? 3.140   7.234   -4.662  1.00 13.23 ? 17  DC  C "O3'" 1 
ATOM   329 C "C2'" . DC  C 1 5 ? 5.132   6.016   -5.295  1.00 10.53 ? 17  DC  C "C2'" 1 
ATOM   330 C "C1'" . DC  C 1 5 ? 4.731   5.239   -6.508  1.00 8.59  ? 17  DC  C "C1'" 1 
ATOM   331 N N1    . DC  C 1 5 ? 5.564   4.021   -6.683  1.00 5.21  ? 17  DC  C N1    1 
ATOM   332 C C2    . DC  C 1 5 ? 4.883   2.962   -7.314  1.00 2.27  ? 17  DC  C C2    1 
ATOM   333 O O2    . DC  C 1 5 ? 3.772   3.067   -7.839  1.00 2.51  ? 17  DC  C O2    1 
ATOM   334 N N3    . DC  C 1 5 ? 5.457   1.784   -7.320  1.00 3.39  ? 17  DC  C N3    1 
ATOM   335 C C4    . DC  C 1 5 ? 6.728   1.545   -6.894  1.00 2.09  ? 17  DC  C C4    1 
ATOM   336 N N4    . DC  C 1 5 ? 7.171   0.284   -6.950  1.00 2.91  ? 17  DC  C N4    1 
ATOM   337 C C5    . DC  C 1 5 ? 7.440   2.601   -6.253  1.00 2.18  ? 17  DC  C C5    1 
ATOM   338 C C6    . DC  C 1 5 ? 6.829   3.825   -6.228  1.00 3.25  ? 17  DC  C C6    1 
ATOM   339 P P     . DG  C 1 6 ? 2.331   8.549   -4.105  1.00 12.50 ? 18  DG  C P     1 
ATOM   340 O OP1   . DG  C 1 6 ? 2.479   9.706   -5.042  1.00 18.63 ? 18  DG  C OP1   1 
ATOM   341 O OP2   . DG  C 1 6 ? 2.805   8.705   -2.730  1.00 15.78 ? 18  DG  C OP2   1 
ATOM   342 O "O5'" . DG  C 1 6 ? 0.809   8.065   -4.148  1.00 13.68 ? 18  DG  C "O5'" 1 
ATOM   343 C "C5'" . DG  C 1 6 ? 0.158   7.521   -5.283  1.00 14.29 ? 18  DG  C "C5'" 1 
ATOM   344 C "C4'" . DG  C 1 6 ? -1.170  6.889   -4.883  1.00 13.09 ? 18  DG  C "C4'" 1 
ATOM   345 O "O4'" . DG  C 1 6 ? -1.051  5.581   -4.377  1.00 13.85 ? 18  DG  C "O4'" 1 
ATOM   346 C "C3'" . DG  C 1 6 ? -1.892  7.631   -3.764  1.00 12.70 ? 18  DG  C "C3'" 1 
ATOM   347 O "O3'" . DG  C 1 6 ? -3.291  7.576   -3.978  1.00 16.11 ? 18  DG  C "O3'" 1 
ATOM   348 C "C2'" . DG  C 1 6 ? -1.457  6.875   -2.487  1.00 12.46 ? 18  DG  C "C2'" 1 
ATOM   349 C "C1'" . DG  C 1 6 ? -1.341  5.443   -2.973  1.00 9.27  ? 18  DG  C "C1'" 1 
ATOM   350 N N9    . DG  C 1 6 ? -0.179  4.689   -2.436  1.00 7.41  ? 18  DG  C N9    1 
ATOM   351 C C8    . DG  C 1 6 ? 1.037   5.144   -1.993  1.00 3.26  ? 18  DG  C C8    1 
ATOM   352 N N7    . DG  C 1 6 ? 1.868   4.196   -1.667  1.00 3.63  ? 18  DG  C N7    1 
ATOM   353 C C5    . DG  C 1 6 ? 1.116   3.003   -1.887  1.00 2.29  ? 18  DG  C C5    1 
ATOM   354 C C6    . DG  C 1 6 ? 1.513   1.674   -1.712  1.00 2.30  ? 18  DG  C C6    1 
ATOM   355 O O6    . DG  C 1 6 ? 2.573   1.263   -1.316  1.00 4.60  ? 18  DG  C O6    1 
ATOM   356 N N1    . DG  C 1 6 ? 0.474   0.785   -2.053  1.00 2.25  ? 18  DG  C N1    1 
ATOM   357 C C2    . DG  C 1 6 ? -0.743  1.209   -2.499  1.00 2.00  ? 18  DG  C C2    1 
ATOM   358 N N2    . DG  C 1 6 ? -1.635  0.260   -2.770  1.00 2.47  ? 18  DG  C N2    1 
ATOM   359 N N3    . DG  C 1 6 ? -1.113  2.445   -2.674  1.00 3.29  ? 18  DG  C N3    1 
ATOM   360 C C4    . DG  C 1 6 ? -0.106  3.336   -2.342  1.00 4.19  ? 18  DG  C C4    1 
ATOM   361 O "O5'" . DC  D 1 1 ? 2.466   -7.494  -2.336  1.00 18.49 ? 19  DC  D "O5'" 1 
ATOM   362 C "C5'" . DC  D 1 1 ? 1.955   -7.603  -3.692  1.00 17.23 ? 19  DC  D "C5'" 1 
ATOM   363 C "C4'" . DC  D 1 1 ? 0.459   -7.304  -3.736  1.00 17.18 ? 19  DC  D "C4'" 1 
ATOM   364 O "O4'" . DC  D 1 1 ? 0.011   -6.473  -2.687  1.00 13.81 ? 19  DC  D "O4'" 1 
ATOM   365 C "C3'" . DC  D 1 1 ? 0.052   -6.641  -5.014  1.00 17.46 ? 19  DC  D "C3'" 1 
ATOM   366 O "O3'" . DC  D 1 1 ? -1.309  -6.956  -5.408  1.00 20.80 ? 19  DC  D "O3'" 1 
ATOM   367 C "C2'" . DC  D 1 1 ? 0.073   -5.160  -4.616  1.00 15.57 ? 19  DC  D "C2'" 1 
ATOM   368 C "C1'" . DC  D 1 1 ? -0.210  -5.127  -3.083  1.00 11.71 ? 19  DC  D "C1'" 1 
ATOM   369 N N1    . DC  D 1 1 ? 0.767   -4.166  -2.530  1.00 6.81  ? 19  DC  D N1    1 
ATOM   370 C C2    . DC  D 1 1 ? 0.349   -2.865  -2.435  1.00 2.97  ? 19  DC  D C2    1 
ATOM   371 O O2    . DC  D 1 1 ? -0.780  -2.552  -2.750  1.00 5.65  ? 19  DC  D O2    1 
ATOM   372 N N3    . DC  D 1 1 ? 1.244   -1.982  -1.974  1.00 4.15  ? 19  DC  D N3    1 
ATOM   373 C C4    . DC  D 1 1 ? 2.464   -2.315  -1.517  1.00 2.00  ? 19  DC  D C4    1 
ATOM   374 N N4    . DC  D 1 1 ? 3.322   -1.387  -1.036  1.00 2.04  ? 19  DC  D N4    1 
ATOM   375 C C5    . DC  D 1 1 ? 2.889   -3.660  -1.644  1.00 2.00  ? 19  DC  D C5    1 
ATOM   376 C C6    . DC  D 1 1 ? 2.025   -4.544  -2.095  1.00 5.80  ? 19  DC  D C6    1 
ATOM   377 P P     . DG  D 1 2 ? -1.543  -7.764  -6.821  1.00 21.42 ? 20  DG  D P     1 
ATOM   378 O OP1   . DG  D 1 2 ? -2.818  -8.517  -6.612  1.00 23.63 ? 20  DG  D OP1   1 
ATOM   379 O OP2   . DG  D 1 2 ? -0.319  -8.568  -7.137  1.00 23.67 ? 20  DG  D OP2   1 
ATOM   380 O "O5'" . DG  D 1 2 ? -1.733  -6.624  -7.899  1.00 20.24 ? 20  DG  D "O5'" 1 
ATOM   381 C "C5'" . DG  D 1 2 ? -2.529  -5.451  -7.743  1.00 19.53 ? 20  DG  D "C5'" 1 
ATOM   382 C "C4'" . DG  D 1 2 ? -2.050  -4.314  -8.628  1.00 15.89 ? 20  DG  D "C4'" 1 
ATOM   383 O "O4'" . DG  D 1 2 ? -0.816  -3.776  -8.115  1.00 15.54 ? 20  DG  D "O4'" 1 
ATOM   384 C "C3'" . DG  D 1 2 ? -1.774  -4.821  -10.041 1.00 16.50 ? 20  DG  D "C3'" 1 
ATOM   385 O "O3'" . DG  D 1 2 ? -2.306  -3.867  -10.967 1.00 20.09 ? 20  DG  D "O3'" 1 
ATOM   386 C "C2'" . DG  D 1 2 ? -0.234  -4.838  -10.066 1.00 14.69 ? 20  DG  D "C2'" 1 
ATOM   387 C "C1'" . DG  D 1 2 ? 0.072   -3.604  -9.206  1.00 9.70  ? 20  DG  D "C1'" 1 
ATOM   388 N N9    . DG  D 1 2 ? 1.478   -3.524  -8.791  1.00 7.33  ? 20  DG  D N9    1 
ATOM   389 C C8    . DG  D 1 2 ? 2.443   -4.513  -8.565  1.00 5.90  ? 20  DG  D C8    1 
ATOM   390 N N7    . DG  D 1 2 ? 3.618   -4.092  -8.222  1.00 6.05  ? 20  DG  D N7    1 
ATOM   391 C C5    . DG  D 1 2 ? 3.460   -2.697  -8.256  1.00 2.02  ? 20  DG  D C5    1 
ATOM   392 C C6    . DG  D 1 2 ? 4.379   -1.695  -8.056  1.00 2.28  ? 20  DG  D C6    1 
ATOM   393 O O6    . DG  D 1 2 ? 5.546   -1.828  -7.711  1.00 4.95  ? 20  DG  D O6    1 
ATOM   394 N N1    . DG  D 1 2 ? 3.812   -0.413  -8.151  1.00 2.00  ? 20  DG  D N1    1 
ATOM   395 C C2    . DG  D 1 2 ? 2.555   -0.181  -8.516  1.00 2.00  ? 20  DG  D C2    1 
ATOM   396 N N2    . DG  D 1 2 ? 2.120   1.048   -8.601  1.00 4.77  ? 20  DG  D N2    1 
ATOM   397 N N3    . DG  D 1 2 ? 1.646   -1.135  -8.737  1.00 2.86  ? 20  DG  D N3    1 
ATOM   398 C C4    . DG  D 1 2 ? 2.168   -2.327  -8.591  1.00 3.14  ? 20  DG  D C4    1 
ATOM   399 P P     . DA  D 1 3 ? -3.216  -4.202  -12.223 1.00 18.49 ? 21  DA  D P     1 
ATOM   400 O OP1   . DA  D 1 3 ? -4.576  -4.685  -11.904 1.00 20.73 ? 21  DA  D OP1   1 
ATOM   401 O OP2   . DA  D 1 3 ? -2.339  -5.125  -13.000 1.00 20.36 ? 21  DA  D OP2   1 
ATOM   402 O "O5'" . DA  D 1 3 ? -3.382  -2.739  -12.870 1.00 21.90 ? 21  DA  D "O5'" 1 
ATOM   403 C "C5'" . DA  D 1 3 ? -4.256  -1.803  -12.202 1.00 20.75 ? 21  DA  D "C5'" 1 
ATOM   404 C "C4'" . DA  D 1 3 ? -3.611  -0.439  -12.254 1.00 20.27 ? 21  DA  D "C4'" 1 
ATOM   405 O "O4'" . DA  D 1 3 ? -2.307  -0.466  -11.658 1.00 19.95 ? 21  DA  D "O4'" 1 
ATOM   406 C "C3'" . DA  D 1 3 ? -3.456  0.033   -13.700 1.00 22.61 ? 21  DA  D "C3'" 1 
ATOM   407 O "O3'" . DA  D 1 3 ? -4.043  1.366   -13.826 1.00 25.20 ? 21  DA  D "O3'" 1 
ATOM   408 C "C2'" . DA  D 1 3 ? -1.964  -0.054  -13.916 1.00 20.33 ? 21  DA  D "C2'" 1 
ATOM   409 C "C1'" . DA  D 1 3 ? -1.311  0.051   -12.570 1.00 14.92 ? 21  DA  D "C1'" 1 
ATOM   410 N N9    . DA  D 1 3 ? 0.000   -0.662  -12.484 1.00 10.88 ? 21  DA  D N9    1 
ATOM   411 C C8    . DA  D 1 3 ? 0.361   -2.001  -12.631 1.00 7.89  ? 21  DA  D C8    1 
ATOM   412 N N7    . DA  D 1 3 ? 1.644   -2.259  -12.456 1.00 8.78  ? 21  DA  D N7    1 
ATOM   413 C C5    . DA  D 1 3 ? 2.146   -0.981  -12.086 1.00 7.54  ? 21  DA  D C5    1 
ATOM   414 C C6    . DA  D 1 3 ? 3.481   -0.560  -11.803 1.00 8.05  ? 21  DA  D C6    1 
ATOM   415 N N6    . DA  D 1 3 ? 4.577   -1.311  -11.707 1.00 8.30  ? 21  DA  D N6    1 
ATOM   416 N N1    . DA  D 1 3 ? 3.592   0.755   -11.615 1.00 5.83  ? 21  DA  D N1    1 
ATOM   417 C C2    . DA  D 1 3 ? 2.547   1.587   -11.631 1.00 4.60  ? 21  DA  D C2    1 
ATOM   418 N N3    . DA  D 1 3 ? 1.289   1.301   -11.905 1.00 8.50  ? 21  DA  D N3    1 
ATOM   419 C C4    . DA  D 1 3 ? 1.153   -0.055  -12.132 1.00 8.63  ? 21  DA  D C4    1 
ATOM   420 P P     . DT  D 1 4 ? -4.316  1.999   -15.314 1.00 27.29 ? 22  DT  D P     1 
ATOM   421 O OP1   . DT  D 1 4 ? -5.443  2.966   -15.259 1.00 25.48 ? 22  DT  D OP1   1 
ATOM   422 O OP2   . DT  D 1 4 ? -4.459  0.856   -16.223 1.00 28.59 ? 22  DT  D OP2   1 
ATOM   423 O "O5'" . DT  D 1 4 ? -2.919  2.797   -15.563 1.00 24.92 ? 22  DT  D "O5'" 1 
ATOM   424 C "C5'" . DT  D 1 4 ? -2.665  3.939   -14.671 1.00 21.33 ? 22  DT  D "C5'" 1 
ATOM   425 C "C4'" . DT  D 1 4 ? -1.196  4.409   -14.900 1.00 19.25 ? 22  DT  D "C4'" 1 
ATOM   426 O "O4'" . DT  D 1 4 ? -0.240  3.451   -14.533 1.00 16.79 ? 22  DT  D "O4'" 1 
ATOM   427 C "C3'" . DT  D 1 4 ? -0.913  4.736   -16.345 1.00 20.65 ? 22  DT  D "C3'" 1 
ATOM   428 O "O3'" . DT  D 1 4 ? -1.165  6.152   -16.520 1.00 25.37 ? 22  DT  D "O3'" 1 
ATOM   429 C "C2'" . DT  D 1 4 ? 0.483   4.285   -16.570 1.00 18.22 ? 22  DT  D "C2'" 1 
ATOM   430 C "C1'" . DT  D 1 4 ? 0.957   3.708   -15.263 1.00 12.93 ? 22  DT  D "C1'" 1 
ATOM   431 N N1    . DT  D 1 4 ? 1.658   2.397   -15.378 1.00 9.43  ? 22  DT  D N1    1 
ATOM   432 C C2    . DT  D 1 4 ? 2.955   2.345   -14.983 1.00 7.86  ? 22  DT  D C2    1 
ATOM   433 O O2    . DT  D 1 4 ? 3.593   3.290   -14.572 1.00 10.48 ? 22  DT  D O2    1 
ATOM   434 N N3    . DT  D 1 4 ? 3.565   1.121   -15.008 1.00 8.87  ? 22  DT  D N3    1 
ATOM   435 C C4    . DT  D 1 4 ? 2.989   -0.056  -15.448 1.00 7.24  ? 22  DT  D C4    1 
ATOM   436 O O4    . DT  D 1 4 ? 3.743   -1.059  -15.433 1.00 6.35  ? 22  DT  D O4    1 
ATOM   437 C C5    . DT  D 1 4 ? 1.656   0.054   -15.934 1.00 7.19  ? 22  DT  D C5    1 
ATOM   438 C C7    . DT  D 1 4 ? 0.913   -1.157  -16.404 1.00 6.42  ? 22  DT  D C7    1 
ATOM   439 C C6    . DT  D 1 4 ? 1.030   1.275   -15.859 1.00 8.14  ? 22  DT  D C6    1 
ATOM   440 P P     . DC  D 1 5 ? -1.638  6.740   -17.937 1.00 27.45 ? 23  DC  D P     1 
ATOM   441 O OP1   . DC  D 1 5 ? -2.291  8.054   -17.862 1.00 26.34 ? 23  DC  D OP1   1 
ATOM   442 O OP2   . DC  D 1 5 ? -2.422  5.642   -18.579 1.00 26.12 ? 23  DC  D OP2   1 
ATOM   443 O "O5'" . DC  D 1 5 ? -0.178  6.893   -18.646 1.00 26.93 ? 23  DC  D "O5'" 1 
ATOM   444 C "C5'" . DC  D 1 5 ? 0.750   7.851   -18.054 1.00 24.79 ? 23  DC  D "C5'" 1 
ATOM   445 C "C4'" . DC  D 1 5 ? 2.141   7.534   -18.661 1.00 21.76 ? 23  DC  D "C4'" 1 
ATOM   446 O "O4'" . DC  D 1 5 ? 2.611   6.303   -18.145 1.00 20.95 ? 23  DC  D "O4'" 1 
ATOM   447 C "C3'" . DC  D 1 5 ? 2.151   7.559   -20.197 1.00 21.32 ? 23  DC  D "C3'" 1 
ATOM   448 O "O3'" . DC  D 1 5 ? 3.269   8.258   -20.687 1.00 23.67 ? 23  DC  D "O3'" 1 
ATOM   449 C "C2'" . DC  D 1 5 ? 2.176   6.069   -20.523 1.00 19.32 ? 23  DC  D "C2'" 1 
ATOM   450 C "C1'" . DC  D 1 5 ? 2.863   5.451   -19.346 1.00 17.34 ? 23  DC  D "C1'" 1 
ATOM   451 N N1    . DC  D 1 5 ? 2.632   4.012   -19.192 1.00 13.17 ? 23  DC  D N1    1 
ATOM   452 C C2    . DC  D 1 5 ? 3.622   3.344   -18.536 1.00 12.09 ? 23  DC  D C2    1 
ATOM   453 O O2    . DC  D 1 5 ? 4.535   3.939   -17.982 1.00 13.22 ? 23  DC  D O2    1 
ATOM   454 N N3    . DC  D 1 5 ? 3.522   1.999   -18.442 1.00 10.39 ? 23  DC  D N3    1 
ATOM   455 C C4    . DC  D 1 5 ? 2.495   1.316   -18.985 1.00 11.19 ? 23  DC  D C4    1 
ATOM   456 N N4    . DC  D 1 5 ? 2.490   -0.025  -18.971 1.00 12.78 ? 23  DC  D N4    1 
ATOM   457 C C5    . DC  D 1 5 ? 1.442   1.989   -19.662 1.00 10.85 ? 23  DC  D C5    1 
ATOM   458 C C6    . DC  D 1 5 ? 1.573   3.332   -19.745 1.00 13.07 ? 23  DC  D C6    1 
ATOM   459 P P     . DG  D 1 6 ? 3.365   9.816   -21.042 1.00 23.87 ? 24  DG  D P     1 
ATOM   460 O OP1   . DG  D 1 6 ? 2.779   10.596  -19.902 1.00 23.75 ? 24  DG  D OP1   1 
ATOM   461 O OP2   . DG  D 1 6 ? 2.654   10.033  -22.349 1.00 23.13 ? 24  DG  D OP2   1 
ATOM   462 O "O5'" . DG  D 1 6 ? 4.929   10.133  -21.169 1.00 21.32 ? 24  DG  D "O5'" 1 
ATOM   463 C "C5'" . DG  D 1 6 ? 5.934   9.243   -20.612 1.00 16.56 ? 24  DG  D "C5'" 1 
ATOM   464 C "C4'" . DG  D 1 6 ? 7.351   9.553   -21.040 1.00 13.92 ? 24  DG  D "C4'" 1 
ATOM   465 O "O4'" . DG  D 1 6 ? 8.000   8.384   -21.607 1.00 13.14 ? 24  DG  D "O4'" 1 
ATOM   466 C "C3'" . DG  D 1 6 ? 7.582   10.587  -22.156 1.00 12.43 ? 24  DG  D "C3'" 1 
ATOM   467 O "O3'" . DG  D 1 6 ? 8.930   11.078  -22.113 1.00 13.64 ? 24  DG  D "O3'" 1 
ATOM   468 C "C2'" . DG  D 1 6 ? 7.361   9.759   -23.399 1.00 12.25 ? 24  DG  D "C2'" 1 
ATOM   469 C "C1'" . DG  D 1 6 ? 7.946   8.404   -23.052 1.00 8.12  ? 24  DG  D "C1'" 1 
ATOM   470 N N9    . DG  D 1 6 ? 7.095   7.285   -23.493 1.00 4.10  ? 24  DG  D N9    1 
ATOM   471 C C8    . DG  D 1 6 ? 5.757   7.293   -23.878 1.00 2.00  ? 24  DG  D C8    1 
ATOM   472 N N7    . DG  D 1 6 ? 5.320   6.100   -24.217 1.00 3.52  ? 24  DG  D N7    1 
ATOM   473 C C5    . DG  D 1 6 ? 6.404   5.290   -23.991 1.00 3.84  ? 24  DG  D C5    1 
ATOM   474 C C6    . DG  D 1 6 ? 6.573   3.873   -24.208 1.00 2.02  ? 24  DG  D C6    1 
ATOM   475 O O6    . DG  D 1 6 ? 5.728   3.073   -24.589 1.00 6.23  ? 24  DG  D O6    1 
ATOM   476 N N1    . DG  D 1 6 ? 7.830   3.416   -23.892 1.00 2.07  ? 24  DG  D N1    1 
ATOM   477 C C2    . DG  D 1 6 ? 8.848   4.209   -23.509 1.00 2.00  ? 24  DG  D C2    1 
ATOM   478 N N2    . DG  D 1 6 ? 9.989   3.663   -23.184 1.00 2.00  ? 24  DG  D N2    1 
ATOM   479 N N3    . DG  D 1 6 ? 8.706   5.532   -23.293 1.00 2.13  ? 24  DG  D N3    1 
ATOM   480 C C4    . DG  D 1 6 ? 7.482   5.987   -23.599 1.00 2.09  ? 24  DG  D C4    1 
HETATM 481 C C1    . DM5 E 2 . ? -10.956 0.746   19.215  1.00 2.33  ? 25  DM5 A C1    1 
HETATM 482 C C2    . DM5 E 2 . ? -12.171 0.145   18.843  1.00 2.74  ? 25  DM5 A C2    1 
HETATM 483 C C3    . DM5 E 2 . ? -12.333 -1.251  18.574  1.00 2.43  ? 25  DM5 A C3    1 
HETATM 484 C C4    . DM5 E 2 . ? -11.178 -2.097  18.681  1.00 2.58  ? 25  DM5 A C4    1 
HETATM 485 C C5    . DM5 E 2 . ? -9.969  -1.454  19.084  1.00 2.47  ? 25  DM5 A C5    1 
HETATM 486 C C6    . DM5 E 2 . ? -8.783  -2.302  19.199  1.00 3.41  ? 25  DM5 A C6    1 
HETATM 487 O O6    . DM5 E 2 . ? -8.886  -3.581  19.102  1.00 2.45  ? 25  DM5 A O6    1 
HETATM 488 C C7    . DM5 E 2 . ? -7.568  -1.701  19.573  1.00 2.58  ? 25  DM5 A C7    1 
HETATM 489 C C8    . DM5 E 2 . ? -6.420  -2.505  19.708  1.00 3.02  ? 25  DM5 A C8    1 
HETATM 490 O O8    . DM5 E 2 . ? -6.425  -3.767  19.421  1.00 3.79  ? 25  DM5 A O8    1 
HETATM 491 C C9    . DM5 E 2 . ? -5.237  -1.913  20.181  1.00 5.68  ? 25  DM5 A C9    1 
HETATM 492 C C10   . DM5 E 2 . ? -4.043  -2.872  20.458  1.00 8.82  ? 25  DM5 A C10   1 
HETATM 493 O O10   . DM5 E 2 . ? -3.792  -3.432  19.116  1.00 12.85 ? 25  DM5 A O10   1 
HETATM 494 C C11   . DM5 E 2 . ? -2.864  -2.158  21.082  1.00 8.88  ? 25  DM5 A C11   1 
HETATM 495 C C12   . DM5 E 2 . ? -2.638  -0.731  20.617  1.00 9.35  ? 25  DM5 A C12   1 
HETATM 496 O O12   . DM5 E 2 . ? -2.217  -0.646  19.223  1.00 11.68 ? 25  DM5 A O12   1 
HETATM 497 C C13   . DM5 E 2 . ? -1.521  -0.079  21.410  1.00 9.37  ? 25  DM5 A C13   1 
HETATM 498 O O13   . DM5 E 2 . ? -1.914  0.564   22.461  1.00 10.53 ? 25  DM5 A O13   1 
HETATM 499 C C14   . DM5 E 2 . ? -0.081  -0.564  21.476  1.00 11.50 ? 25  DM5 A C14   1 
HETATM 500 C C15   . DM5 E 2 . ? -3.957  0.080   20.902  1.00 5.11  ? 25  DM5 A C15   1 
HETATM 501 C C16   . DM5 E 2 . ? -5.110  -0.593  20.319  1.00 5.16  ? 25  DM5 A C16   1 
HETATM 502 C C17   . DM5 E 2 . ? -6.243  0.203   20.244  1.00 3.28  ? 25  DM5 A C17   1 
HETATM 503 O O17   . DM5 E 2 . ? -6.138  1.561   20.461  1.00 2.86  ? 25  DM5 A O17   1 
HETATM 504 C C18   . DM5 E 2 . ? -7.469  -0.300  19.819  1.00 2.75  ? 25  DM5 A C18   1 
HETATM 505 C C19   . DM5 E 2 . ? -8.648  0.506   19.674  1.00 3.55  ? 25  DM5 A C19   1 
HETATM 506 O O19   . DM5 E 2 . ? -8.610  1.778   19.861  1.00 3.56  ? 25  DM5 A O19   1 
HETATM 507 C C20   . DM5 E 2 . ? -9.858  -0.139  19.271  1.00 2.62  ? 25  DM5 A C20   1 
HETATM 508 C "C1'" . DM5 E 2 . ? -2.971  -4.551  18.890  1.00 14.66 ? 25  DM5 A "C1'" 1 
HETATM 509 C "C2'" . DM5 E 2 . ? -3.623  -5.320  17.707  1.00 15.73 ? 25  DM5 A "C2'" 1 
HETATM 510 C "C3'" . DM5 E 2 . ? -3.497  -4.541  16.421  1.00 17.51 ? 25  DM5 A "C3'" 1 
HETATM 511 N "N3'" . DM5 E 2 . ? -4.050  -5.360  15.238  1.00 19.20 ? 25  DM5 A "N3'" 1 
HETATM 512 C "C4'" . DM5 E 2 . ? -1.960  -4.491  16.205  1.00 17.46 ? 25  DM5 A "C4'" 1 
HETATM 513 O "O4'" . DM5 E 2 . ? -1.430  -5.637  15.908  1.00 20.04 ? 25  DM5 A "O4'" 1 
HETATM 514 C "C5'" . DM5 E 2 . ? -1.311  -3.667  17.308  1.00 16.72 ? 25  DM5 A "C5'" 1 
HETATM 515 O "O5'" . DM5 E 2 . ? -1.593  -4.209  18.592  1.00 17.08 ? 25  DM5 A "O5'" 1 
HETATM 516 C "C6'" . DM5 E 2 . ? 0.129   -3.476  17.101  1.00 16.59 ? 25  DM5 A "C6'" 1 
HETATM 517 N N1    . SPM F 3 . ? -12.323 2.021   10.480  1.00 36.51 ? 29  SPM A N1    1 
HETATM 518 C C2    . SPM F 3 . ? -13.639 1.313   10.287  1.00 36.10 ? 29  SPM A C2    1 
HETATM 519 C C3    . SPM F 3 . ? -13.578 -0.247  10.583  1.00 36.79 ? 29  SPM A C3    1 
HETATM 520 C C4    . SPM F 3 . ? -13.499 -0.597  12.089  1.00 36.48 ? 29  SPM A C4    1 
HETATM 521 N N5    . SPM F 3 . ? -14.027 -1.951  12.432  1.00 36.43 ? 29  SPM A N5    1 
HETATM 522 C C6    . SPM F 3 . ? -13.092 -3.049  11.966  1.00 35.66 ? 29  SPM A C6    1 
HETATM 523 C C7    . SPM F 3 . ? -12.246 -3.668  13.084  1.00 35.92 ? 29  SPM A C7    1 
HETATM 524 C C8    . SPM F 3 . ? -13.025 -4.654  13.967  1.00 34.91 ? 29  SPM A C8    1 
HETATM 525 C C9    . SPM F 3 . ? -12.457 -6.070  14.022  1.00 35.86 ? 29  SPM A C9    1 
HETATM 526 N N10   . SPM F 3 . ? -11.516 -6.324  15.150  1.00 36.96 ? 29  SPM A N10   1 
HETATM 527 C C11   . SPM F 3 . ? -11.646 -7.678  15.765  1.00 35.05 ? 29  SPM A C11   1 
HETATM 528 C C12   . SPM F 3 . ? -11.330 -7.668  17.271  1.00 34.77 ? 29  SPM A C12   1 
HETATM 529 C C13   . SPM F 3 . ? -11.027 -9.081  17.827  1.00 35.25 ? 29  SPM A C13   1 
HETATM 530 N N14   . SPM F 3 . ? -10.804 -9.064  19.302  1.00 34.89 ? 29  SPM A N14   1 
HETATM 531 C C1    . DM5 G 2 . ? 1.933   3.006   5.079   1.00 4.93  ? 26  DM5 B C1    1 
HETATM 532 C C2    . DM5 G 2 . ? 3.311   2.965   5.333   1.00 2.75  ? 26  DM5 B C2    1 
HETATM 533 C C3    . DM5 G 2 . ? 4.024   1.769   5.429   1.00 4.02  ? 26  DM5 B C3    1 
HETATM 534 C C4    . DM5 G 2 . ? 3.354   0.523   5.260   1.00 2.51  ? 26  DM5 B C4    1 
HETATM 535 C C5    . DM5 G 2 . ? 1.971   0.606   5.034   1.00 3.40  ? 26  DM5 B C5    1 
HETATM 536 C C6    . DM5 G 2 . ? 1.238   -0.636  4.845   1.00 3.28  ? 26  DM5 B C6    1 
HETATM 537 O O6    . DM5 G 2 . ? 1.821   -1.767  4.820   1.00 5.00  ? 26  DM5 B O6    1 
HETATM 538 C C7    . DM5 G 2 . ? -0.171  -0.593  4.581   1.00 3.02  ? 26  DM5 B C7    1 
HETATM 539 C C8    . DM5 G 2 . ? -0.862  -1.789  4.381   1.00 5.28  ? 26  DM5 B C8    1 
HETATM 540 O O8    . DM5 G 2 . ? -0.201  -2.933  4.436   1.00 5.44  ? 26  DM5 B O8    1 
HETATM 541 C C9    . DM5 G 2 . ? -2.173  -1.730  3.926   1.00 7.05  ? 26  DM5 B C9    1 
HETATM 542 C C10   . DM5 G 2 . ? -2.939  -3.049  3.606   1.00 11.21 ? 26  DM5 B C10   1 
HETATM 543 O O10   . DM5 G 2 . ? -2.816  -3.702  4.902   1.00 14.86 ? 26  DM5 B O10   1 
HETATM 544 C C11   . DM5 G 2 . ? -4.353  -2.805  3.190   1.00 10.49 ? 26  DM5 B C11   1 
HETATM 545 C C12   . DM5 G 2 . ? -5.051  -1.639  3.797   1.00 10.87 ? 26  DM5 B C12   1 
HETATM 546 O O12   . DM5 G 2 . ? -5.159  -1.749  5.293   1.00 12.87 ? 26  DM5 B O12   1 
HETATM 547 C C13   . DM5 G 2 . ? -6.514  -1.397  3.422   1.00 10.22 ? 26  DM5 B C13   1 
HETATM 548 O O13   . DM5 G 2 . ? -6.576  -0.761  2.255   1.00 13.87 ? 26  DM5 B O13   1 
HETATM 549 C C14   . DM5 G 2 . ? -7.659  -2.429  3.591   1.00 13.50 ? 26  DM5 B C14   1 
HETATM 550 C C15   . DM5 G 2 . ? -4.248  -0.343  3.454   1.00 7.94  ? 26  DM5 B C15   1 
HETATM 551 C C16   . DM5 G 2 . ? -2.838  -0.533  3.790   1.00 5.76  ? 26  DM5 B C16   1 
HETATM 552 C C17   . DM5 G 2 . ? -2.182  0.643   4.200   1.00 3.31  ? 26  DM5 B C17   1 
HETATM 553 O O17   . DM5 G 2 . ? -2.797  1.855   3.914   1.00 6.71  ? 26  DM5 B O17   1 
HETATM 554 C C18   . DM5 G 2 . ? -0.848  0.691   4.505   1.00 3.04  ? 26  DM5 B C18   1 
HETATM 555 C C19   . DM5 G 2 . ? -0.110  1.890   4.664   1.00 2.05  ? 26  DM5 B C19   1 
HETATM 556 O O19   . DM5 G 2 . ? -0.674  3.038   4.529   1.00 5.33  ? 26  DM5 B O19   1 
HETATM 557 C C20   . DM5 G 2 . ? 1.258   1.802   4.939   1.00 3.20  ? 26  DM5 B C20   1 
HETATM 558 C "C1'" . DM5 G 2 . ? -2.911  -5.103  5.076   1.00 17.82 ? 26  DM5 B "C1'" 1 
HETATM 559 C "C2'" . DM5 G 2 . ? -1.997  -5.409  6.274   1.00 18.06 ? 26  DM5 B "C2'" 1 
HETATM 560 C "C3'" . DM5 G 2 . ? -2.620  -4.876  7.575   1.00 18.91 ? 26  DM5 B "C3'" 1 
HETATM 561 N "N3'" . DM5 G 2 . ? -1.860  -5.091  8.842   1.00 18.72 ? 26  DM5 B "N3'" 1 
HETATM 562 C "C4'" . DM5 G 2 . ? -3.962  -5.569  7.684   1.00 20.06 ? 26  DM5 B "C4'" 1 
HETATM 563 O "O4'" . DM5 G 2 . ? -3.879  -6.818  8.099   1.00 22.36 ? 26  DM5 B "O4'" 1 
HETATM 564 C "C5'" . DM5 G 2 . ? -4.888  -5.176  6.546   1.00 19.54 ? 26  DM5 B "C5'" 1 
HETATM 565 O "O5'" . DM5 G 2 . ? -4.300  -5.573  5.275   1.00 19.59 ? 26  DM5 B "O5'" 1 
HETATM 566 C "C6'" . DM5 G 2 . ? -6.308  -5.632  6.624   1.00 21.78 ? 26  DM5 B "C6'" 1 
HETATM 567 C C1    . DM5 H 2 . ? 6.099   -1.708  -3.456  1.00 3.12  ? 27  DM5 D C1    1 
HETATM 568 C C2    . DM5 H 2 . ? 7.275   -1.220  -2.881  1.00 2.56  ? 27  DM5 D C2    1 
HETATM 569 C C3    . DM5 H 2 . ? 7.500   0.184   -2.705  1.00 2.44  ? 27  DM5 D C3    1 
HETATM 570 C C4    . DM5 H 2 . ? 6.481   1.147   -3.091  1.00 2.46  ? 27  DM5 D C4    1 
HETATM 571 C C5    . DM5 H 2 . ? 5.307   0.524   -3.704  1.00 2.72  ? 27  DM5 D C5    1 
HETATM 572 C C6    . DM5 H 2 . ? 4.293   1.444   -4.121  1.00 4.12  ? 27  DM5 D C6    1 
HETATM 573 O O6    . DM5 H 2 . ? 4.379   2.718   -3.974  1.00 6.92  ? 27  DM5 D O6    1 
HETATM 574 C C7    . DM5 H 2 . ? 3.075   0.910   -4.685  1.00 3.50  ? 27  DM5 D C7    1 
HETATM 575 C C8    . DM5 H 2 . ? 2.099   1.784   -5.121  1.00 3.69  ? 27  DM5 D C8    1 
HETATM 576 O O8    . DM5 H 2 . ? 2.291   3.111   -5.074  1.00 7.27  ? 27  DM5 D O8    1 
HETATM 577 C C9    . DM5 H 2 . ? 0.841   1.284   -5.555  1.00 5.64  ? 27  DM5 D C9    1 
HETATM 578 C C10   . DM5 H 2 . ? -0.231  2.300   -5.982  1.00 8.92  ? 27  DM5 D C10   1 
HETATM 579 O O10   . DM5 H 2 . ? 0.444   3.031   -7.035  1.00 12.61 ? 27  DM5 D O10   1 
HETATM 580 C C11   . DM5 H 2 . ? -1.492  1.563   -6.355  1.00 10.12 ? 27  DM5 D C11   1 
HETATM 581 C C12   . DM5 H 2 . ? -1.362  0.203   -7.083  1.00 8.83  ? 27  DM5 D C12   1 
HETATM 582 O O12   . DM5 H 2 . ? -0.689  0.269   -8.396  1.00 9.98  ? 27  DM5 D O12   1 
HETATM 583 C C13   . DM5 H 2 . ? -2.713  -0.436  -7.476  1.00 9.38  ? 27  DM5 D C13   1 
HETATM 584 O O13   . DM5 H 2 . ? -3.233  -1.033  -6.443  1.00 9.95  ? 27  DM5 D O13   1 
HETATM 585 C C14   . DM5 H 2 . ? -3.763  0.260   -8.374  1.00 10.01 ? 27  DM5 D C14   1 
HETATM 586 C C15   . DM5 H 2 . ? -0.600  -0.720  -6.105  1.00 6.39  ? 27  DM5 D C15   1 
HETATM 587 C C16   . DM5 H 2 . ? 0.624   -0.084  -5.642  1.00 4.98  ? 27  DM5 D C16   1 
HETATM 588 C C17   . DM5 H 2 . ? 1.729   -0.944  -5.386  1.00 3.79  ? 27  DM5 D C17   1 
HETATM 589 O O17   . DM5 H 2 . ? 1.424   -2.279  -5.303  1.00 5.62  ? 27  DM5 D O17   1 
HETATM 590 C C18   . DM5 H 2 . ? 2.912   -0.498  -4.842  1.00 2.97  ? 27  DM5 D C18   1 
HETATM 591 C C19   . DM5 H 2 . ? 3.950   -1.377  -4.385  1.00 4.44  ? 27  DM5 D C19   1 
HETATM 592 O O19   . DM5 H 2 . ? 3.833   -2.650  -4.542  1.00 5.24  ? 27  DM5 D O19   1 
HETATM 593 C C20   . DM5 H 2 . ? 5.116   -0.791  -3.862  1.00 3.11  ? 27  DM5 D C20   1 
HETATM 594 C "C1'" . DM5 H 2 . ? -0.043  4.178   -7.622  1.00 13.70 ? 27  DM5 D "C1'" 1 
HETATM 595 C "C2'" . DM5 H 2 . ? 1.132   4.926   -8.173  1.00 15.87 ? 27  DM5 D "C2'" 1 
HETATM 596 C "C3'" . DM5 H 2 . ? 1.534   4.409   -9.544  1.00 17.31 ? 27  DM5 D "C3'" 1 
HETATM 597 N "N3'" . DM5 H 2 . ? 2.635   5.180   -10.286 1.00 21.20 ? 27  DM5 D "N3'" 1 
HETATM 598 C "C4'" . DM5 H 2 . ? 0.272   4.560   -10.451 1.00 17.22 ? 27  DM5 D "C4'" 1 
HETATM 599 O "O4'" . DM5 H 2 . ? 0.014   5.805   -10.756 1.00 17.84 ? 27  DM5 D "O4'" 1 
HETATM 600 C "C5'" . DM5 H 2 . ? -0.839  3.673   -9.920  1.00 15.63 ? 27  DM5 D "C5'" 1 
HETATM 601 O "O5'" . DM5 H 2 . ? -1.160  4.056   -8.618  1.00 15.31 ? 27  DM5 D "O5'" 1 
HETATM 602 C "C6'" . DM5 H 2 . ? -2.037  3.540   -10.776 1.00 15.82 ? 27  DM5 D "C6'" 1 
HETATM 603 C C1    . DM5 I 2 . ? 4.032   -0.862  -22.546 1.00 5.02  ? 28  DM5 D C1    1 
HETATM 604 C C2    . DM5 I 2 . ? 2.772   -0.709  -23.032 1.00 4.99  ? 28  DM5 D C2    1 
HETATM 605 C C3    . DM5 I 2 . ? 2.127   0.573   -23.097 1.00 7.61  ? 28  DM5 D C3    1 
HETATM 606 C C4    . DM5 I 2 . ? 2.828   1.738   -22.617 1.00 5.46  ? 28  DM5 D C4    1 
HETATM 607 C C5    . DM5 I 2 . ? 4.147   1.489   -22.121 1.00 3.98  ? 28  DM5 D C5    1 
HETATM 608 C C6    . DM5 I 2 . ? 4.871   2.605   -21.610 1.00 3.01  ? 28  DM5 D C6    1 
HETATM 609 O O6    . DM5 I 2 . ? 4.361   3.779   -21.584 1.00 5.42  ? 28  DM5 D O6    1 
HETATM 610 C C7    . DM5 I 2 . ? 6.182   2.400   -21.085 1.00 3.45  ? 28  DM5 D C7    1 
HETATM 611 C C8    . DM5 I 2 . ? 6.922   3.520   -20.624 1.00 5.00  ? 28  DM5 D C8    1 
HETATM 612 O O8    . DM5 I 2 . ? 6.377   4.751   -20.689 1.00 9.09  ? 28  DM5 D O8    1 
HETATM 613 C C9    . DM5 I 2 . ? 8.230   3.369   -20.178 1.00 7.90  ? 28  DM5 D C9    1 
HETATM 614 C C10   . DM5 I 2 . ? 9.050   4.647   -19.929 1.00 11.39 ? 28  DM5 D C10   1 
HETATM 615 O O10   . DM5 I 2 . ? 8.305   5.215   -18.889 1.00 16.52 ? 28  DM5 D O10   1 
HETATM 616 C C11   . DM5 I 2 . ? 10.433  4.406   -19.523 1.00 12.49 ? 28  DM5 D C11   1 
HETATM 617 C C12   . DM5 I 2 . ? 10.732  3.116   -18.816 1.00 12.30 ? 28  DM5 D C12   1 
HETATM 618 O O12   . DM5 I 2 . ? 10.217  3.038   -17.453 1.00 15.32 ? 28  DM5 D O12   1 
HETATM 619 C C13   . DM5 I 2 . ? 12.213  2.891   -18.601 1.00 13.36 ? 28  DM5 D C13   1 
HETATM 620 O O13   . DM5 I 2 . ? 12.825  2.523   -19.721 1.00 16.30 ? 28  DM5 D O13   1 
HETATM 621 C C14   . DM5 I 2 . ? 13.095  3.769   -17.668 1.00 15.43 ? 28  DM5 D C14   1 
HETATM 622 C C15   . DM5 I 2 . ? 10.207  1.898   -19.748 1.00 8.91  ? 28  DM5 D C15   1 
HETATM 623 C C16   . DM5 I 2 . ? 8.838   2.133   -20.093 1.00 6.82  ? 28  DM5 D C16   1 
HETATM 624 C C17   . DM5 I 2 . ? 8.068   1.016   -20.563 1.00 3.84  ? 28  DM5 D C17   1 
HETATM 625 O O17   . DM5 I 2 . ? 8.661   -0.214  -20.538 1.00 3.05  ? 28  DM5 D O17   1 
HETATM 626 C C18   . DM5 I 2 . ? 6.804   1.077   -21.059 1.00 3.26  ? 28  DM5 D C18   1 
HETATM 627 C C19   . DM5 I 2 . ? 6.011   0.009   -21.560 1.00 3.21  ? 28  DM5 D C19   1 
HETATM 628 O O19   . DM5 I 2 . ? 6.479   -1.210  -21.575 1.00 5.59  ? 28  DM5 D O19   1 
HETATM 629 C C20   . DM5 I 2 . ? 4.725   0.256   -22.046 1.00 4.28  ? 28  DM5 D C20   1 
HETATM 630 C "C1'" . DM5 I 2 . ? 8.204   6.571   -18.572 1.00 18.08 ? 28  DM5 D "C1'" 1 
HETATM 631 C "C2'" . DM5 I 2 . ? 6.789   6.848   -18.005 1.00 19.08 ? 28  DM5 D "C2'" 1 
HETATM 632 C "C3'" . DM5 I 2 . ? 6.664   6.148   -16.598 1.00 21.38 ? 28  DM5 D "C3'" 1 
HETATM 633 N "N3'" . DM5 I 2 . ? 5.368   6.312   -15.890 1.00 21.21 ? 28  DM5 D "N3'" 1 
HETATM 634 C "C4'" . DM5 I 2 . ? 7.803   6.750   -15.774 1.00 21.46 ? 28  DM5 D "C4'" 1 
HETATM 635 O "O4'" . DM5 I 2 . ? 7.523   8.011   -15.357 1.00 23.34 ? 28  DM5 D "O4'" 1 
HETATM 636 C "C5'" . DM5 I 2 . ? 9.170   6.470   -16.302 1.00 20.94 ? 28  DM5 D "C5'" 1 
HETATM 637 O "O5'" . DM5 I 2 . ? 9.259   7.070   -17.617 1.00 20.72 ? 28  DM5 D "O5'" 1 
HETATM 638 C "C6'" . DM5 I 2 . ? 10.360  6.940   -15.556 1.00 21.58 ? 28  DM5 D "C6'" 1 
HETATM 639 O O     . HOH J 4 . ? -13.420 -10.334 12.382  1.00 31.51 ? 34  HOH A O     1 
HETATM 640 O O     . HOH J 4 . ? -10.426 -9.028  23.969  1.00 11.47 ? 38  HOH A O     1 
HETATM 641 O O     . HOH J 4 . ? -7.990  -12.100 15.465  1.00 24.51 ? 40  HOH A O     1 
HETATM 642 O O     . HOH J 4 . ? -2.866  -4.733  12.802  1.00 12.45 ? 44  HOH A O     1 
HETATM 643 O O     . HOH J 4 . ? -12.326 -9.072  10.088  1.00 31.25 ? 46  HOH A O     1 
HETATM 644 O O     . HOH J 4 . ? 1.138   5.100   8.260   1.00 34.56 ? 55  HOH A O     1 
HETATM 645 O O     . HOH J 4 . ? -7.363  3.584   13.298  1.00 13.07 ? 58  HOH A O     1 
HETATM 646 O O     . HOH J 4 . ? -4.860  -11.375 13.064  1.00 22.42 ? 74  HOH A O     1 
HETATM 647 O O     . HOH J 4 . ? -8.880  -9.914  7.953   1.00 42.41 ? 75  HOH A O     1 
HETATM 648 O O     . HOH J 4 . ? -11.964 -10.466 7.444   1.00 51.38 ? 77  HOH A O     1 
HETATM 649 O O     . HOH J 4 . ? -12.794 -11.487 4.806   1.00 40.95 ? 78  HOH A O     1 
HETATM 650 O O     . HOH J 4 . ? -6.053  -11.190 7.954   1.00 39.83 ? 79  HOH A O     1 
HETATM 651 O O     . HOH J 4 . ? -14.804 -8.391  9.473   1.00 15.86 ? 80  HOH A O     1 
HETATM 652 O O     . HOH J 4 . ? -7.415  6.628   -2.542  1.00 37.44 ? 92  HOH A O     1 
HETATM 653 O O     . HOH J 4 . ? -15.296 3.098   11.532  1.00 39.00 ? 95  HOH A O     1 
HETATM 654 O O     . HOH J 4 . ? -16.064 -3.949  10.341  1.00 24.89 ? 96  HOH A O     1 
HETATM 655 O O     . HOH J 4 . ? -10.512 -6.701  5.362   1.00 20.66 ? 97  HOH A O     1 
HETATM 656 O O     . HOH J 4 . ? -10.181 -4.118  2.686   1.00 49.08 ? 99  HOH A O     1 
HETATM 657 O O     . HOH J 4 . ? -3.346  -23.269 15.228  1.00 50.25 ? 100 HOH A O     1 
HETATM 658 O O     . HOH J 4 . ? -10.185 -10.212 3.937   1.00 37.44 ? 101 HOH A O     1 
HETATM 659 O O     . HOH J 4 . ? -9.353  -14.731 5.667   1.00 31.32 ? 103 HOH A O     1 
HETATM 660 O O     . HOH J 4 . ? -11.922 -13.876 3.470   1.00 30.22 ? 104 HOH A O     1 
HETATM 661 O O     . HOH J 4 . ? -13.778 -6.201  5.451   1.00 43.46 ? 106 HOH A O     1 
HETATM 662 O O     . HOH J 4 . ? -4.108  -19.250 15.967  1.00 33.75 ? 109 HOH A O     1 
HETATM 663 O O     . HOH J 4 . ? -4.914  -20.917 12.017  1.00 42.41 ? 114 HOH A O     1 
HETATM 664 O O     . HOH J 4 . ? -2.964  9.611   5.759   1.00 48.41 ? 115 HOH A O     1 
HETATM 665 O O     . HOH J 4 . ? -9.770  -12.475 11.931  1.00 40.28 ? 119 HOH A O     1 
HETATM 666 O O     . HOH J 4 . ? -9.108  5.179   8.614   1.00 23.18 ? 121 HOH A O     1 
HETATM 667 O O     . HOH J 4 . ? -3.489  -14.572 16.468  1.00 19.79 ? 122 HOH A O     1 
HETATM 668 O O     . HOH J 4 . ? -3.959  6.514   9.176   1.00 32.33 ? 125 HOH A O     1 
HETATM 669 O O     . HOH J 4 . ? -1.189  5.886   10.479  1.00 36.80 ? 126 HOH A O     1 
HETATM 670 O O     . HOH J 4 . ? -6.915  5.840   10.182  1.00 27.74 ? 127 HOH A O     1 
HETATM 671 O O     . HOH J 4 . ? -2.224  -10.871 14.626  1.00 42.82 ? 138 HOH A O     1 
HETATM 672 O O     . HOH J 4 . ? -6.395  11.496  1.189   1.00 32.76 ? 141 HOH A O     1 
HETATM 673 O O     . HOH J 4 . ? -14.750 -2.489  6.121   1.00 30.24 ? 143 HOH A O     1 
HETATM 674 O O     . HOH J 4 . ? -7.418  -15.246 8.834   1.00 51.07 ? 146 HOH A O     1 
HETATM 675 O O     . HOH J 4 . ? -14.063 -12.587 10.812  1.00 41.01 ? 147 HOH A O     1 
HETATM 676 O O     . HOH J 4 . ? -12.464 4.820   8.565   1.00 30.03 ? 148 HOH A O     1 
HETATM 677 O O     . HOH J 4 . ? -3.837  -23.664 10.070  1.00 34.74 ? 159 HOH A O     1 
HETATM 678 O O     . HOH J 4 . ? -1.988  -22.220 7.063   1.00 41.07 ? 160 HOH A O     1 
HETATM 679 O O     . HOH J 4 . ? -4.681  0.303   -0.661  1.00 20.13 ? 164 HOH A O     1 
HETATM 680 O O     . HOH J 4 . ? -8.156  -20.441 5.445   1.00 43.70 ? 165 HOH A O     1 
HETATM 681 O O     . HOH J 4 . ? -3.111  -11.513 10.632  1.00 43.32 ? 172 HOH A O     1 
HETATM 682 O O     . HOH J 4 . ? -1.169  -5.027  24.314  1.00 36.74 ? 175 HOH A O     1 
HETATM 683 O O     . HOH J 4 . ? -1.221  -19.384 16.487  1.00 27.64 ? 177 HOH A O     1 
HETATM 684 O O     . HOH J 4 . ? -4.750  9.426   9.915   1.00 47.15 ? 180 HOH A O     1 
HETATM 685 O O     . HOH J 4 . ? -6.737  -17.154 3.480   1.00 38.35 ? 187 HOH A O     1 
HETATM 686 O O     . HOH K 4 . ? 4.842   -0.041  11.636  1.00 3.45  ? 41  HOH B O     1 
HETATM 687 O O     . HOH K 4 . ? -9.077  9.200   25.357  1.00 36.39 ? 42  HOH B O     1 
HETATM 688 O O     . HOH K 4 . ? -0.979  -8.344  8.242   1.00 20.02 ? 43  HOH B O     1 
HETATM 689 O O     . HOH K 4 . ? -2.169  5.484   14.180  1.00 27.11 ? 56  HOH B O     1 
HETATM 690 O O     . HOH K 4 . ? -2.351  8.450   16.750  1.00 46.68 ? 57  HOH B O     1 
HETATM 691 O O     . HOH K 4 . ? -1.027  -11.587 2.320   1.00 17.22 ? 60  HOH B O     1 
HETATM 692 O O     . HOH K 4 . ? 2.372   -11.273 2.771   1.00 41.15 ? 61  HOH B O     1 
HETATM 693 O O     . HOH K 4 . ? -2.698  -10.786 4.561   1.00 43.61 ? 76  HOH B O     1 
HETATM 694 O O     . HOH K 4 . ? -3.741  -7.332  11.542  1.00 33.89 ? 82  HOH B O     1 
HETATM 695 O O     . HOH K 4 . ? 1.526   -10.732 -0.203  1.00 31.84 ? 83  HOH B O     1 
HETATM 696 O O     . HOH K 4 . ? -8.945  -2.834  -1.157  1.00 42.30 ? 84  HOH B O     1 
HETATM 697 O O     . HOH K 4 . ? 0.835   -10.055 14.842  1.00 29.80 ? 88  HOH B O     1 
HETATM 698 O O     . HOH K 4 . ? 6.107   -8.954  13.239  1.00 32.39 ? 89  HOH B O     1 
HETATM 699 O O     . HOH K 4 . ? 1.906   -9.583  10.450  1.00 31.92 ? 90  HOH B O     1 
HETATM 700 O O     . HOH K 4 . ? 5.356   -2.085  20.130  1.00 21.54 ? 91  HOH B O     1 
HETATM 701 O O     . HOH K 4 . ? 0.500   -11.125 5.584   1.00 43.18 ? 94  HOH B O     1 
HETATM 702 O O     . HOH K 4 . ? -3.344  1.298   24.803  1.00 21.22 ? 98  HOH B O     1 
HETATM 703 O O     . HOH K 4 . ? -9.164  -8.628  -0.900  1.00 36.14 ? 102 HOH B O     1 
HETATM 704 O O     . HOH K 4 . ? 0.296   10.641  30.125  1.00 18.48 ? 107 HOH B O     1 
HETATM 705 O O     . HOH K 4 . ? -4.224  10.631  30.314  1.00 27.02 ? 108 HOH B O     1 
HETATM 706 O O     . HOH K 4 . ? -1.596  -15.824 4.147   1.00 22.17 ? 116 HOH B O     1 
HETATM 707 O O     . HOH K 4 . ? -2.252  10.931  12.112  1.00 17.79 ? 120 HOH B O     1 
HETATM 708 O O     . HOH K 4 . ? -2.595  6.293   27.029  1.00 43.64 ? 123 HOH B O     1 
HETATM 709 O O     . HOH K 4 . ? -0.168  4.184   25.477  1.00 32.88 ? 124 HOH B O     1 
HETATM 710 O O     . HOH K 4 . ? -12.707 1.063   22.560  1.00 22.39 ? 128 HOH B O     1 
HETATM 711 O O     . HOH K 4 . ? -3.647  -5.545  0.451   1.00 45.71 ? 136 HOH B O     1 
HETATM 712 O O     . HOH K 4 . ? 2.803   -9.131  17.063  1.00 29.66 ? 139 HOH B O     1 
HETATM 713 O O     . HOH K 4 . ? -4.066  11.275  22.526  1.00 41.12 ? 140 HOH B O     1 
HETATM 714 O O     . HOH K 4 . ? 1.436   10.143  22.696  1.00 18.55 ? 142 HOH B O     1 
HETATM 715 O O     . HOH K 4 . ? -4.247  -10.725 2.038   1.00 39.06 ? 152 HOH B O     1 
HETATM 716 O O     . HOH K 4 . ? -3.429  11.340  26.832  1.00 37.90 ? 161 HOH B O     1 
HETATM 717 O O     . HOH K 4 . ? 2.354   6.292   22.919  1.00 35.98 ? 163 HOH B O     1 
HETATM 718 O O     . HOH K 4 . ? 0.164   6.400   14.616  1.00 47.27 ? 167 HOH B O     1 
HETATM 719 O O     . HOH K 4 . ? -5.645  -13.268 -0.396  1.00 38.45 ? 170 HOH B O     1 
HETATM 720 O O     . HOH K 4 . ? -1.760  15.173  34.351  1.00 30.23 ? 178 HOH B O     1 
HETATM 721 O O     . HOH K 4 . ? 6.091   -6.528  17.326  1.00 37.65 ? 184 HOH B O     1 
HETATM 722 O O     . HOH K 4 . ? 3.783   -5.263  18.951  1.00 38.76 ? 185 HOH B O     1 
HETATM 723 O O     . HOH K 4 . ? -2.947  7.639   12.501  1.00 49.10 ? 186 HOH B O     1 
HETATM 724 O O     . HOH L 4 . ? -3.972  4.524   -4.543  1.00 29.31 ? 30  HOH C O     1 
HETATM 725 O O     . HOH L 4 . ? 15.623  7.732   -11.702 1.00 28.49 ? 37  HOH C O     1 
HETATM 726 O O     . HOH L 4 . ? 11.685  9.167   -7.573  1.00 17.95 ? 39  HOH C O     1 
HETATM 727 O O     . HOH L 4 . ? 4.072   4.518   -0.825  1.00 10.32 ? 47  HOH C O     1 
HETATM 728 O O     . HOH L 4 . ? 13.665  4.014   -6.419  1.00 49.48 ? 48  HOH C O     1 
HETATM 729 O O     . HOH L 4 . ? 14.566  8.704   -7.002  1.00 17.63 ? 49  HOH C O     1 
HETATM 730 O O     . HOH L 4 . ? 16.755  8.134   -5.576  1.00 42.38 ? 50  HOH C O     1 
HETATM 731 O O     . HOH L 4 . ? 4.032   -3.870  -18.625 1.00 13.90 ? 54  HOH C O     1 
HETATM 732 O O     . HOH L 4 . ? 9.471   -2.917  -12.904 1.00 39.47 ? 64  HOH C O     1 
HETATM 733 O O     . HOH L 4 . ? 12.089  -2.329  -9.969  1.00 48.02 ? 65  HOH C O     1 
HETATM 734 O O     . HOH L 4 . ? 12.951  -3.920  -12.270 1.00 29.45 ? 66  HOH C O     1 
HETATM 735 O O     . HOH L 4 . ? 17.197  3.051   -10.471 1.00 7.77  ? 67  HOH C O     1 
HETATM 736 O O     . HOH L 4 . ? 13.466  0.277   -9.832  1.00 33.74 ? 68  HOH C O     1 
HETATM 737 O O     . HOH L 4 . ? 6.537   18.036  -14.102 1.00 43.42 ? 110 HOH C O     1 
HETATM 738 O O     . HOH L 4 . ? 19.990  12.948  -12.968 1.00 32.67 ? 112 HOH C O     1 
HETATM 739 O O     . HOH L 4 . ? 18.877  7.863   -3.473  1.00 29.81 ? 117 HOH C O     1 
HETATM 740 O O     . HOH L 4 . ? 18.218  8.723   -14.647 1.00 38.75 ? 118 HOH C O     1 
HETATM 741 O O     . HOH L 4 . ? 8.284   -5.382  -14.422 1.00 40.05 ? 130 HOH C O     1 
HETATM 742 O O     . HOH L 4 . ? -4.952  9.553   -6.667  1.00 48.08 ? 131 HOH C O     1 
HETATM 743 O O     . HOH L 4 . ? -6.216  5.751   -6.038  1.00 35.76 ? 132 HOH C O     1 
HETATM 744 O O     . HOH L 4 . ? -7.765  3.470   -8.695  1.00 15.63 ? 133 HOH C O     1 
HETATM 745 O O     . HOH L 4 . ? 4.725   -2.073  -26.605 1.00 38.47 ? 135 HOH C O     1 
HETATM 746 O O     . HOH L 4 . ? 10.732  12.593  -8.548  1.00 34.57 ? 145 HOH C O     1 
HETATM 747 O O     . HOH L 4 . ? 7.390   -4.051  -21.735 1.00 37.25 ? 154 HOH C O     1 
HETATM 748 O O     . HOH L 4 . ? 10.488  -7.657  -13.487 1.00 45.30 ? 155 HOH C O     1 
HETATM 749 O O     . HOH L 4 . ? 3.963   -9.169  -15.724 1.00 34.12 ? 156 HOH C O     1 
HETATM 750 O O     . HOH L 4 . ? 7.164   -6.267  -17.787 1.00 36.82 ? 157 HOH C O     1 
HETATM 751 O O     . HOH L 4 . ? 17.605  -0.482  -13.018 1.00 17.91 ? 166 HOH C O     1 
HETATM 752 O O     . HOH L 4 . ? 14.625  12.530  -11.667 1.00 53.07 ? 168 HOH C O     1 
HETATM 753 O O     . HOH L 4 . ? 11.660  10.740  -13.597 1.00 37.52 ? 169 HOH C O     1 
HETATM 754 O O     . HOH L 4 . ? -0.821  11.527  -7.333  1.00 42.02 ? 171 HOH C O     1 
HETATM 755 O O     . HOH L 4 . ? 15.627  -2.554  -23.473 1.00 28.68 ? 174 HOH C O     1 
HETATM 756 O O     . HOH L 4 . ? 11.618  -7.747  -26.008 1.00 43.33 ? 181 HOH C O     1 
HETATM 757 O O     . HOH L 4 . ? 7.275   -8.154  -15.741 1.00 35.52 ? 182 HOH C O     1 
HETATM 758 O O     . HOH L 4 . ? 11.846  -5.119  -16.583 1.00 34.14 ? 183 HOH C O     1 
HETATM 759 O O     . HOH L 4 . ? 13.897  15.997  -13.545 1.00 41.57 ? 188 HOH C O     1 
HETATM 760 O O     . HOH L 4 . ? 20.050  6.804   -12.148 1.00 34.30 ? 189 HOH C O     1 
HETATM 761 O O     . HOH M 4 . ? -3.326  -3.054  -3.077  1.00 14.69 ? 31  HOH D O     1 
HETATM 762 O O     . HOH M 4 . ? -1.120  0.603   -17.779 1.00 47.75 ? 32  HOH D O     1 
HETATM 763 O O     . HOH M 4 . ? 5.276   -5.306  -4.903  1.00 17.15 ? 33  HOH D O     1 
HETATM 764 O O     . HOH M 4 . ? 2.032   6.690   -13.342 1.00 33.58 ? 35  HOH D O     1 
HETATM 765 O O     . HOH M 4 . ? 4.741   8.510   -12.447 1.00 48.20 ? 36  HOH D O     1 
HETATM 766 O O     . HOH M 4 . ? 2.471   5.761   -25.076 1.00 14.89 ? 45  HOH D O     1 
HETATM 767 O O     . HOH M 4 . ? -2.514  7.729   -8.722  1.00 18.88 ? 51  HOH D O     1 
HETATM 768 O O     . HOH M 4 . ? -4.650  9.833   -16.710 1.00 54.02 ? 52  HOH D O     1 
HETATM 769 O O     . HOH M 4 . ? -0.955  -12.823 -7.267  1.00 37.66 ? 53  HOH D O     1 
HETATM 770 O O     . HOH M 4 . ? -7.008  2.161   -5.850  1.00 18.52 ? 59  HOH D O     1 
HETATM 771 O O     . HOH M 4 . ? 3.626   16.587  -14.498 1.00 30.31 ? 62  HOH D O     1 
HETATM 772 O O     . HOH M 4 . ? 1.120   13.325  -14.537 1.00 51.27 ? 63  HOH D O     1 
HETATM 773 O O     . HOH M 4 . ? -6.997  -8.352  -8.199  1.00 42.28 ? 69  HOH D O     1 
HETATM 774 O O     . HOH M 4 . ? -5.407  -6.150  -4.389  1.00 31.87 ? 70  HOH D O     1 
HETATM 775 O O     . HOH M 4 . ? -7.061  -2.244  -8.688  1.00 44.31 ? 71  HOH D O     1 
HETATM 776 O O     . HOH M 4 . ? -10.355 2.381   -18.167 1.00 37.10 ? 72  HOH D O     1 
HETATM 777 O O     . HOH M 4 . ? 2.893   -8.746  -6.766  1.00 30.86 ? 73  HOH D O     1 
HETATM 778 O O     . HOH M 4 . ? 6.689   4.096   -2.664  1.00 20.54 ? 81  HOH D O     1 
HETATM 779 O O     . HOH M 4 . ? -4.174  8.336   -20.165 1.00 27.21 ? 85  HOH D O     1 
HETATM 780 O O     . HOH M 4 . ? -4.051  1.457   -19.394 1.00 44.68 ? 86  HOH D O     1 
HETATM 781 O O     . HOH M 4 . ? 6.732   -4.433  -9.747  1.00 11.60 ? 87  HOH D O     1 
HETATM 782 O O     . HOH M 4 . ? 4.099   16.148  -19.201 1.00 44.52 ? 93  HOH D O     1 
HETATM 783 O O     . HOH M 4 . ? -2.105  15.964  -11.572 1.00 32.47 ? 105 HOH D O     1 
HETATM 784 O O     . HOH M 4 . ? -2.497  10.506  -14.368 1.00 21.38 ? 111 HOH D O     1 
HETATM 785 O O     . HOH M 4 . ? -9.004  -4.570  -7.332  1.00 39.16 ? 113 HOH D O     1 
HETATM 786 O O     . HOH M 4 . ? 4.220   -5.994  -13.131 1.00 39.77 ? 129 HOH D O     1 
HETATM 787 O O     . HOH M 4 . ? 5.932   12.474  -18.855 1.00 34.77 ? 134 HOH D O     1 
HETATM 788 O O     . HOH M 4 . ? -3.198  -8.508  -14.720 1.00 43.71 ? 137 HOH D O     1 
HETATM 789 O O     . HOH M 4 . ? 12.573  7.430   -21.000 1.00 32.99 ? 144 HOH D O     1 
HETATM 790 O O     . HOH M 4 . ? -9.547  1.445   -3.337  1.00 49.41 ? 149 HOH D O     1 
HETATM 791 O O     . HOH M 4 . ? -7.884  -1.802  -3.875  1.00 44.54 ? 150 HOH D O     1 
HETATM 792 O O     . HOH M 4 . ? -1.136  10.088  -11.885 1.00 29.89 ? 151 HOH D O     1 
HETATM 793 O O     . HOH M 4 . ? 2.895   12.971  -17.961 1.00 45.49 ? 153 HOH D O     1 
HETATM 794 O O     . HOH M 4 . ? -1.678  -9.299  -10.118 1.00 36.44 ? 158 HOH D O     1 
HETATM 795 O O     . HOH M 4 . ? 16.301  6.665   -19.673 1.00 41.33 ? 162 HOH D O     1 
HETATM 796 O O     . HOH M 4 . ? -7.732  2.233   -16.979 1.00 32.98 ? 173 HOH D O     1 
HETATM 797 O O     . HOH M 4 . ? -6.440  15.355  -17.934 1.00 50.39 ? 176 HOH D O     1 
HETATM 798 O O     . HOH M 4 . ? 13.861  9.873   -17.602 1.00 28.28 ? 179 HOH D O     1 
# 
